data_1KTH
# 
_entry.id   1KTH 
# 
_audit_conform.dict_name       mmcif_pdbx.dic 
_audit_conform.dict_version    5.397 
_audit_conform.dict_location   http://mmcif.pdb.org/dictionaries/ascii/mmcif_pdbx.dic 
# 
loop_
_database_2.database_id 
_database_2.database_code 
_database_2.pdbx_database_accession 
_database_2.pdbx_DOI 
PDB   1KTH         pdb_00001kth 10.2210/pdb1kth/pdb 
RCSB  RCSB015326   ?            ?                   
WWPDB D_1000015326 ?            ?                   
# 
loop_
_pdbx_audit_revision_history.ordinal 
_pdbx_audit_revision_history.data_content_type 
_pdbx_audit_revision_history.major_revision 
_pdbx_audit_revision_history.minor_revision 
_pdbx_audit_revision_history.revision_date 
1 'Structure model' 1 0 2002-02-06 
2 'Structure model' 1 1 2008-04-27 
3 'Structure model' 1 2 2011-07-13 
4 'Structure model' 1 3 2018-01-24 
5 'Structure model' 1 4 2023-08-16 
6 'Structure model' 1 5 2024-10-30 
# 
_pdbx_audit_revision_details.ordinal             1 
_pdbx_audit_revision_details.revision_ordinal    1 
_pdbx_audit_revision_details.data_content_type   'Structure model' 
_pdbx_audit_revision_details.provider            repository 
_pdbx_audit_revision_details.type                'Initial release' 
_pdbx_audit_revision_details.description         ? 
_pdbx_audit_revision_details.details             ? 
# 
loop_
_pdbx_audit_revision_group.ordinal 
_pdbx_audit_revision_group.revision_ordinal 
_pdbx_audit_revision_group.data_content_type 
_pdbx_audit_revision_group.group 
1 2 'Structure model' 'Version format compliance' 
2 3 'Structure model' 'Version format compliance' 
3 4 'Structure model' 'Database references'       
4 5 'Structure model' 'Data collection'           
5 5 'Structure model' 'Database references'       
6 5 'Structure model' 'Derived calculations'      
7 5 'Structure model' 'Refinement description'    
8 6 'Structure model' 'Structure summary'         
# 
loop_
_pdbx_audit_revision_category.ordinal 
_pdbx_audit_revision_category.revision_ordinal 
_pdbx_audit_revision_category.data_content_type 
_pdbx_audit_revision_category.category 
1 4 'Structure model' citation_author               
2 5 'Structure model' chem_comp_atom                
3 5 'Structure model' chem_comp_bond                
4 5 'Structure model' database_2                    
5 5 'Structure model' diffrn_source                 
6 5 'Structure model' pdbx_initial_refinement_model 
7 5 'Structure model' struct_site                   
8 6 'Structure model' pdbx_entry_details            
9 6 'Structure model' pdbx_modification_feature     
# 
loop_
_pdbx_audit_revision_item.ordinal 
_pdbx_audit_revision_item.revision_ordinal 
_pdbx_audit_revision_item.data_content_type 
_pdbx_audit_revision_item.item 
1 4 'Structure model' '_citation_author.name'                
2 5 'Structure model' '_database_2.pdbx_DOI'                 
3 5 'Structure model' '_database_2.pdbx_database_accession'  
4 5 'Structure model' '_diffrn_source.pdbx_synchrotron_site' 
5 5 'Structure model' '_struct_site.pdbx_auth_asym_id'       
6 5 'Structure model' '_struct_site.pdbx_auth_comp_id'       
7 5 'Structure model' '_struct_site.pdbx_auth_seq_id'        
# 
_pdbx_database_status.status_code                     REL 
_pdbx_database_status.entry_id                        1KTH 
_pdbx_database_status.recvd_initial_deposition_date   2002-01-16 
_pdbx_database_status.deposit_site                    RCSB 
_pdbx_database_status.process_site                    RCSB 
_pdbx_database_status.status_code_sf                  REL 
_pdbx_database_status.SG_entry                        . 
_pdbx_database_status.pdb_format_compatible           Y 
_pdbx_database_status.status_code_mr                  ? 
_pdbx_database_status.status_code_cs                  ? 
_pdbx_database_status.methods_development_category    ? 
_pdbx_database_status.status_code_nmr_data            ? 
# 
_pdbx_database_related.db_name        PDB 
_pdbx_database_related.db_id          2KNT 
_pdbx_database_related.details        '2knt is The 1.2 Angstrom Structure Of Kunitz Type Domain C5.' 
_pdbx_database_related.content_type   unspecified 
# 
loop_
_audit_author.name 
_audit_author.pdbx_ordinal 
'Arnoux, B.'  1 
'Ducruix, A.' 2 
'Prange, T.'  3 
# 
loop_
_citation.id 
_citation.title 
_citation.journal_abbrev 
_citation.journal_volume 
_citation.page_first 
_citation.page_last 
_citation.year 
_citation.journal_id_ASTM 
_citation.country 
_citation.journal_id_ISSN 
_citation.journal_id_CSD 
_citation.book_publisher 
_citation.pdbx_database_id_PubMed 
_citation.pdbx_database_id_DOI 
primary 
;Anisotropic behaviour of the C-terminal Kunitz-type domain of the alpha3 chain of human type VI collagen at atomic resolution (0.9 A).
;
'Acta Crystallogr.,Sect.D' 58  1252 1254 2002 ABCRE6 DK 0907-4449 0766 ? 12077460 10.1107/S0907444902007333 
1       'The 1.6 A structure of Kunitz-Type domain from the alpha 3 chain of human type VI collagen.' J.Mol.Biol.                
246 609  617  1995 JMOBAK UK 0022-2836 0070 ? ?        10.1006/jmbi.1994.0112    
2       '1.2 A Refinement of the Kunitz Type Domain from the alpha3 Chain of Human Type VI Collagen.' 'Acta Crystallogr.,Sect.D' 
54  306  312  1998 ABCRE6 DK 0907-4449 0766 ? ?        10.1107/S0907444997010846 
# 
loop_
_citation_author.citation_id 
_citation_author.name 
_citation_author.ordinal 
_citation_author.identifier_ORCID 
primary 'Arnoux, B.'    1  ? 
primary 'Ducruix, A.'   2  ? 
primary 'Prange, T.'    3  ? 
1       'Arnoux, B.'    4  ? 
1       'Merigeau, K.'  5  ? 
1       'Saludjian, P.' 6  ? 
1       'Norris, F.'    7  ? 
1       'Norris, K.'    8  ? 
1       'Bjorn, S.'     9  ? 
1       'Olsen, O.'     10 ? 
1       'Petersen, L.'  11 ? 
1       'Ducruix, A.'   12 ? 
2       'Merigeau, K.'  13 ? 
2       'Arnoux, B.'    14 ? 
2       'Perahia, D.'   15 ? 
2       'Norris, K.'    16 ? 
2       'Norris, F.'    17 ? 
2       'Ducruix, A.'   18 ? 
# 
loop_
_entity.id 
_entity.type 
_entity.src_method 
_entity.pdbx_description 
_entity.formula_weight 
_entity.pdbx_number_of_molecules 
_entity.pdbx_ec 
_entity.pdbx_mutation 
_entity.pdbx_fragment 
_entity.details 
1 polymer     man 'Collagen alpha 3(VI) chain' 6639.508 1  ? ? 'Kunitz-type Domain C5, C-Terminus' ? 
2 non-polymer syn 'PHOSPHATE ION'              94.971   2  ? ? ?                                   ? 
3 water       nat water                        18.015   86 ? ? ?                                   ? 
# 
_entity_poly.entity_id                      1 
_entity_poly.type                           'polypeptide(L)' 
_entity_poly.nstd_linkage                   no 
_entity_poly.nstd_monomer                   no 
_entity_poly.pdbx_seq_one_letter_code       ETDICKLPKDEGTCRDFILKWYYDPNTKSCARFWYGGCGGNENKFGSQKECEKVCAPV 
_entity_poly.pdbx_seq_one_letter_code_can   ETDICKLPKDEGTCRDFILKWYYDPNTKSCARFWYGGCGGNENKFGSQKECEKVCAPV 
_entity_poly.pdbx_strand_id                 A 
_entity_poly.pdbx_target_identifier         ? 
# 
loop_
_pdbx_entity_nonpoly.entity_id 
_pdbx_entity_nonpoly.name 
_pdbx_entity_nonpoly.comp_id 
2 'PHOSPHATE ION' PO4 
3 water           HOH 
# 
loop_
_entity_poly_seq.entity_id 
_entity_poly_seq.num 
_entity_poly_seq.mon_id 
_entity_poly_seq.hetero 
1 1  GLU n 
1 2  THR n 
1 3  ASP n 
1 4  ILE n 
1 5  CYS n 
1 6  LYS n 
1 7  LEU n 
1 8  PRO n 
1 9  LYS n 
1 10 ASP n 
1 11 GLU n 
1 12 GLY n 
1 13 THR n 
1 14 CYS n 
1 15 ARG n 
1 16 ASP n 
1 17 PHE n 
1 18 ILE n 
1 19 LEU n 
1 20 LYS n 
1 21 TRP n 
1 22 TYR n 
1 23 TYR n 
1 24 ASP n 
1 25 PRO n 
1 26 ASN n 
1 27 THR n 
1 28 LYS n 
1 29 SER n 
1 30 CYS n 
1 31 ALA n 
1 32 ARG n 
1 33 PHE n 
1 34 TRP n 
1 35 TYR n 
1 36 GLY n 
1 37 GLY n 
1 38 CYS n 
1 39 GLY n 
1 40 GLY n 
1 41 ASN n 
1 42 GLU n 
1 43 ASN n 
1 44 LYS n 
1 45 PHE n 
1 46 GLY n 
1 47 SER n 
1 48 GLN n 
1 49 LYS n 
1 50 GLU n 
1 51 CYS n 
1 52 GLU n 
1 53 LYS n 
1 54 VAL n 
1 55 CYS n 
1 56 ALA n 
1 57 PRO n 
1 58 VAL n 
# 
_entity_src_gen.entity_id                          1 
_entity_src_gen.pdbx_src_id                        1 
_entity_src_gen.pdbx_alt_source_flag               sample 
_entity_src_gen.pdbx_seq_type                      ? 
_entity_src_gen.pdbx_beg_seq_num                   ? 
_entity_src_gen.pdbx_end_seq_num                   ? 
_entity_src_gen.gene_src_common_name               human 
_entity_src_gen.gene_src_genus                     Homo 
_entity_src_gen.pdbx_gene_src_gene                 ? 
_entity_src_gen.gene_src_species                   ? 
_entity_src_gen.gene_src_strain                    ? 
_entity_src_gen.gene_src_tissue                    ? 
_entity_src_gen.gene_src_tissue_fraction           ? 
_entity_src_gen.gene_src_details                   ? 
_entity_src_gen.pdbx_gene_src_fragment             ? 
_entity_src_gen.pdbx_gene_src_scientific_name      'Homo sapiens' 
_entity_src_gen.pdbx_gene_src_ncbi_taxonomy_id     9606 
_entity_src_gen.pdbx_gene_src_variant              ? 
_entity_src_gen.pdbx_gene_src_cell_line            ? 
_entity_src_gen.pdbx_gene_src_atcc                 ? 
_entity_src_gen.pdbx_gene_src_organ                ? 
_entity_src_gen.pdbx_gene_src_organelle            ? 
_entity_src_gen.pdbx_gene_src_cell                 ? 
_entity_src_gen.pdbx_gene_src_cellular_location    ? 
_entity_src_gen.host_org_common_name               
;baker's yeast
;
_entity_src_gen.pdbx_host_org_scientific_name      'Saccharomyces cerevisiae' 
_entity_src_gen.pdbx_host_org_ncbi_taxonomy_id     4932 
_entity_src_gen.host_org_genus                     Saccharomyces 
_entity_src_gen.pdbx_host_org_gene                 ? 
_entity_src_gen.pdbx_host_org_organ                ? 
_entity_src_gen.host_org_species                   ? 
_entity_src_gen.pdbx_host_org_tissue               ? 
_entity_src_gen.pdbx_host_org_tissue_fraction      ? 
_entity_src_gen.pdbx_host_org_strain               mt-663 
_entity_src_gen.pdbx_host_org_variant              ? 
_entity_src_gen.pdbx_host_org_cell_line            ? 
_entity_src_gen.pdbx_host_org_atcc                 ? 
_entity_src_gen.pdbx_host_org_culture_collection   ? 
_entity_src_gen.pdbx_host_org_cell                 ? 
_entity_src_gen.pdbx_host_org_organelle            ? 
_entity_src_gen.pdbx_host_org_cellular_location    ? 
_entity_src_gen.pdbx_host_org_vector_type          ? 
_entity_src_gen.pdbx_host_org_vector               ? 
_entity_src_gen.host_org_details                   ? 
_entity_src_gen.expression_system_id               ? 
_entity_src_gen.plasmid_name                       ? 
_entity_src_gen.plasmid_details                    ? 
_entity_src_gen.pdbx_description                   ? 
# 
loop_
_chem_comp.id 
_chem_comp.type 
_chem_comp.mon_nstd_flag 
_chem_comp.name 
_chem_comp.pdbx_synonyms 
_chem_comp.formula 
_chem_comp.formula_weight 
ALA 'L-peptide linking' y ALANINE         ? 'C3 H7 N O2'     89.093  
ARG 'L-peptide linking' y ARGININE        ? 'C6 H15 N4 O2 1' 175.209 
ASN 'L-peptide linking' y ASPARAGINE      ? 'C4 H8 N2 O3'    132.118 
ASP 'L-peptide linking' y 'ASPARTIC ACID' ? 'C4 H7 N O4'     133.103 
CYS 'L-peptide linking' y CYSTEINE        ? 'C3 H7 N O2 S'   121.158 
GLN 'L-peptide linking' y GLUTAMINE       ? 'C5 H10 N2 O3'   146.144 
GLU 'L-peptide linking' y 'GLUTAMIC ACID' ? 'C5 H9 N O4'     147.129 
GLY 'peptide linking'   y GLYCINE         ? 'C2 H5 N O2'     75.067  
HOH non-polymer         . WATER           ? 'H2 O'           18.015  
ILE 'L-peptide linking' y ISOLEUCINE      ? 'C6 H13 N O2'    131.173 
LEU 'L-peptide linking' y LEUCINE         ? 'C6 H13 N O2'    131.173 
LYS 'L-peptide linking' y LYSINE          ? 'C6 H15 N2 O2 1' 147.195 
PHE 'L-peptide linking' y PHENYLALANINE   ? 'C9 H11 N O2'    165.189 
PO4 non-polymer         . 'PHOSPHATE ION' ? 'O4 P -3'        94.971  
PRO 'L-peptide linking' y PROLINE         ? 'C5 H9 N O2'     115.130 
SER 'L-peptide linking' y SERINE          ? 'C3 H7 N O3'     105.093 
THR 'L-peptide linking' y THREONINE       ? 'C4 H9 N O3'     119.119 
TRP 'L-peptide linking' y TRYPTOPHAN      ? 'C11 H12 N2 O2'  204.225 
TYR 'L-peptide linking' y TYROSINE        ? 'C9 H11 N O3'    181.189 
VAL 'L-peptide linking' y VALINE          ? 'C5 H11 N O2'    117.146 
# 
loop_
_pdbx_poly_seq_scheme.asym_id 
_pdbx_poly_seq_scheme.entity_id 
_pdbx_poly_seq_scheme.seq_id 
_pdbx_poly_seq_scheme.mon_id 
_pdbx_poly_seq_scheme.ndb_seq_num 
_pdbx_poly_seq_scheme.pdb_seq_num 
_pdbx_poly_seq_scheme.auth_seq_num 
_pdbx_poly_seq_scheme.pdb_mon_id 
_pdbx_poly_seq_scheme.auth_mon_id 
_pdbx_poly_seq_scheme.pdb_strand_id 
_pdbx_poly_seq_scheme.pdb_ins_code 
_pdbx_poly_seq_scheme.hetero 
A 1 1  GLU 1  1  1  GLU GLU A . n 
A 1 2  THR 2  2  2  THR THR A . n 
A 1 3  ASP 3  3  3  ASP ASP A . n 
A 1 4  ILE 4  4  4  ILE ILE A . n 
A 1 5  CYS 5  5  5  CYS CYS A . n 
A 1 6  LYS 6  6  6  LYS LYS A . n 
A 1 7  LEU 7  7  7  LEU LEU A . n 
A 1 8  PRO 8  8  8  PRO PRO A . n 
A 1 9  LYS 9  9  9  LYS LYS A . n 
A 1 10 ASP 10 10 10 ASP ASP A . n 
A 1 11 GLU 11 11 11 GLU GLU A . n 
A 1 12 GLY 12 12 12 GLY GLY A . n 
A 1 13 THR 13 13 13 THR THR A . n 
A 1 14 CYS 14 14 14 CYS CYS A . n 
A 1 15 ARG 15 15 15 ARG ARG A . n 
A 1 16 ASP 16 16 16 ASP ASP A . n 
A 1 17 PHE 17 17 17 PHE PHE A . n 
A 1 18 ILE 18 18 18 ILE ILE A . n 
A 1 19 LEU 19 19 19 LEU LEU A . n 
A 1 20 LYS 20 20 20 LYS LYS A . n 
A 1 21 TRP 21 21 21 TRP TRP A . n 
A 1 22 TYR 22 22 22 TYR TYR A . n 
A 1 23 TYR 23 23 23 TYR TYR A . n 
A 1 24 ASP 24 24 24 ASP ASP A . n 
A 1 25 PRO 25 25 25 PRO PRO A . n 
A 1 26 ASN 26 26 26 ASN ASN A . n 
A 1 27 THR 27 27 27 THR THR A . n 
A 1 28 LYS 28 28 28 LYS LYS A . n 
A 1 29 SER 29 29 29 SER SER A . n 
A 1 30 CYS 30 30 30 CYS CYS A . n 
A 1 31 ALA 31 31 31 ALA ALA A . n 
A 1 32 ARG 32 32 32 ARG ARG A . n 
A 1 33 PHE 33 33 33 PHE PHE A . n 
A 1 34 TRP 34 34 34 TRP TRP A . n 
A 1 35 TYR 35 35 35 TYR TYR A . n 
A 1 36 GLY 36 36 36 GLY GLY A . n 
A 1 37 GLY 37 37 37 GLY GLY A . n 
A 1 38 CYS 38 38 38 CYS CYS A . n 
A 1 39 GLY 39 39 39 GLY GLY A . n 
A 1 40 GLY 40 40 40 GLY GLY A . n 
A 1 41 ASN 41 41 41 ASN ASN A . n 
A 1 42 GLU 42 42 42 GLU GLU A . n 
A 1 43 ASN 43 43 43 ASN ASN A . n 
A 1 44 LYS 44 44 44 LYS LYS A . n 
A 1 45 PHE 45 45 45 PHE PHE A . n 
A 1 46 GLY 46 46 46 GLY GLY A . n 
A 1 47 SER 47 47 47 SER SER A . n 
A 1 48 GLN 48 48 48 GLN GLN A . n 
A 1 49 LYS 49 49 49 LYS LYS A . n 
A 1 50 GLU 50 50 50 GLU GLU A . n 
A 1 51 CYS 51 51 51 CYS CYS A . n 
A 1 52 GLU 52 52 52 GLU GLU A . n 
A 1 53 LYS 53 53 53 LYS LYS A . n 
A 1 54 VAL 54 54 54 VAL VAL A . n 
A 1 55 CYS 55 55 55 CYS CYS A . n 
A 1 56 ALA 56 56 56 ALA ALA A . n 
A 1 57 PRO 57 57 57 PRO PRO A . n 
A 1 58 VAL 58 58 58 VAL VAL A . n 
# 
loop_
_pdbx_nonpoly_scheme.asym_id 
_pdbx_nonpoly_scheme.entity_id 
_pdbx_nonpoly_scheme.mon_id 
_pdbx_nonpoly_scheme.ndb_seq_num 
_pdbx_nonpoly_scheme.pdb_seq_num 
_pdbx_nonpoly_scheme.auth_seq_num 
_pdbx_nonpoly_scheme.pdb_mon_id 
_pdbx_nonpoly_scheme.auth_mon_id 
_pdbx_nonpoly_scheme.pdb_strand_id 
_pdbx_nonpoly_scheme.pdb_ins_code 
B 2 PO4 1  61  61  PO4 PO4 A . 
C 2 PO4 1  62  62  PO4 PO4 A . 
D 3 HOH 1  101 101 HOH HOH A . 
D 3 HOH 2  102 102 HOH HOH A . 
D 3 HOH 3  103 103 HOH HOH A . 
D 3 HOH 4  104 104 HOH HOH A . 
D 3 HOH 5  105 105 HOH HOH A . 
D 3 HOH 6  106 106 HOH HOH A . 
D 3 HOH 7  107 107 HOH HOH A . 
D 3 HOH 8  108 108 HOH HOH A . 
D 3 HOH 9  109 109 HOH HOH A . 
D 3 HOH 10 110 110 HOH HOH A . 
D 3 HOH 11 111 111 HOH HOH A . 
D 3 HOH 12 112 112 HOH HOH A . 
D 3 HOH 13 113 113 HOH HOH A . 
D 3 HOH 14 114 114 HOH HOH A . 
D 3 HOH 15 115 115 HOH HOH A . 
D 3 HOH 16 116 116 HOH HOH A . 
D 3 HOH 17 117 117 HOH HOH A . 
D 3 HOH 18 118 118 HOH HOH A . 
D 3 HOH 19 119 119 HOH HOH A . 
D 3 HOH 20 120 120 HOH HOH A . 
D 3 HOH 21 121 121 HOH HOH A . 
D 3 HOH 22 122 122 HOH HOH A . 
D 3 HOH 23 123 123 HOH HOH A . 
D 3 HOH 24 124 124 HOH HOH A . 
D 3 HOH 25 125 125 HOH HOH A . 
D 3 HOH 26 126 126 HOH HOH A . 
D 3 HOH 27 127 127 HOH HOH A . 
D 3 HOH 28 128 128 HOH HOH A . 
D 3 HOH 29 129 129 HOH HOH A . 
D 3 HOH 30 130 130 HOH HOH A . 
D 3 HOH 31 131 131 HOH HOH A . 
D 3 HOH 32 132 132 HOH HOH A . 
D 3 HOH 33 133 133 HOH HOH A . 
D 3 HOH 34 134 134 HOH HOH A . 
D 3 HOH 35 135 135 HOH HOH A . 
D 3 HOH 36 136 136 HOH HOH A . 
D 3 HOH 37 137 137 HOH HOH A . 
D 3 HOH 38 138 138 HOH HOH A . 
D 3 HOH 39 139 139 HOH HOH A . 
D 3 HOH 40 140 140 HOH HOH A . 
D 3 HOH 41 141 141 HOH HOH A . 
D 3 HOH 42 142 142 HOH HOH A . 
D 3 HOH 43 143 143 HOH HOH A . 
D 3 HOH 44 144 144 HOH HOH A . 
D 3 HOH 45 145 145 HOH HOH A . 
D 3 HOH 46 146 146 HOH HOH A . 
D 3 HOH 47 147 147 HOH HOH A . 
D 3 HOH 48 148 148 HOH HOH A . 
D 3 HOH 49 149 149 HOH HOH A . 
D 3 HOH 50 150 150 HOH HOH A . 
D 3 HOH 51 151 151 HOH HOH A . 
D 3 HOH 52 152 152 HOH HOH A . 
D 3 HOH 53 153 153 HOH HOH A . 
D 3 HOH 54 154 154 HOH HOH A . 
D 3 HOH 55 155 155 HOH HOH A . 
D 3 HOH 56 156 156 HOH HOH A . 
D 3 HOH 57 157 157 HOH HOH A . 
D 3 HOH 58 158 158 HOH HOH A . 
D 3 HOH 59 159 159 HOH HOH A . 
D 3 HOH 60 160 160 HOH HOH A . 
D 3 HOH 61 161 161 HOH HOH A . 
D 3 HOH 62 162 162 HOH HOH A . 
D 3 HOH 63 163 163 HOH HOH A . 
D 3 HOH 64 164 164 HOH HOH A . 
D 3 HOH 65 165 165 HOH HOH A . 
D 3 HOH 66 166 166 HOH HOH A . 
D 3 HOH 67 167 167 HOH HOH A . 
D 3 HOH 68 168 168 HOH HOH A . 
D 3 HOH 69 169 169 HOH HOH A . 
D 3 HOH 70 170 170 HOH HOH A . 
D 3 HOH 71 171 171 HOH HOH A . 
D 3 HOH 72 172 172 HOH HOH A . 
D 3 HOH 73 173 173 HOH HOH A . 
D 3 HOH 74 174 174 HOH HOH A . 
D 3 HOH 75 175 175 HOH HOH A . 
D 3 HOH 76 176 176 HOH HOH A . 
D 3 HOH 77 177 177 HOH HOH A . 
D 3 HOH 78 178 178 HOH HOH A . 
D 3 HOH 79 179 179 HOH HOH A . 
D 3 HOH 80 180 180 HOH HOH A . 
D 3 HOH 81 181 181 HOH HOH A . 
D 3 HOH 82 182 182 HOH HOH A . 
D 3 HOH 83 183 183 HOH HOH A . 
D 3 HOH 84 184 184 HOH HOH A . 
D 3 HOH 85 185 185 HOH HOH A . 
D 3 HOH 86 186 186 HOH HOH A . 
# 
loop_
_pdbx_unobs_or_zero_occ_atoms.id 
_pdbx_unobs_or_zero_occ_atoms.PDB_model_num 
_pdbx_unobs_or_zero_occ_atoms.polymer_flag 
_pdbx_unobs_or_zero_occ_atoms.occupancy_flag 
_pdbx_unobs_or_zero_occ_atoms.auth_asym_id 
_pdbx_unobs_or_zero_occ_atoms.auth_comp_id 
_pdbx_unobs_or_zero_occ_atoms.auth_seq_id 
_pdbx_unobs_or_zero_occ_atoms.PDB_ins_code 
_pdbx_unobs_or_zero_occ_atoms.auth_atom_id 
_pdbx_unobs_or_zero_occ_atoms.label_alt_id 
_pdbx_unobs_or_zero_occ_atoms.label_asym_id 
_pdbx_unobs_or_zero_occ_atoms.label_comp_id 
_pdbx_unobs_or_zero_occ_atoms.label_seq_id 
_pdbx_unobs_or_zero_occ_atoms.label_atom_id 
1 1 Y 1 A VAL 58 ? CB  ? A VAL 58 CB  
2 1 Y 1 A VAL 58 ? CG1 ? A VAL 58 CG1 
3 1 Y 1 A VAL 58 ? CG2 ? A VAL 58 CG2 
# 
loop_
_software.name 
_software.classification 
_software.version 
_software.citation_id 
_software.pdbx_ordinal 
MOSFLM    'data reduction' .         ? 1 
SCALA     'data scaling'   .         ? 2 
SHELXL-97 refinement       .         ? 3 
CCP4      'data scaling'   '(SCALA)' ? 4 
# 
_cell.entry_id           1KTH 
_cell.length_a           25.270 
_cell.length_b           37.800 
_cell.length_c           28.510 
_cell.angle_alpha        90.00 
_cell.angle_beta         109.42 
_cell.angle_gamma        90.00 
_cell.Z_PDB              2 
_cell.pdbx_unique_axis   ? 
# 
_symmetry.entry_id                         1KTH 
_symmetry.space_group_name_H-M             'P 1 21 1' 
_symmetry.pdbx_full_space_group_name_H-M   ? 
_symmetry.cell_setting                     ? 
_symmetry.Int_Tables_number                4 
# 
_exptl.entry_id          1KTH 
_exptl.method            'X-RAY DIFFRACTION' 
_exptl.crystals_number   1 
# 
_exptl_crystal.id                    1 
_exptl_crystal.density_meas          ? 
_exptl_crystal.density_Matthews      1.55 
_exptl_crystal.density_percent_sol   36.38 
_exptl_crystal.description           ? 
# 
_exptl_crystal_grow.crystal_id      1 
_exptl_crystal_grow.method          'VAPOR DIFFUSION, HANGING DROP' 
_exptl_crystal_grow.temp            291 
_exptl_crystal_grow.temp_details    ? 
_exptl_crystal_grow.pH              3.4 
_exptl_crystal_grow.pdbx_details    'phosphate buffer, sodium sulfate, pH 3.4, VAPOR DIFFUSION, HANGING DROP, temperature 291K' 
_exptl_crystal_grow.pdbx_pH_range   ? 
# 
_diffrn.id                     1 
_diffrn.ambient_temp           110 
_diffrn.ambient_temp_details   ? 
_diffrn.crystal_id             1 
# 
_diffrn_detector.diffrn_id              1 
_diffrn_detector.detector               'IMAGE PLATE' 
_diffrn_detector.type                   MARRESEARCH 
_diffrn_detector.pdbx_collection_date   1998-10-20 
_diffrn_detector.details                ? 
# 
_diffrn_radiation.diffrn_id                        1 
_diffrn_radiation.wavelength_id                    1 
_diffrn_radiation.pdbx_monochromatic_or_laue_m_l   M 
_diffrn_radiation.monochromator                    SILICON 
_diffrn_radiation.pdbx_diffrn_protocol             'SINGLE WAVELENGTH' 
_diffrn_radiation.pdbx_scattering_type             x-ray 
# 
_diffrn_radiation_wavelength.id           1 
_diffrn_radiation_wavelength.wavelength   0.900 
_diffrn_radiation_wavelength.wt           1.0 
# 
_diffrn_source.diffrn_id                   1 
_diffrn_source.source                      SYNCHROTRON 
_diffrn_source.type                        'EMBL/DESY, HAMBURG BEAMLINE BW7A' 
_diffrn_source.pdbx_synchrotron_site       'EMBL/DESY, HAMBURG' 
_diffrn_source.pdbx_synchrotron_beamline   BW7A 
_diffrn_source.pdbx_wavelength             ? 
_diffrn_source.pdbx_wavelength_list        0.900 
# 
_reflns.entry_id                     1KTH 
_reflns.observed_criterion_sigma_I   2.0 
_reflns.observed_criterion_sigma_F   2.0 
_reflns.d_resolution_low             8.0 
_reflns.d_resolution_high            0.95 
_reflns.number_obs                   22448 
_reflns.number_all                   28107 
_reflns.percent_possible_obs         90.5 
_reflns.pdbx_Rmerge_I_obs            ? 
_reflns.pdbx_Rsym_value              ? 
_reflns.pdbx_netI_over_sigmaI        ? 
_reflns.B_iso_Wilson_estimate        ? 
_reflns.pdbx_redundancy              ? 
_reflns.R_free_details               ? 
_reflns.limit_h_max                  ? 
_reflns.limit_h_min                  ? 
_reflns.limit_k_max                  ? 
_reflns.limit_k_min                  ? 
_reflns.limit_l_max                  ? 
_reflns.limit_l_min                  ? 
_reflns.observed_criterion_F_max     ? 
_reflns.observed_criterion_F_min     ? 
_reflns.pdbx_diffrn_id               1 
_reflns.pdbx_ordinal                 1 
# 
_reflns_shell.d_res_high             0.95 
_reflns_shell.d_res_low              0.97 
_reflns_shell.percent_possible_all   85.2 
_reflns_shell.Rmerge_I_obs           0.051 
_reflns_shell.pdbx_Rsym_value        ? 
_reflns_shell.meanI_over_sigI_obs    ? 
_reflns_shell.pdbx_redundancy        ? 
_reflns_shell.percent_possible_obs   ? 
_reflns_shell.number_unique_all      1598 
_reflns_shell.pdbx_diffrn_id         ? 
_reflns_shell.pdbx_ordinal           1 
# 
_refine.entry_id                                 1KTH 
_refine.ls_number_reflns_obs                     22448 
_refine.ls_number_reflns_all                     28107 
_refine.pdbx_ls_sigma_I                          ? 
_refine.pdbx_ls_sigma_F                          0.0 
_refine.pdbx_data_cutoff_high_absF               ? 
_refine.pdbx_data_cutoff_low_absF                ? 
_refine.ls_d_res_low                             5.00 
_refine.ls_d_res_high                            0.95 
_refine.ls_percent_reflns_obs                    88.7 
_refine.ls_R_factor_obs                          0.1355 
_refine.ls_R_factor_all                          0.1391 
_refine.ls_R_factor_R_work                       0.135 
_refine.ls_R_factor_R_free                       0.1667 
_refine.ls_R_factor_R_free_error                 ? 
_refine.ls_R_factor_R_free_error_details         ? 
_refine.ls_percent_reflns_R_free                 5.2 
_refine.ls_number_reflns_R_free                  1460 
_refine.ls_number_parameters                     5097 
_refine.ls_number_restraints                     6007 
_refine.occupancy_min                            ? 
_refine.occupancy_max                            ? 
_refine.B_iso_mean                               ? 
_refine.aniso_B[1][1]                            ? 
_refine.aniso_B[2][2]                            ? 
_refine.aniso_B[3][3]                            ? 
_refine.aniso_B[1][2]                            ? 
_refine.aniso_B[1][3]                            ? 
_refine.aniso_B[2][3]                            ? 
_refine.solvent_model_details                    'MOEWS & KRETSINGER, J.MOL.BIOL.91(1973)201-22' 
_refine.solvent_model_param_ksol                 ? 
_refine.solvent_model_param_bsol                 ? 
_refine.pdbx_ls_cross_valid_method               'FREE R' 
_refine.details                                  ? 
_refine.pdbx_starting_model                      'PDB ENTRY 2KNT' 
_refine.pdbx_method_to_determine_struct          'FOURIER SYNTHESIS' 
_refine.pdbx_isotropic_thermal_model             ? 
_refine.pdbx_stereochemistry_target_values       'ENGH AND HUBER' 
_refine.pdbx_stereochem_target_val_spec_case     ? 
_refine.pdbx_R_Free_selection_details            RANDOM 
_refine.pdbx_overall_ESU_R_Free                  ? 
_refine.overall_SU_B                             ? 
_refine.ls_redundancy_reflns_obs                 ? 
_refine.B_iso_min                                ? 
_refine.B_iso_max                                ? 
_refine.correlation_coeff_Fo_to_Fc               ? 
_refine.overall_SU_R_Cruickshank_DPI             ? 
_refine.overall_SU_R_free                        ? 
_refine.overall_SU_ML                            ? 
_refine.pdbx_overall_ESU_R                       ? 
_refine.pdbx_data_cutoff_high_rms_absF           ? 
_refine.correlation_coeff_Fo_to_Fc_free          ? 
_refine.pdbx_solvent_vdw_probe_radii             ? 
_refine.pdbx_solvent_ion_probe_radii             ? 
_refine.pdbx_solvent_shrinkage_radii             ? 
_refine.pdbx_refine_id                           'X-RAY DIFFRACTION' 
_refine.pdbx_diffrn_id                           1 
_refine.pdbx_TLS_residual_ADP_flag               ? 
_refine.pdbx_overall_phase_error                 ? 
_refine.pdbx_overall_SU_R_free_Cruickshank_DPI   ? 
_refine.pdbx_overall_SU_R_Blow_DPI               ? 
_refine.pdbx_overall_SU_R_free_Blow_DPI          ? 
# 
_refine_analyze.entry_id                        1KTH 
_refine_analyze.Luzzati_coordinate_error_obs    ? 
_refine_analyze.Luzzati_sigma_a_obs             ? 
_refine_analyze.Luzzati_d_res_low_obs           ? 
_refine_analyze.Luzzati_coordinate_error_free   ? 
_refine_analyze.Luzzati_sigma_a_free            ? 
_refine_analyze.Luzzati_d_res_low_free          ? 
_refine_analyze.number_disordered_residues      3 
_refine_analyze.occupancy_sum_hydrogen          0.00 
_refine_analyze.occupancy_sum_non_hydrogen      551.81 
_refine_analyze.pdbx_Luzzati_d_res_high_obs     ? 
_refine_analyze.pdbx_refine_id                  'X-RAY DIFFRACTION' 
# 
_refine_hist.pdbx_refine_id                   'X-RAY DIFFRACTION' 
_refine_hist.cycle_id                         LAST 
_refine_hist.pdbx_number_atoms_protein        470 
_refine_hist.pdbx_number_atoms_nucleic_acid   0 
_refine_hist.pdbx_number_atoms_ligand         10 
_refine_hist.number_atoms_solvent             86 
_refine_hist.number_atoms_total               566 
_refine_hist.d_res_high                       0.95 
_refine_hist.d_res_low                        5.00 
# 
loop_
_refine_ls_restr.type 
_refine_ls_restr.dev_ideal 
_refine_ls_restr.dev_ideal_target 
_refine_ls_restr.weight 
_refine_ls_restr.number 
_refine_ls_restr.pdbx_refine_id 
_refine_ls_restr.pdbx_restraint_function 
s_bond_d               0.016  ? ? ? 'X-RAY DIFFRACTION' ? 
s_angle_d              0.032  ? ? ? 'X-RAY DIFFRACTION' ? 
s_similar_dist         0.000  ? ? ? 'X-RAY DIFFRACTION' ? 
s_from_restr_planes    0.0326 ? ? ? 'X-RAY DIFFRACTION' ? 
s_zero_chiral_vol      0.097  ? ? ? 'X-RAY DIFFRACTION' ? 
s_non_zero_chiral_vol  0.117  ? ? ? 'X-RAY DIFFRACTION' ? 
s_anti_bump_dis_restr  0.021  ? ? ? 'X-RAY DIFFRACTION' ? 
s_rigid_bond_adp_cmpnt 0.006  ? ? ? 'X-RAY DIFFRACTION' ? 
s_similar_adp_cmpnt    0.057  ? ? ? 'X-RAY DIFFRACTION' ? 
s_approx_iso_adps      0.083  ? ? ? 'X-RAY DIFFRACTION' ? 
# 
_pdbx_refine.entry_id                                    1KTH 
_pdbx_refine.R_factor_all_no_cutoff                      0.1391 
_pdbx_refine.R_factor_obs_no_cutoff                      0.1355 
_pdbx_refine.free_R_factor_no_cutoff                     0.1667 
_pdbx_refine.free_R_val_test_set_size_perc_no_cutoff     5.2 
_pdbx_refine.free_R_val_test_set_ct_no_cutoff            1460 
_pdbx_refine.R_factor_all_4sig_cutoff                    0.1327 
_pdbx_refine.R_factor_obs_4sig_cutoff                    0.129 
_pdbx_refine.free_R_factor_4sig_cutoff                   0.1596 
_pdbx_refine.free_R_val_test_set_size_perc_4sig_cutoff   5.1 
_pdbx_refine.free_R_val_test_set_ct_4sig_cutoff          1147 
_pdbx_refine.number_reflns_obs_4sig_cutoff               22448 
_pdbx_refine.number_reflns_obs_no_cutoff                 ? 
_pdbx_refine.pdbx_refine_id                              'X-RAY DIFFRACTION' 
_pdbx_refine.free_R_error_no_cutoff                      ? 
# 
_struct.entry_id                  1KTH 
_struct.title                     'The Anisotropic Refinement Of Kunitz Type Domain C5 at 0.95 Angstrom' 
_struct.pdbx_model_details        ? 
_struct.pdbx_CASP_flag            ? 
_struct.pdbx_model_type_details   ? 
# 
_struct_keywords.entry_id        1KTH 
_struct_keywords.pdbx_keywords   'STRUCTURAL PROTEIN' 
_struct_keywords.text            
'ANISOTROPIC REFINEMENT, KUNITZ INHIBITOR, EXTRACELLULAR MATRIX, CONNECTIVE TISSUE, STRUCTURAL PROTEIN' 
# 
loop_
_struct_asym.id 
_struct_asym.pdbx_blank_PDB_chainid_flag 
_struct_asym.pdbx_modified 
_struct_asym.entity_id 
_struct_asym.details 
A N N 1 ? 
B N N 2 ? 
C N N 2 ? 
D N N 3 ? 
# 
_struct_ref.id                         1 
_struct_ref.db_name                    UNP 
_struct_ref.db_code                    CO6A3_HUMAN 
_struct_ref.entity_id                  1 
_struct_ref.pdbx_seq_one_letter_code   ETDICKLPKDEGTCRDFILKWYYDPNTKSCARFWYGGCGGNENKFGSQKECEKVCAPV 
_struct_ref.pdbx_align_begin           3107 
_struct_ref.pdbx_db_accession          P12111 
_struct_ref.pdbx_db_isoform            ? 
# 
_struct_ref_seq.align_id                      1 
_struct_ref_seq.ref_id                        1 
_struct_ref_seq.pdbx_PDB_id_code              1KTH 
_struct_ref_seq.pdbx_strand_id                A 
_struct_ref_seq.seq_align_beg                 1 
_struct_ref_seq.pdbx_seq_align_beg_ins_code   ? 
_struct_ref_seq.seq_align_end                 58 
_struct_ref_seq.pdbx_seq_align_end_ins_code   ? 
_struct_ref_seq.pdbx_db_accession             P12111 
_struct_ref_seq.db_align_beg                  3107 
_struct_ref_seq.pdbx_db_align_beg_ins_code    ? 
_struct_ref_seq.db_align_end                  3164 
_struct_ref_seq.pdbx_db_align_end_ins_code    ? 
_struct_ref_seq.pdbx_auth_seq_align_beg       1 
_struct_ref_seq.pdbx_auth_seq_align_end       58 
# 
_pdbx_struct_assembly.id                   1 
_pdbx_struct_assembly.details              author_defined_assembly 
_pdbx_struct_assembly.method_details       ? 
_pdbx_struct_assembly.oligomeric_details   monomeric 
_pdbx_struct_assembly.oligomeric_count     1 
# 
_pdbx_struct_assembly_gen.assembly_id       1 
_pdbx_struct_assembly_gen.oper_expression   1 
_pdbx_struct_assembly_gen.asym_id_list      A,B,C,D 
# 
_pdbx_struct_oper_list.id                   1 
_pdbx_struct_oper_list.type                 'identity operation' 
_pdbx_struct_oper_list.name                 1_555 
_pdbx_struct_oper_list.symmetry_operation   x,y,z 
_pdbx_struct_oper_list.matrix[1][1]         1.0000000000 
_pdbx_struct_oper_list.matrix[1][2]         0.0000000000 
_pdbx_struct_oper_list.matrix[1][3]         0.0000000000 
_pdbx_struct_oper_list.vector[1]            0.0000000000 
_pdbx_struct_oper_list.matrix[2][1]         0.0000000000 
_pdbx_struct_oper_list.matrix[2][2]         1.0000000000 
_pdbx_struct_oper_list.matrix[2][3]         0.0000000000 
_pdbx_struct_oper_list.vector[2]            0.0000000000 
_pdbx_struct_oper_list.matrix[3][1]         0.0000000000 
_pdbx_struct_oper_list.matrix[3][2]         0.0000000000 
_pdbx_struct_oper_list.matrix[3][3]         1.0000000000 
_pdbx_struct_oper_list.vector[3]            0.0000000000 
# 
loop_
_struct_conf.conf_type_id 
_struct_conf.id 
_struct_conf.pdbx_PDB_helix_id 
_struct_conf.beg_label_comp_id 
_struct_conf.beg_label_asym_id 
_struct_conf.beg_label_seq_id 
_struct_conf.pdbx_beg_PDB_ins_code 
_struct_conf.end_label_comp_id 
_struct_conf.end_label_asym_id 
_struct_conf.end_label_seq_id 
_struct_conf.pdbx_end_PDB_ins_code 
_struct_conf.beg_auth_comp_id 
_struct_conf.beg_auth_asym_id 
_struct_conf.beg_auth_seq_id 
_struct_conf.end_auth_comp_id 
_struct_conf.end_auth_asym_id 
_struct_conf.end_auth_seq_id 
_struct_conf.pdbx_PDB_helix_class 
_struct_conf.details 
_struct_conf.pdbx_PDB_helix_length 
HELX_P HELX_P1 1 THR A 2  ? LEU A 7  ? THR A 2  LEU A 7  5 ? 6  
HELX_P HELX_P2 2 SER A 47 ? ALA A 56 ? SER A 47 ALA A 56 1 ? 10 
# 
_struct_conf_type.id          HELX_P 
_struct_conf_type.criteria    ? 
_struct_conf_type.reference   ? 
# 
loop_
_struct_conn.id 
_struct_conn.conn_type_id 
_struct_conn.pdbx_leaving_atom_flag 
_struct_conn.pdbx_PDB_id 
_struct_conn.ptnr1_label_asym_id 
_struct_conn.ptnr1_label_comp_id 
_struct_conn.ptnr1_label_seq_id 
_struct_conn.ptnr1_label_atom_id 
_struct_conn.pdbx_ptnr1_label_alt_id 
_struct_conn.pdbx_ptnr1_PDB_ins_code 
_struct_conn.pdbx_ptnr1_standard_comp_id 
_struct_conn.ptnr1_symmetry 
_struct_conn.ptnr2_label_asym_id 
_struct_conn.ptnr2_label_comp_id 
_struct_conn.ptnr2_label_seq_id 
_struct_conn.ptnr2_label_atom_id 
_struct_conn.pdbx_ptnr2_label_alt_id 
_struct_conn.pdbx_ptnr2_PDB_ins_code 
_struct_conn.ptnr1_auth_asym_id 
_struct_conn.ptnr1_auth_comp_id 
_struct_conn.ptnr1_auth_seq_id 
_struct_conn.ptnr2_auth_asym_id 
_struct_conn.ptnr2_auth_comp_id 
_struct_conn.ptnr2_auth_seq_id 
_struct_conn.ptnr2_symmetry 
_struct_conn.pdbx_ptnr3_label_atom_id 
_struct_conn.pdbx_ptnr3_label_seq_id 
_struct_conn.pdbx_ptnr3_label_comp_id 
_struct_conn.pdbx_ptnr3_label_asym_id 
_struct_conn.pdbx_ptnr3_label_alt_id 
_struct_conn.pdbx_ptnr3_PDB_ins_code 
_struct_conn.details 
_struct_conn.pdbx_dist_value 
_struct_conn.pdbx_value_order 
_struct_conn.pdbx_role 
disulf1 disulf ? ? A CYS 5  SG ? ? ? 1_555 A CYS 55 SG ? ? A CYS 5  A CYS 55 1_555 ? ? ? ? ? ? ? 2.027 ? ? 
disulf2 disulf ? ? A CYS 14 SG ? ? ? 1_555 A CYS 38 SG ? ? A CYS 14 A CYS 38 1_555 ? ? ? ? ? ? ? 2.000 ? ? 
disulf3 disulf ? ? A CYS 30 SG ? ? ? 1_555 A CYS 51 SG ? ? A CYS 30 A CYS 51 1_555 ? ? ? ? ? ? ? 2.049 ? ? 
# 
_struct_conn_type.id          disulf 
_struct_conn_type.criteria    ? 
_struct_conn_type.reference   ? 
# 
loop_
_pdbx_modification_feature.ordinal 
_pdbx_modification_feature.label_comp_id 
_pdbx_modification_feature.label_asym_id 
_pdbx_modification_feature.label_seq_id 
_pdbx_modification_feature.label_alt_id 
_pdbx_modification_feature.modified_residue_label_comp_id 
_pdbx_modification_feature.modified_residue_label_asym_id 
_pdbx_modification_feature.modified_residue_label_seq_id 
_pdbx_modification_feature.modified_residue_label_alt_id 
_pdbx_modification_feature.auth_comp_id 
_pdbx_modification_feature.auth_asym_id 
_pdbx_modification_feature.auth_seq_id 
_pdbx_modification_feature.PDB_ins_code 
_pdbx_modification_feature.symmetry 
_pdbx_modification_feature.modified_residue_auth_comp_id 
_pdbx_modification_feature.modified_residue_auth_asym_id 
_pdbx_modification_feature.modified_residue_auth_seq_id 
_pdbx_modification_feature.modified_residue_PDB_ins_code 
_pdbx_modification_feature.modified_residue_symmetry 
_pdbx_modification_feature.comp_id_linking_atom 
_pdbx_modification_feature.modified_residue_id_linking_atom 
_pdbx_modification_feature.modified_residue_id 
_pdbx_modification_feature.ref_pcm_id 
_pdbx_modification_feature.ref_comp_id 
_pdbx_modification_feature.type 
_pdbx_modification_feature.category 
1 CYS A 5  ? CYS A 55 ? CYS A 5  ? 1_555 CYS A 55 ? 1_555 SG SG . . . None 'Disulfide bridge' 
2 CYS A 14 ? CYS A 38 ? CYS A 14 ? 1_555 CYS A 38 ? 1_555 SG SG . . . None 'Disulfide bridge' 
3 CYS A 30 ? CYS A 51 ? CYS A 30 ? 1_555 CYS A 51 ? 1_555 SG SG . . . None 'Disulfide bridge' 
# 
_struct_sheet.id               A 
_struct_sheet.type             ? 
_struct_sheet.number_strands   2 
_struct_sheet.details          ? 
# 
_struct_sheet_order.sheet_id     A 
_struct_sheet_order.range_id_1   1 
_struct_sheet_order.range_id_2   2 
_struct_sheet_order.offset       ? 
_struct_sheet_order.sense        anti-parallel 
# 
loop_
_struct_sheet_range.sheet_id 
_struct_sheet_range.id 
_struct_sheet_range.beg_label_comp_id 
_struct_sheet_range.beg_label_asym_id 
_struct_sheet_range.beg_label_seq_id 
_struct_sheet_range.pdbx_beg_PDB_ins_code 
_struct_sheet_range.end_label_comp_id 
_struct_sheet_range.end_label_asym_id 
_struct_sheet_range.end_label_seq_id 
_struct_sheet_range.pdbx_end_PDB_ins_code 
_struct_sheet_range.beg_auth_comp_id 
_struct_sheet_range.beg_auth_asym_id 
_struct_sheet_range.beg_auth_seq_id 
_struct_sheet_range.end_auth_comp_id 
_struct_sheet_range.end_auth_asym_id 
_struct_sheet_range.end_auth_seq_id 
A 1 ILE A 18 ? ASP A 24 ? ILE A 18 ASP A 24 
A 2 SER A 29 ? TYR A 35 ? SER A 29 TYR A 35 
# 
_pdbx_struct_sheet_hbond.sheet_id                A 
_pdbx_struct_sheet_hbond.range_id_1              1 
_pdbx_struct_sheet_hbond.range_id_2              2 
_pdbx_struct_sheet_hbond.range_1_label_atom_id   N 
_pdbx_struct_sheet_hbond.range_1_label_comp_id   LYS 
_pdbx_struct_sheet_hbond.range_1_label_asym_id   A 
_pdbx_struct_sheet_hbond.range_1_label_seq_id    20 
_pdbx_struct_sheet_hbond.range_1_PDB_ins_code    ? 
_pdbx_struct_sheet_hbond.range_1_auth_atom_id    N 
_pdbx_struct_sheet_hbond.range_1_auth_comp_id    LYS 
_pdbx_struct_sheet_hbond.range_1_auth_asym_id    A 
_pdbx_struct_sheet_hbond.range_1_auth_seq_id     20 
_pdbx_struct_sheet_hbond.range_2_label_atom_id   O 
_pdbx_struct_sheet_hbond.range_2_label_comp_id   PHE 
_pdbx_struct_sheet_hbond.range_2_label_asym_id   A 
_pdbx_struct_sheet_hbond.range_2_label_seq_id    33 
_pdbx_struct_sheet_hbond.range_2_PDB_ins_code    ? 
_pdbx_struct_sheet_hbond.range_2_auth_atom_id    O 
_pdbx_struct_sheet_hbond.range_2_auth_comp_id    PHE 
_pdbx_struct_sheet_hbond.range_2_auth_asym_id    A 
_pdbx_struct_sheet_hbond.range_2_auth_seq_id     33 
# 
loop_
_struct_site.id 
_struct_site.pdbx_evidence_code 
_struct_site.pdbx_auth_asym_id 
_struct_site.pdbx_auth_comp_id 
_struct_site.pdbx_auth_seq_id 
_struct_site.pdbx_auth_ins_code 
_struct_site.pdbx_num_residues 
_struct_site.details 
AC1 Software A PO4 61 ? 6 'BINDING SITE FOR RESIDUE PO4 A 61' 
AC2 Software A PO4 62 ? 7 'BINDING SITE FOR RESIDUE PO4 A 62' 
# 
loop_
_struct_site_gen.id 
_struct_site_gen.site_id 
_struct_site_gen.pdbx_num_res 
_struct_site_gen.label_comp_id 
_struct_site_gen.label_asym_id 
_struct_site_gen.label_seq_id 
_struct_site_gen.pdbx_auth_ins_code 
_struct_site_gen.auth_comp_id 
_struct_site_gen.auth_asym_id 
_struct_site_gen.auth_seq_id 
_struct_site_gen.label_atom_id 
_struct_site_gen.label_alt_id 
_struct_site_gen.symmetry 
_struct_site_gen.details 
1  AC1 6 TRP A 21 ? TRP A 21  . ? 1_555 ? 
2  AC1 6 LYS A 28 ? LYS A 28  . ? 1_655 ? 
3  AC1 6 SER A 47 ? SER A 47  . ? 1_555 ? 
4  AC1 6 GLN A 48 ? GLN A 48  . ? 1_555 ? 
5  AC1 6 HOH D .  ? HOH A 103 . ? 1_555 ? 
6  AC1 6 HOH D .  ? HOH A 113 . ? 1_555 ? 
7  AC2 7 THR A 13 ? THR A 13  . ? 1_555 ? 
8  AC2 7 CYS A 14 ? CYS A 14  . ? 1_555 ? 
9  AC2 7 ARG A 15 ? ARG A 15  . ? 1_555 ? 
10 AC2 7 GLN A 48 ? GLN A 48  . ? 1_554 ? 
11 AC2 7 HOH D .  ? HOH A 109 . ? 1_555 ? 
12 AC2 7 HOH D .  ? HOH A 131 . ? 1_555 ? 
13 AC2 7 HOH D .  ? HOH A 135 . ? 1_555 ? 
# 
_pdbx_entry_details.entry_id                   1KTH 
_pdbx_entry_details.compound_details           ? 
_pdbx_entry_details.source_details             ? 
_pdbx_entry_details.nonpolymer_details         ? 
_pdbx_entry_details.sequence_details           ? 
_pdbx_entry_details.has_ligand_of_interest     ? 
_pdbx_entry_details.has_protein_modification   Y 
# 
loop_
_pdbx_validate_rmsd_angle.id 
_pdbx_validate_rmsd_angle.PDB_model_num 
_pdbx_validate_rmsd_angle.auth_atom_id_1 
_pdbx_validate_rmsd_angle.auth_asym_id_1 
_pdbx_validate_rmsd_angle.auth_comp_id_1 
_pdbx_validate_rmsd_angle.auth_seq_id_1 
_pdbx_validate_rmsd_angle.PDB_ins_code_1 
_pdbx_validate_rmsd_angle.label_alt_id_1 
_pdbx_validate_rmsd_angle.auth_atom_id_2 
_pdbx_validate_rmsd_angle.auth_asym_id_2 
_pdbx_validate_rmsd_angle.auth_comp_id_2 
_pdbx_validate_rmsd_angle.auth_seq_id_2 
_pdbx_validate_rmsd_angle.PDB_ins_code_2 
_pdbx_validate_rmsd_angle.label_alt_id_2 
_pdbx_validate_rmsd_angle.auth_atom_id_3 
_pdbx_validate_rmsd_angle.auth_asym_id_3 
_pdbx_validate_rmsd_angle.auth_comp_id_3 
_pdbx_validate_rmsd_angle.auth_seq_id_3 
_pdbx_validate_rmsd_angle.PDB_ins_code_3 
_pdbx_validate_rmsd_angle.label_alt_id_3 
_pdbx_validate_rmsd_angle.angle_value 
_pdbx_validate_rmsd_angle.angle_target_value 
_pdbx_validate_rmsd_angle.angle_deviation 
_pdbx_validate_rmsd_angle.angle_standard_deviation 
_pdbx_validate_rmsd_angle.linker_flag 
1 1 CB A ASP 3  ? ? CG A ASP 3  ? B OD1 A ASP 3  ? B 123.72 118.30 5.42   0.90 N 
2 1 CB A LEU 19 ? ? CG A LEU 19 ? ? CD2 A LEU 19 ? ? 100.27 111.00 -10.73 1.70 N 
3 1 CB A TYR 22 ? ? CG A TYR 22 ? ? CD1 A TYR 22 ? ? 125.08 121.00 4.08   0.60 N 
# 
loop_
_pdbx_validate_torsion.id 
_pdbx_validate_torsion.PDB_model_num 
_pdbx_validate_torsion.auth_comp_id 
_pdbx_validate_torsion.auth_asym_id 
_pdbx_validate_torsion.auth_seq_id 
_pdbx_validate_torsion.PDB_ins_code 
_pdbx_validate_torsion.label_alt_id 
_pdbx_validate_torsion.phi 
_pdbx_validate_torsion.psi 
1 1 CYS A 14 ? ? 77.61   171.68 
2 1 ASP A 16 ? ? -103.54 71.08  
3 1 LYS A 44 ? ? -162.54 116.65 
# 
loop_
_chem_comp_atom.comp_id 
_chem_comp_atom.atom_id 
_chem_comp_atom.type_symbol 
_chem_comp_atom.pdbx_aromatic_flag 
_chem_comp_atom.pdbx_stereo_config 
_chem_comp_atom.pdbx_ordinal 
ALA N    N N N 1   
ALA CA   C N S 2   
ALA C    C N N 3   
ALA O    O N N 4   
ALA CB   C N N 5   
ALA OXT  O N N 6   
ALA H    H N N 7   
ALA H2   H N N 8   
ALA HA   H N N 9   
ALA HB1  H N N 10  
ALA HB2  H N N 11  
ALA HB3  H N N 12  
ALA HXT  H N N 13  
ARG N    N N N 14  
ARG CA   C N S 15  
ARG C    C N N 16  
ARG O    O N N 17  
ARG CB   C N N 18  
ARG CG   C N N 19  
ARG CD   C N N 20  
ARG NE   N N N 21  
ARG CZ   C N N 22  
ARG NH1  N N N 23  
ARG NH2  N N N 24  
ARG OXT  O N N 25  
ARG H    H N N 26  
ARG H2   H N N 27  
ARG HA   H N N 28  
ARG HB2  H N N 29  
ARG HB3  H N N 30  
ARG HG2  H N N 31  
ARG HG3  H N N 32  
ARG HD2  H N N 33  
ARG HD3  H N N 34  
ARG HE   H N N 35  
ARG HH11 H N N 36  
ARG HH12 H N N 37  
ARG HH21 H N N 38  
ARG HH22 H N N 39  
ARG HXT  H N N 40  
ASN N    N N N 41  
ASN CA   C N S 42  
ASN C    C N N 43  
ASN O    O N N 44  
ASN CB   C N N 45  
ASN CG   C N N 46  
ASN OD1  O N N 47  
ASN ND2  N N N 48  
ASN OXT  O N N 49  
ASN H    H N N 50  
ASN H2   H N N 51  
ASN HA   H N N 52  
ASN HB2  H N N 53  
ASN HB3  H N N 54  
ASN HD21 H N N 55  
ASN HD22 H N N 56  
ASN HXT  H N N 57  
ASP N    N N N 58  
ASP CA   C N S 59  
ASP C    C N N 60  
ASP O    O N N 61  
ASP CB   C N N 62  
ASP CG   C N N 63  
ASP OD1  O N N 64  
ASP OD2  O N N 65  
ASP OXT  O N N 66  
ASP H    H N N 67  
ASP H2   H N N 68  
ASP HA   H N N 69  
ASP HB2  H N N 70  
ASP HB3  H N N 71  
ASP HD2  H N N 72  
ASP HXT  H N N 73  
CYS N    N N N 74  
CYS CA   C N R 75  
CYS C    C N N 76  
CYS O    O N N 77  
CYS CB   C N N 78  
CYS SG   S N N 79  
CYS OXT  O N N 80  
CYS H    H N N 81  
CYS H2   H N N 82  
CYS HA   H N N 83  
CYS HB2  H N N 84  
CYS HB3  H N N 85  
CYS HG   H N N 86  
CYS HXT  H N N 87  
GLN N    N N N 88  
GLN CA   C N S 89  
GLN C    C N N 90  
GLN O    O N N 91  
GLN CB   C N N 92  
GLN CG   C N N 93  
GLN CD   C N N 94  
GLN OE1  O N N 95  
GLN NE2  N N N 96  
GLN OXT  O N N 97  
GLN H    H N N 98  
GLN H2   H N N 99  
GLN HA   H N N 100 
GLN HB2  H N N 101 
GLN HB3  H N N 102 
GLN HG2  H N N 103 
GLN HG3  H N N 104 
GLN HE21 H N N 105 
GLN HE22 H N N 106 
GLN HXT  H N N 107 
GLU N    N N N 108 
GLU CA   C N S 109 
GLU C    C N N 110 
GLU O    O N N 111 
GLU CB   C N N 112 
GLU CG   C N N 113 
GLU CD   C N N 114 
GLU OE1  O N N 115 
GLU OE2  O N N 116 
GLU OXT  O N N 117 
GLU H    H N N 118 
GLU H2   H N N 119 
GLU HA   H N N 120 
GLU HB2  H N N 121 
GLU HB3  H N N 122 
GLU HG2  H N N 123 
GLU HG3  H N N 124 
GLU HE2  H N N 125 
GLU HXT  H N N 126 
GLY N    N N N 127 
GLY CA   C N N 128 
GLY C    C N N 129 
GLY O    O N N 130 
GLY OXT  O N N 131 
GLY H    H N N 132 
GLY H2   H N N 133 
GLY HA2  H N N 134 
GLY HA3  H N N 135 
GLY HXT  H N N 136 
HOH O    O N N 137 
HOH H1   H N N 138 
HOH H2   H N N 139 
ILE N    N N N 140 
ILE CA   C N S 141 
ILE C    C N N 142 
ILE O    O N N 143 
ILE CB   C N S 144 
ILE CG1  C N N 145 
ILE CG2  C N N 146 
ILE CD1  C N N 147 
ILE OXT  O N N 148 
ILE H    H N N 149 
ILE H2   H N N 150 
ILE HA   H N N 151 
ILE HB   H N N 152 
ILE HG12 H N N 153 
ILE HG13 H N N 154 
ILE HG21 H N N 155 
ILE HG22 H N N 156 
ILE HG23 H N N 157 
ILE HD11 H N N 158 
ILE HD12 H N N 159 
ILE HD13 H N N 160 
ILE HXT  H N N 161 
LEU N    N N N 162 
LEU CA   C N S 163 
LEU C    C N N 164 
LEU O    O N N 165 
LEU CB   C N N 166 
LEU CG   C N N 167 
LEU CD1  C N N 168 
LEU CD2  C N N 169 
LEU OXT  O N N 170 
LEU H    H N N 171 
LEU H2   H N N 172 
LEU HA   H N N 173 
LEU HB2  H N N 174 
LEU HB3  H N N 175 
LEU HG   H N N 176 
LEU HD11 H N N 177 
LEU HD12 H N N 178 
LEU HD13 H N N 179 
LEU HD21 H N N 180 
LEU HD22 H N N 181 
LEU HD23 H N N 182 
LEU HXT  H N N 183 
LYS N    N N N 184 
LYS CA   C N S 185 
LYS C    C N N 186 
LYS O    O N N 187 
LYS CB   C N N 188 
LYS CG   C N N 189 
LYS CD   C N N 190 
LYS CE   C N N 191 
LYS NZ   N N N 192 
LYS OXT  O N N 193 
LYS H    H N N 194 
LYS H2   H N N 195 
LYS HA   H N N 196 
LYS HB2  H N N 197 
LYS HB3  H N N 198 
LYS HG2  H N N 199 
LYS HG3  H N N 200 
LYS HD2  H N N 201 
LYS HD3  H N N 202 
LYS HE2  H N N 203 
LYS HE3  H N N 204 
LYS HZ1  H N N 205 
LYS HZ2  H N N 206 
LYS HZ3  H N N 207 
LYS HXT  H N N 208 
PHE N    N N N 209 
PHE CA   C N S 210 
PHE C    C N N 211 
PHE O    O N N 212 
PHE CB   C N N 213 
PHE CG   C Y N 214 
PHE CD1  C Y N 215 
PHE CD2  C Y N 216 
PHE CE1  C Y N 217 
PHE CE2  C Y N 218 
PHE CZ   C Y N 219 
PHE OXT  O N N 220 
PHE H    H N N 221 
PHE H2   H N N 222 
PHE HA   H N N 223 
PHE HB2  H N N 224 
PHE HB3  H N N 225 
PHE HD1  H N N 226 
PHE HD2  H N N 227 
PHE HE1  H N N 228 
PHE HE2  H N N 229 
PHE HZ   H N N 230 
PHE HXT  H N N 231 
PO4 P    P N N 232 
PO4 O1   O N N 233 
PO4 O2   O N N 234 
PO4 O3   O N N 235 
PO4 O4   O N N 236 
PRO N    N N N 237 
PRO CA   C N S 238 
PRO C    C N N 239 
PRO O    O N N 240 
PRO CB   C N N 241 
PRO CG   C N N 242 
PRO CD   C N N 243 
PRO OXT  O N N 244 
PRO H    H N N 245 
PRO HA   H N N 246 
PRO HB2  H N N 247 
PRO HB3  H N N 248 
PRO HG2  H N N 249 
PRO HG3  H N N 250 
PRO HD2  H N N 251 
PRO HD3  H N N 252 
PRO HXT  H N N 253 
SER N    N N N 254 
SER CA   C N S 255 
SER C    C N N 256 
SER O    O N N 257 
SER CB   C N N 258 
SER OG   O N N 259 
SER OXT  O N N 260 
SER H    H N N 261 
SER H2   H N N 262 
SER HA   H N N 263 
SER HB2  H N N 264 
SER HB3  H N N 265 
SER HG   H N N 266 
SER HXT  H N N 267 
THR N    N N N 268 
THR CA   C N S 269 
THR C    C N N 270 
THR O    O N N 271 
THR CB   C N R 272 
THR OG1  O N N 273 
THR CG2  C N N 274 
THR OXT  O N N 275 
THR H    H N N 276 
THR H2   H N N 277 
THR HA   H N N 278 
THR HB   H N N 279 
THR HG1  H N N 280 
THR HG21 H N N 281 
THR HG22 H N N 282 
THR HG23 H N N 283 
THR HXT  H N N 284 
TRP N    N N N 285 
TRP CA   C N S 286 
TRP C    C N N 287 
TRP O    O N N 288 
TRP CB   C N N 289 
TRP CG   C Y N 290 
TRP CD1  C Y N 291 
TRP CD2  C Y N 292 
TRP NE1  N Y N 293 
TRP CE2  C Y N 294 
TRP CE3  C Y N 295 
TRP CZ2  C Y N 296 
TRP CZ3  C Y N 297 
TRP CH2  C Y N 298 
TRP OXT  O N N 299 
TRP H    H N N 300 
TRP H2   H N N 301 
TRP HA   H N N 302 
TRP HB2  H N N 303 
TRP HB3  H N N 304 
TRP HD1  H N N 305 
TRP HE1  H N N 306 
TRP HE3  H N N 307 
TRP HZ2  H N N 308 
TRP HZ3  H N N 309 
TRP HH2  H N N 310 
TRP HXT  H N N 311 
TYR N    N N N 312 
TYR CA   C N S 313 
TYR C    C N N 314 
TYR O    O N N 315 
TYR CB   C N N 316 
TYR CG   C Y N 317 
TYR CD1  C Y N 318 
TYR CD2  C Y N 319 
TYR CE1  C Y N 320 
TYR CE2  C Y N 321 
TYR CZ   C Y N 322 
TYR OH   O N N 323 
TYR OXT  O N N 324 
TYR H    H N N 325 
TYR H2   H N N 326 
TYR HA   H N N 327 
TYR HB2  H N N 328 
TYR HB3  H N N 329 
TYR HD1  H N N 330 
TYR HD2  H N N 331 
TYR HE1  H N N 332 
TYR HE2  H N N 333 
TYR HH   H N N 334 
TYR HXT  H N N 335 
VAL N    N N N 336 
VAL CA   C N S 337 
VAL C    C N N 338 
VAL O    O N N 339 
VAL CB   C N N 340 
VAL CG1  C N N 341 
VAL CG2  C N N 342 
VAL OXT  O N N 343 
VAL H    H N N 344 
VAL H2   H N N 345 
VAL HA   H N N 346 
VAL HB   H N N 347 
VAL HG11 H N N 348 
VAL HG12 H N N 349 
VAL HG13 H N N 350 
VAL HG21 H N N 351 
VAL HG22 H N N 352 
VAL HG23 H N N 353 
VAL HXT  H N N 354 
# 
loop_
_chem_comp_bond.comp_id 
_chem_comp_bond.atom_id_1 
_chem_comp_bond.atom_id_2 
_chem_comp_bond.value_order 
_chem_comp_bond.pdbx_aromatic_flag 
_chem_comp_bond.pdbx_stereo_config 
_chem_comp_bond.pdbx_ordinal 
ALA N   CA   sing N N 1   
ALA N   H    sing N N 2   
ALA N   H2   sing N N 3   
ALA CA  C    sing N N 4   
ALA CA  CB   sing N N 5   
ALA CA  HA   sing N N 6   
ALA C   O    doub N N 7   
ALA C   OXT  sing N N 8   
ALA CB  HB1  sing N N 9   
ALA CB  HB2  sing N N 10  
ALA CB  HB3  sing N N 11  
ALA OXT HXT  sing N N 12  
ARG N   CA   sing N N 13  
ARG N   H    sing N N 14  
ARG N   H2   sing N N 15  
ARG CA  C    sing N N 16  
ARG CA  CB   sing N N 17  
ARG CA  HA   sing N N 18  
ARG C   O    doub N N 19  
ARG C   OXT  sing N N 20  
ARG CB  CG   sing N N 21  
ARG CB  HB2  sing N N 22  
ARG CB  HB3  sing N N 23  
ARG CG  CD   sing N N 24  
ARG CG  HG2  sing N N 25  
ARG CG  HG3  sing N N 26  
ARG CD  NE   sing N N 27  
ARG CD  HD2  sing N N 28  
ARG CD  HD3  sing N N 29  
ARG NE  CZ   sing N N 30  
ARG NE  HE   sing N N 31  
ARG CZ  NH1  sing N N 32  
ARG CZ  NH2  doub N N 33  
ARG NH1 HH11 sing N N 34  
ARG NH1 HH12 sing N N 35  
ARG NH2 HH21 sing N N 36  
ARG NH2 HH22 sing N N 37  
ARG OXT HXT  sing N N 38  
ASN N   CA   sing N N 39  
ASN N   H    sing N N 40  
ASN N   H2   sing N N 41  
ASN CA  C    sing N N 42  
ASN CA  CB   sing N N 43  
ASN CA  HA   sing N N 44  
ASN C   O    doub N N 45  
ASN C   OXT  sing N N 46  
ASN CB  CG   sing N N 47  
ASN CB  HB2  sing N N 48  
ASN CB  HB3  sing N N 49  
ASN CG  OD1  doub N N 50  
ASN CG  ND2  sing N N 51  
ASN ND2 HD21 sing N N 52  
ASN ND2 HD22 sing N N 53  
ASN OXT HXT  sing N N 54  
ASP N   CA   sing N N 55  
ASP N   H    sing N N 56  
ASP N   H2   sing N N 57  
ASP CA  C    sing N N 58  
ASP CA  CB   sing N N 59  
ASP CA  HA   sing N N 60  
ASP C   O    doub N N 61  
ASP C   OXT  sing N N 62  
ASP CB  CG   sing N N 63  
ASP CB  HB2  sing N N 64  
ASP CB  HB3  sing N N 65  
ASP CG  OD1  doub N N 66  
ASP CG  OD2  sing N N 67  
ASP OD2 HD2  sing N N 68  
ASP OXT HXT  sing N N 69  
CYS N   CA   sing N N 70  
CYS N   H    sing N N 71  
CYS N   H2   sing N N 72  
CYS CA  C    sing N N 73  
CYS CA  CB   sing N N 74  
CYS CA  HA   sing N N 75  
CYS C   O    doub N N 76  
CYS C   OXT  sing N N 77  
CYS CB  SG   sing N N 78  
CYS CB  HB2  sing N N 79  
CYS CB  HB3  sing N N 80  
CYS SG  HG   sing N N 81  
CYS OXT HXT  sing N N 82  
GLN N   CA   sing N N 83  
GLN N   H    sing N N 84  
GLN N   H2   sing N N 85  
GLN CA  C    sing N N 86  
GLN CA  CB   sing N N 87  
GLN CA  HA   sing N N 88  
GLN C   O    doub N N 89  
GLN C   OXT  sing N N 90  
GLN CB  CG   sing N N 91  
GLN CB  HB2  sing N N 92  
GLN CB  HB3  sing N N 93  
GLN CG  CD   sing N N 94  
GLN CG  HG2  sing N N 95  
GLN CG  HG3  sing N N 96  
GLN CD  OE1  doub N N 97  
GLN CD  NE2  sing N N 98  
GLN NE2 HE21 sing N N 99  
GLN NE2 HE22 sing N N 100 
GLN OXT HXT  sing N N 101 
GLU N   CA   sing N N 102 
GLU N   H    sing N N 103 
GLU N   H2   sing N N 104 
GLU CA  C    sing N N 105 
GLU CA  CB   sing N N 106 
GLU CA  HA   sing N N 107 
GLU C   O    doub N N 108 
GLU C   OXT  sing N N 109 
GLU CB  CG   sing N N 110 
GLU CB  HB2  sing N N 111 
GLU CB  HB3  sing N N 112 
GLU CG  CD   sing N N 113 
GLU CG  HG2  sing N N 114 
GLU CG  HG3  sing N N 115 
GLU CD  OE1  doub N N 116 
GLU CD  OE2  sing N N 117 
GLU OE2 HE2  sing N N 118 
GLU OXT HXT  sing N N 119 
GLY N   CA   sing N N 120 
GLY N   H    sing N N 121 
GLY N   H2   sing N N 122 
GLY CA  C    sing N N 123 
GLY CA  HA2  sing N N 124 
GLY CA  HA3  sing N N 125 
GLY C   O    doub N N 126 
GLY C   OXT  sing N N 127 
GLY OXT HXT  sing N N 128 
HOH O   H1   sing N N 129 
HOH O   H2   sing N N 130 
ILE N   CA   sing N N 131 
ILE N   H    sing N N 132 
ILE N   H2   sing N N 133 
ILE CA  C    sing N N 134 
ILE CA  CB   sing N N 135 
ILE CA  HA   sing N N 136 
ILE C   O    doub N N 137 
ILE C   OXT  sing N N 138 
ILE CB  CG1  sing N N 139 
ILE CB  CG2  sing N N 140 
ILE CB  HB   sing N N 141 
ILE CG1 CD1  sing N N 142 
ILE CG1 HG12 sing N N 143 
ILE CG1 HG13 sing N N 144 
ILE CG2 HG21 sing N N 145 
ILE CG2 HG22 sing N N 146 
ILE CG2 HG23 sing N N 147 
ILE CD1 HD11 sing N N 148 
ILE CD1 HD12 sing N N 149 
ILE CD1 HD13 sing N N 150 
ILE OXT HXT  sing N N 151 
LEU N   CA   sing N N 152 
LEU N   H    sing N N 153 
LEU N   H2   sing N N 154 
LEU CA  C    sing N N 155 
LEU CA  CB   sing N N 156 
LEU CA  HA   sing N N 157 
LEU C   O    doub N N 158 
LEU C   OXT  sing N N 159 
LEU CB  CG   sing N N 160 
LEU CB  HB2  sing N N 161 
LEU CB  HB3  sing N N 162 
LEU CG  CD1  sing N N 163 
LEU CG  CD2  sing N N 164 
LEU CG  HG   sing N N 165 
LEU CD1 HD11 sing N N 166 
LEU CD1 HD12 sing N N 167 
LEU CD1 HD13 sing N N 168 
LEU CD2 HD21 sing N N 169 
LEU CD2 HD22 sing N N 170 
LEU CD2 HD23 sing N N 171 
LEU OXT HXT  sing N N 172 
LYS N   CA   sing N N 173 
LYS N   H    sing N N 174 
LYS N   H2   sing N N 175 
LYS CA  C    sing N N 176 
LYS CA  CB   sing N N 177 
LYS CA  HA   sing N N 178 
LYS C   O    doub N N 179 
LYS C   OXT  sing N N 180 
LYS CB  CG   sing N N 181 
LYS CB  HB2  sing N N 182 
LYS CB  HB3  sing N N 183 
LYS CG  CD   sing N N 184 
LYS CG  HG2  sing N N 185 
LYS CG  HG3  sing N N 186 
LYS CD  CE   sing N N 187 
LYS CD  HD2  sing N N 188 
LYS CD  HD3  sing N N 189 
LYS CE  NZ   sing N N 190 
LYS CE  HE2  sing N N 191 
LYS CE  HE3  sing N N 192 
LYS NZ  HZ1  sing N N 193 
LYS NZ  HZ2  sing N N 194 
LYS NZ  HZ3  sing N N 195 
LYS OXT HXT  sing N N 196 
PHE N   CA   sing N N 197 
PHE N   H    sing N N 198 
PHE N   H2   sing N N 199 
PHE CA  C    sing N N 200 
PHE CA  CB   sing N N 201 
PHE CA  HA   sing N N 202 
PHE C   O    doub N N 203 
PHE C   OXT  sing N N 204 
PHE CB  CG   sing N N 205 
PHE CB  HB2  sing N N 206 
PHE CB  HB3  sing N N 207 
PHE CG  CD1  doub Y N 208 
PHE CG  CD2  sing Y N 209 
PHE CD1 CE1  sing Y N 210 
PHE CD1 HD1  sing N N 211 
PHE CD2 CE2  doub Y N 212 
PHE CD2 HD2  sing N N 213 
PHE CE1 CZ   doub Y N 214 
PHE CE1 HE1  sing N N 215 
PHE CE2 CZ   sing Y N 216 
PHE CE2 HE2  sing N N 217 
PHE CZ  HZ   sing N N 218 
PHE OXT HXT  sing N N 219 
PO4 P   O1   doub N N 220 
PO4 P   O2   sing N N 221 
PO4 P   O3   sing N N 222 
PO4 P   O4   sing N N 223 
PRO N   CA   sing N N 224 
PRO N   CD   sing N N 225 
PRO N   H    sing N N 226 
PRO CA  C    sing N N 227 
PRO CA  CB   sing N N 228 
PRO CA  HA   sing N N 229 
PRO C   O    doub N N 230 
PRO C   OXT  sing N N 231 
PRO CB  CG   sing N N 232 
PRO CB  HB2  sing N N 233 
PRO CB  HB3  sing N N 234 
PRO CG  CD   sing N N 235 
PRO CG  HG2  sing N N 236 
PRO CG  HG3  sing N N 237 
PRO CD  HD2  sing N N 238 
PRO CD  HD3  sing N N 239 
PRO OXT HXT  sing N N 240 
SER N   CA   sing N N 241 
SER N   H    sing N N 242 
SER N   H2   sing N N 243 
SER CA  C    sing N N 244 
SER CA  CB   sing N N 245 
SER CA  HA   sing N N 246 
SER C   O    doub N N 247 
SER C   OXT  sing N N 248 
SER CB  OG   sing N N 249 
SER CB  HB2  sing N N 250 
SER CB  HB3  sing N N 251 
SER OG  HG   sing N N 252 
SER OXT HXT  sing N N 253 
THR N   CA   sing N N 254 
THR N   H    sing N N 255 
THR N   H2   sing N N 256 
THR CA  C    sing N N 257 
THR CA  CB   sing N N 258 
THR CA  HA   sing N N 259 
THR C   O    doub N N 260 
THR C   OXT  sing N N 261 
THR CB  OG1  sing N N 262 
THR CB  CG2  sing N N 263 
THR CB  HB   sing N N 264 
THR OG1 HG1  sing N N 265 
THR CG2 HG21 sing N N 266 
THR CG2 HG22 sing N N 267 
THR CG2 HG23 sing N N 268 
THR OXT HXT  sing N N 269 
TRP N   CA   sing N N 270 
TRP N   H    sing N N 271 
TRP N   H2   sing N N 272 
TRP CA  C    sing N N 273 
TRP CA  CB   sing N N 274 
TRP CA  HA   sing N N 275 
TRP C   O    doub N N 276 
TRP C   OXT  sing N N 277 
TRP CB  CG   sing N N 278 
TRP CB  HB2  sing N N 279 
TRP CB  HB3  sing N N 280 
TRP CG  CD1  doub Y N 281 
TRP CG  CD2  sing Y N 282 
TRP CD1 NE1  sing Y N 283 
TRP CD1 HD1  sing N N 284 
TRP CD2 CE2  doub Y N 285 
TRP CD2 CE3  sing Y N 286 
TRP NE1 CE2  sing Y N 287 
TRP NE1 HE1  sing N N 288 
TRP CE2 CZ2  sing Y N 289 
TRP CE3 CZ3  doub Y N 290 
TRP CE3 HE3  sing N N 291 
TRP CZ2 CH2  doub Y N 292 
TRP CZ2 HZ2  sing N N 293 
TRP CZ3 CH2  sing Y N 294 
TRP CZ3 HZ3  sing N N 295 
TRP CH2 HH2  sing N N 296 
TRP OXT HXT  sing N N 297 
TYR N   CA   sing N N 298 
TYR N   H    sing N N 299 
TYR N   H2   sing N N 300 
TYR CA  C    sing N N 301 
TYR CA  CB   sing N N 302 
TYR CA  HA   sing N N 303 
TYR C   O    doub N N 304 
TYR C   OXT  sing N N 305 
TYR CB  CG   sing N N 306 
TYR CB  HB2  sing N N 307 
TYR CB  HB3  sing N N 308 
TYR CG  CD1  doub Y N 309 
TYR CG  CD2  sing Y N 310 
TYR CD1 CE1  sing Y N 311 
TYR CD1 HD1  sing N N 312 
TYR CD2 CE2  doub Y N 313 
TYR CD2 HD2  sing N N 314 
TYR CE1 CZ   doub Y N 315 
TYR CE1 HE1  sing N N 316 
TYR CE2 CZ   sing Y N 317 
TYR CE2 HE2  sing N N 318 
TYR CZ  OH   sing N N 319 
TYR OH  HH   sing N N 320 
TYR OXT HXT  sing N N 321 
VAL N   CA   sing N N 322 
VAL N   H    sing N N 323 
VAL N   H2   sing N N 324 
VAL CA  C    sing N N 325 
VAL CA  CB   sing N N 326 
VAL CA  HA   sing N N 327 
VAL C   O    doub N N 328 
VAL C   OXT  sing N N 329 
VAL CB  CG1  sing N N 330 
VAL CB  CG2  sing N N 331 
VAL CB  HB   sing N N 332 
VAL CG1 HG11 sing N N 333 
VAL CG1 HG12 sing N N 334 
VAL CG1 HG13 sing N N 335 
VAL CG2 HG21 sing N N 336 
VAL CG2 HG22 sing N N 337 
VAL CG2 HG23 sing N N 338 
VAL OXT HXT  sing N N 339 
# 
_pdbx_initial_refinement_model.id               1 
_pdbx_initial_refinement_model.entity_id_list   ? 
_pdbx_initial_refinement_model.type             'experimental model' 
_pdbx_initial_refinement_model.source_name      PDB 
_pdbx_initial_refinement_model.accession_code   2KNT 
_pdbx_initial_refinement_model.details          'PDB ENTRY 2KNT' 
# 
_atom_sites.entry_id                    1KTH 
_atom_sites.fract_transf_matrix[1][1]   -0.04002294 
_atom_sites.fract_transf_matrix[1][2]   0.00850673 
_atom_sites.fract_transf_matrix[1][3]   0.00929799 
_atom_sites.fract_transf_matrix[2][1]   -0.00661097 
_atom_sites.fract_transf_matrix[2][2]   -0.02499946 
_atom_sites.fract_transf_matrix[2][3]   -0.00558474 
_atom_sites.fract_transf_matrix[3][1]   -0.00595089 
_atom_sites.fract_transf_matrix[3][2]   -0.00649804 
_atom_sites.fract_transf_matrix[3][3]   0.03613216 
_atom_sites.fract_transf_vector[1]      0.313977 
_atom_sites.fract_transf_vector[2]      -0.000098 
_atom_sites.fract_transf_vector[3]      0.486314 
# 
loop_
_atom_type.symbol 
C 
N 
O 
P 
S 
# 
loop_
_atom_site.group_PDB 
_atom_site.id 
_atom_site.type_symbol 
_atom_site.label_atom_id 
_atom_site.label_alt_id 
_atom_site.label_comp_id 
_atom_site.label_asym_id 
_atom_site.label_entity_id 
_atom_site.label_seq_id 
_atom_site.pdbx_PDB_ins_code 
_atom_site.Cartn_x 
_atom_site.Cartn_y 
_atom_site.Cartn_z 
_atom_site.occupancy 
_atom_site.B_iso_or_equiv 
_atom_site.pdbx_formal_charge 
_atom_site.auth_seq_id 
_atom_site.auth_comp_id 
_atom_site.auth_asym_id 
_atom_site.auth_atom_id 
_atom_site.pdbx_PDB_model_num 
ATOM   1   N N   . GLU A 1 1  ? 9.109   -10.886 3.780   1.00 45.47 ? 1   GLU A N   1 
ATOM   2   C CA  . GLU A 1 1  ? 7.839   -11.594 3.544   1.00 39.65 ? 1   GLU A CA  1 
ATOM   3   C C   . GLU A 1 1  ? 7.441   -11.518 2.075   1.00 31.29 ? 1   GLU A C   1 
ATOM   4   O O   . GLU A 1 1  ? 8.376   -11.521 1.263   1.00 43.10 ? 1   GLU A O   1 
ATOM   5   C CB  . GLU A 1 1  ? 6.768   -11.069 4.497   1.00 42.91 ? 1   GLU A CB  1 
ATOM   6   C CG  . GLU A 1 1  ? 6.094   -9.781  4.095   0.50 35.24 ? 1   GLU A CG  1 
ATOM   7   C CD  . GLU A 1 1  ? 7.002   -8.591  3.908   0.50 28.94 ? 1   GLU A CD  1 
ATOM   8   O OE1 . GLU A 1 1  ? 6.737   -7.549  4.540   0.50 23.30 ? 1   GLU A OE1 1 
ATOM   9   O OE2 . GLU A 1 1  ? 7.976   -8.632  3.124   0.50 41.25 ? 1   GLU A OE2 1 
ATOM   10  N N   . THR A 1 2  ? 6.184   -11.489 1.634   1.00 34.29 ? 2   THR A N   1 
ATOM   11  C CA  . THR A 1 2  ? 5.998   -11.581 0.164   1.00 26.41 ? 2   THR A CA  1 
ATOM   12  C C   . THR A 1 2  ? 6.449   -10.316 -0.545  1.00 23.53 ? 2   THR A C   1 
ATOM   13  O O   . THR A 1 2  ? 6.229   -9.236  0.043   1.00 19.57 ? 2   THR A O   1 
ATOM   14  C CB  . THR A 1 2  ? 4.539   -11.866 -0.222  1.00 33.45 ? 2   THR A CB  1 
ATOM   15  O OG1 . THR A 1 2  ? 4.316   -11.456 -1.562  1.00 24.08 ? 2   THR A OG1 1 
ATOM   16  C CG2 . THR A 1 2  ? 3.544   -11.072 0.626   1.00 55.99 ? 2   THR A CG2 1 
ATOM   17  N N   . ASP A 1 3  ? 6.979   -10.426 -1.757  1.00 23.87 ? 3   ASP A N   1 
ATOM   18  C CA  . ASP A 1 3  ? 7.534   -9.336  -2.547  1.00 20.42 ? 3   ASP A CA  1 
ATOM   19  C C   . ASP A 1 3  ? 6.445   -8.308  -2.968  1.00 13.45 ? 3   ASP A C   1 
ATOM   20  O O   . ASP A 1 3  ? 6.797   -7.134  -3.175  1.00 14.36 ? 3   ASP A O   1 
ATOM   21  C CB  . ASP A 1 3  ? 8.388   -9.712  -3.741  1.00 27.04 ? 3   ASP A CB  1 
ATOM   22  C CG  A ASP A 1 3  ? 9.248   -8.575  -4.187  0.50 39.47 ? 3   ASP A CG  1 
ATOM   23  C CG  B ASP A 1 3  ? 9.746   -10.270 -3.401  0.50 35.63 ? 3   ASP A CG  1 
ATOM   24  O OD1 A ASP A 1 3  ? 9.012   -7.447  -3.702  0.50 54.32 ? 3   ASP A OD1 1 
ATOM   25  O OD1 B ASP A 1 3  ? 10.275  -10.161 -2.284  0.50 50.47 ? 3   ASP A OD1 1 
ATOM   26  O OD2 A ASP A 1 3  ? 10.164  -8.746  -5.024  0.50 57.94 ? 3   ASP A OD2 1 
ATOM   27  O OD2 B ASP A 1 3  ? 10.342  -10.884 -4.321  0.50 51.79 ? 3   ASP A OD2 1 
ATOM   28  N N   . ILE A 1 4  ? 5.151   -8.621  -2.958  1.00 12.93 ? 4   ILE A N   1 
ATOM   29  C CA  . ILE A 1 4  ? 4.125   -7.585  -3.101  1.00 11.42 ? 4   ILE A CA  1 
ATOM   30  C C   . ILE A 1 4  ? 4.342   -6.494  -2.039  1.00 10.30 ? 4   ILE A C   1 
ATOM   31  O O   . ILE A 1 4  ? 4.167   -5.293  -2.337  1.00 10.86 ? 4   ILE A O   1 
ATOM   32  C CB  . ILE A 1 4  ? 2.716   -8.186  -2.941  1.00 12.20 ? 4   ILE A CB  1 
ATOM   33  C CG1 . ILE A 1 4  ? 2.347   -9.208  -4.049  1.00 16.04 ? 4   ILE A CG1 1 
ATOM   34  C CG2 . ILE A 1 4  ? 1.621   -7.131  -2.817  1.00 13.72 ? 4   ILE A CG2 1 
ATOM   35  C CD1 . ILE A 1 4  ? 2.484   -8.722  -5.462  1.00 20.99 ? 4   ILE A CD1 1 
ATOM   36  N N   . CYS A 1 5  ? 4.714   -6.858  -0.820  1.00 10.27 ? 5   CYS A N   1 
ATOM   37  C CA  . CYS A 1 5  ? 4.864   -5.852  0.239   1.00 11.25 ? 5   CYS A CA  1 
ATOM   38  C C   . CYS A 1 5  ? 6.082   -4.926  0.062   1.00 11.13 ? 5   CYS A C   1 
ATOM   39  O O   . CYS A 1 5  ? 6.167   -3.897  0.734   1.00 12.01 ? 5   CYS A O   1 
ATOM   40  C CB  . CYS A 1 5  ? 5.078   -6.583  1.561   1.00 12.48 ? 5   CYS A CB  1 
ATOM   41  S SG  . CYS A 1 5  ? 3.669   -7.582  2.113   1.00 13.68 ? 5   CYS A SG  1 
ATOM   42  N N   . LYS A 1 6  ? 6.970   -5.323  -0.858  1.00 11.65 ? 6   LYS A N   1 
ATOM   43  C CA  . LYS A 1 6  ? 8.166   -4.507  -1.142  1.00 11.72 ? 6   LYS A CA  1 
ATOM   44  C C   . LYS A 1 6  ? 7.988   -3.682  -2.400  1.00 12.01 ? 6   LYS A C   1 
ATOM   45  O O   . LYS A 1 6  ? 8.922   -2.945  -2.734  1.00 14.38 ? 6   LYS A O   1 
ATOM   46  C CB  . LYS A 1 6  ? 9.370   -5.450  -1.303  1.00 13.04 ? 6   LYS A CB  1 
ATOM   47  C CG  . LYS A 1 6  ? 9.683   -6.104  0.029   1.00 17.04 ? 6   LYS A CG  1 
ATOM   48  C CD  . LYS A 1 6  ? 10.980  -6.893  0.051   1.00 24.29 ? 6   LYS A CD  1 
ATOM   49  C CE  . LYS A 1 6  ? 10.733  -8.340  -0.217  1.00 31.27 ? 6   LYS A CE  1 
ATOM   50  N NZ  . LYS A 1 6  ? 11.984  -9.107  -0.482  1.00 27.11 ? 6   LYS A NZ  1 
ATOM   51  N N   . LEU A 1 7  ? 6.833   -3.771  -3.092  1.00 11.86 ? 7   LEU A N   1 
ATOM   52  C CA  . LEU A 1 7  ? 6.591   -2.911  -4.242  1.00 11.98 ? 7   LEU A CA  1 
ATOM   53  C C   . LEU A 1 7  ? 6.537   -1.455  -3.813  1.00 11.30 ? 7   LEU A C   1 
ATOM   54  O O   . LEU A 1 7  ? 6.109   -1.173  -2.706  1.00 11.14 ? 7   LEU A O   1 
ATOM   55  C CB  . LEU A 1 7  ? 5.261   -3.298  -4.935  1.00 12.05 ? 7   LEU A CB  1 
ATOM   56  C CG  . LEU A 1 7  ? 5.230   -4.673  -5.628  1.00 15.23 ? 7   LEU A CG  1 
ATOM   57  C CD1 . LEU A 1 7  ? 3.795   -5.070  -5.919  1.00 14.81 ? 7   LEU A CD1 1 
ATOM   58  C CD2 . LEU A 1 7  ? 6.097   -4.632  -6.897  1.00 16.97 ? 7   LEU A CD2 1 
ATOM   59  N N   . PRO A 1 8  ? 6.930   -0.553  -4.678  1.00 11.58 ? 8   PRO A N   1 
ATOM   60  C CA  . PRO A 1 8  ? 6.865   0.864   -4.294  1.00 11.98 ? 8   PRO A CA  1 
ATOM   61  C C   . PRO A 1 8  ? 5.458   1.367   -4.143  1.00 10.76 ? 8   PRO A C   1 
ATOM   62  O O   . PRO A 1 8  ? 4.540   0.881   -4.812  1.00 13.04 ? 8   PRO A O   1 
ATOM   63  C CB  . PRO A 1 8  ? 7.535   1.563   -5.480  1.00 14.34 ? 8   PRO A CB  1 
ATOM   64  C CG  . PRO A 1 8  ? 7.350   0.614   -6.624  1.00 16.82 ? 8   PRO A CG  1 
ATOM   65  C CD  . PRO A 1 8  ? 7.446   -0.764  -6.038  1.00 14.10 ? 8   PRO A CD  1 
ATOM   66  N N   . LYS A 1 9  ? 5.306   2.385   -3.303  1.00 10.55 ? 9   LYS A N   1 
ATOM   67  C CA  . LYS A 1 9  ? 4.039   3.130   -3.272  1.00 10.37 ? 9   LYS A CA  1 
ATOM   68  C C   . LYS A 1 9  ? 3.729   3.610   -4.694  1.00 11.34 ? 9   LYS A C   1 
ATOM   69  O O   . LYS A 1 9  ? 4.614   4.256   -5.309  1.00 12.55 ? 9   LYS A O   1 
ATOM   70  C CB  . LYS A 1 9  ? 4.252   4.347   -2.368  1.00 11.87 ? 9   LYS A CB  1 
ATOM   71  C CG  . LYS A 1 9  ? 3.041   5.280   -2.211  1.00 14.21 ? 9   LYS A CG  1 
ATOM   72  C CD  . LYS A 1 9  ? 3.498   6.650   -1.621  1.00 20.62 ? 9   LYS A CD  1 
ATOM   73  C CE  . LYS A 1 9  ? 3.985   7.481   -2.794  1.00 25.21 ? 9   LYS A CE  1 
ATOM   74  N NZ  . LYS A 1 9  ? 4.371   8.858   -2.398  1.00 36.02 ? 9   LYS A NZ  1 
ATOM   75  N N   . ASP A 1 10 ? 2.514   3.379   -5.169  1.00 10.34 ? 10  ASP A N   1 
ATOM   76  C CA  . ASP A 1 10 ? 2.146   3.774   -6.526  1.00 11.03 ? 10  ASP A CA  1 
ATOM   77  C C   . ASP A 1 10 ? 0.794   4.477   -6.483  1.00 9.67  ? 10  ASP A C   1 
ATOM   78  O O   . ASP A 1 10 ? -0.266  3.890   -6.459  1.00 10.23 ? 10  ASP A O   1 
ATOM   79  C CB  . ASP A 1 10 ? 2.102   2.533   -7.405  1.00 13.62 ? 10  ASP A CB  1 
ATOM   80  C CG  . ASP A 1 10 ? 1.792   2.751   -8.859  1.00 17.18 ? 10  ASP A CG  1 
ATOM   81  O OD1 . ASP A 1 10 ? 1.612   3.942   -9.223  1.00 16.20 ? 10  ASP A OD1 1 
ATOM   82  O OD2 . ASP A 1 10 ? 1.729   1.698   -9.576  1.00 26.63 ? 10  ASP A OD2 1 
ATOM   83  N N   . GLU A 1 11 ? 0.862   5.821   -6.517  1.00 9.66  ? 11  GLU A N   1 
ATOM   84  C CA  . GLU A 1 11 ? -0.336  6.633   -6.528  1.00 9.37  ? 11  GLU A CA  1 
ATOM   85  C C   . GLU A 1 11 ? -1.154  6.424   -7.774  1.00 9.39  ? 11  GLU A C   1 
ATOM   86  O O   . GLU A 1 11 ? -2.337  6.790   -7.811  1.00 10.20 ? 11  GLU A O   1 
ATOM   87  C CB  . GLU A 1 11 ? 0.053   8.123   -6.394  1.00 11.45 ? 11  GLU A CB  1 
ATOM   88  C CG  . GLU A 1 11 ? 0.568   8.485   -5.050  1.00 12.16 ? 11  GLU A CG  1 
ATOM   89  C CD  . GLU A 1 11 ? 1.012   9.947   -4.918  1.00 15.25 ? 11  GLU A CD  1 
ATOM   90  O OE1 . GLU A 1 11 ? 1.295   10.569  -5.933  1.00 20.08 ? 11  GLU A OE1 1 
ATOM   91  O OE2 . GLU A 1 11 ? 1.133   10.384  -3.785  1.00 26.78 ? 11  GLU A OE2 1 
ATOM   92  N N   . GLY A 1 12 ? -0.543  5.871   -8.829  1.00 10.92 ? 12  GLY A N   1 
ATOM   93  C CA  . GLY A 1 12 ? -1.340  5.619   -10.036 1.00 12.21 ? 12  GLY A CA  1 
ATOM   94  C C   . GLY A 1 12 ? -1.806  6.894   -10.689 1.00 11.22 ? 12  GLY A C   1 
ATOM   95  O O   . GLY A 1 12 ? -1.174  7.965   -10.596 1.00 12.82 ? 12  GLY A O   1 
ATOM   96  N N   . THR A 1 13 ? -2.903  6.763   -11.444 1.00 11.60 ? 13  THR A N   1 
ATOM   97  C CA  . THR A 1 13 ? -3.442  7.853   -12.239 1.00 13.33 ? 13  THR A CA  1 
ATOM   98  C C   . THR A 1 13 ? -4.970  7.715   -12.112 0.33 8.25  ? 13  THR A C   1 
ATOM   99  O O   . THR A 1 13 ? -5.467  6.865   -11.341 1.00 10.86 ? 13  THR A O   1 
ATOM   100 C CB  . THR A 1 13 ? -2.989  7.782   -13.701 1.00 21.33 ? 13  THR A CB  1 
ATOM   101 O OG1 A THR A 1 13 ? -3.255  6.412   -14.154 0.33 22.78 ? 13  THR A OG1 1 
ATOM   102 O OG1 B THR A 1 13 ? -1.606  7.464   -13.920 0.33 23.13 ? 13  THR A OG1 1 
ATOM   103 O OG1 C THR A 1 13 ? -3.211  9.075   -14.292 0.33 23.39 ? 13  THR A OG1 1 
ATOM   104 C CG2 A THR A 1 13 ? -1.493  7.980   -13.881 0.33 23.88 ? 13  THR A CG2 1 
ATOM   105 C CG2 B THR A 1 13 ? -3.104  9.207   -14.290 0.33 23.51 ? 13  THR A CG2 1 
ATOM   106 C CG2 C THR A 1 13 ? -3.851  6.728   -14.355 0.33 26.63 ? 13  THR A CG2 1 
ATOM   107 N N   . CYS A 1 14 ? -5.677  8.566   -12.887 1.00 11.69 ? 14  CYS A N   1 
ATOM   108 C CA  . CYS A 1 14 ? -7.102  8.723   -12.781 1.00 11.55 ? 14  CYS A CA  1 
ATOM   109 C C   . CYS A 1 14 ? -7.435  9.593   -11.558 1.00 10.52 ? 14  CYS A C   1 
ATOM   110 O O   . CYS A 1 14 ? -6.590  9.923   -10.722 1.00 12.19 ? 14  CYS A O   1 
ATOM   111 C CB  . CYS A 1 14 ? -7.914  7.431   -12.823 1.00 11.83 ? 14  CYS A CB  1 
ATOM   112 S SG  . CYS A 1 14 ? -7.671  6.565   -14.402 1.00 13.21 ? 14  CYS A SG  1 
ATOM   113 N N   . ARG A 1 15 ? -8.708  9.924   -11.498 1.00 11.86 ? 15  ARG A N   1 
ATOM   114 C CA  . ARG A 1 15 ? -9.126  10.964  -10.554 1.00 11.79 ? 15  ARG A CA  1 
ATOM   115 C C   . ARG A 1 15 ? -10.291 10.460  -9.717  1.00 11.75 ? 15  ARG A C   1 
ATOM   116 O O   . ARG A 1 15 ? -11.114 11.231  -9.228  1.00 16.33 ? 15  ARG A O   1 
ATOM   117 C CB  . ARG A 1 15 ? -9.455  12.292  -11.226 1.00 14.34 ? 15  ARG A CB  1 
ATOM   118 C CG  . ARG A 1 15 ? -8.411  12.878  -12.153 1.00 15.90 ? 15  ARG A CG  1 
ATOM   119 C CD  . ARG A 1 15 ? -7.208  13.355  -11.299 1.00 17.28 ? 15  ARG A CD  1 
ATOM   120 N NE  . ARG A 1 15 ? -6.106  13.833  -12.125 1.00 17.50 ? 15  ARG A NE  1 
ATOM   121 C CZ  . ARG A 1 15 ? -5.931  15.049  -12.544 1.00 17.94 ? 15  ARG A CZ  1 
ATOM   122 N NH1 . ARG A 1 15 ? -6.825  15.999  -12.166 1.00 19.14 ? 15  ARG A NH1 1 
ATOM   123 N NH2 . ARG A 1 15 ? -4.886  15.386  -13.324 1.00 19.86 ? 15  ARG A NH2 1 
ATOM   124 N N   . ASP A 1 16 ? -10.305 9.134   -9.478  1.00 11.37 ? 16  ASP A N   1 
ATOM   125 C CA  . ASP A 1 16 ? -11.210 8.513   -8.578  1.00 11.79 ? 16  ASP A CA  1 
ATOM   126 C C   . ASP A 1 16 ? -10.509 8.153   -7.264  1.00 10.63 ? 16  ASP A C   1 
ATOM   127 O O   . ASP A 1 16 ? -10.211 7.012   -6.954  1.00 12.72 ? 16  ASP A O   1 
ATOM   128 C CB  . ASP A 1 16 ? -11.765 7.224   -9.249  1.00 14.76 ? 16  ASP A CB  1 
ATOM   129 C CG  . ASP A 1 16 ? -12.872 7.493   -10.253 1.00 18.17 ? 16  ASP A CG  1 
ATOM   130 O OD1 . ASP A 1 16 ? -13.338 6.527   -10.890 1.00 22.89 ? 16  ASP A OD1 1 
ATOM   131 O OD2 . ASP A 1 16 ? -13.304 8.650   -10.473 1.00 23.71 ? 16  ASP A OD2 1 
ATOM   132 N N   . PHE A 1 17 ? -10.188 9.188   -6.483  1.00 10.37 ? 17  PHE A N   1 
ATOM   133 C CA  . PHE A 1 17 ? -9.210  9.057   -5.400  1.00 9.66  ? 17  PHE A CA  1 
ATOM   134 C C   . PHE A 1 17 ? -9.740  8.338   -4.182  1.00 10.45 ? 17  PHE A C   1 
ATOM   135 O O   . PHE A 1 17 ? -10.818 8.638   -3.700  1.00 14.22 ? 17  PHE A O   1 
ATOM   136 C CB  . PHE A 1 17 ? -8.695  10.419  -4.955  1.00 10.53 ? 17  PHE A CB  1 
ATOM   137 C CG  . PHE A 1 17 ? -7.804  11.024  -5.994  1.00 11.25 ? 17  PHE A CG  1 
ATOM   138 C CD1 . PHE A 1 17 ? -6.472  10.589  -6.103  1.00 14.27 ? 17  PHE A CD1 1 
ATOM   139 C CD2 . PHE A 1 17 ? -8.279  11.990  -6.859  1.00 13.73 ? 17  PHE A CD2 1 
ATOM   140 C CE1 . PHE A 1 17 ? -5.691  11.136  -7.086  1.00 17.34 ? 17  PHE A CE1 1 
ATOM   141 C CE2 . PHE A 1 17 ? -7.485  12.575  -7.834  1.00 17.15 ? 17  PHE A CE2 1 
ATOM   142 C CZ  . PHE A 1 17 ? -6.191  12.101  -7.929  1.00 19.70 ? 17  PHE A CZ  1 
ATOM   143 N N   . ILE A 1 18 ? -8.941  7.390   -3.693  1.00 9.03  ? 18  ILE A N   1 
ATOM   144 C CA  . ILE A 1 18 ? -9.260  6.653   -2.476  1.00 9.40  ? 18  ILE A CA  1 
ATOM   145 C C   . ILE A 1 18 ? -7.988  6.622   -1.648  1.00 8.46  ? 18  ILE A C   1 
ATOM   146 O O   . ILE A 1 18 ? -6.870  6.338   -2.160  1.00 8.67  ? 18  ILE A O   1 
ATOM   147 C CB  . ILE A 1 18 ? -9.783  5.227   -2.724  1.00 11.23 ? 18  ILE A CB  1 
ATOM   148 C CG1 A ILE A 1 18 ? -11.083 5.191   -3.431  0.50 10.86 ? 18  ILE A CG1 1 
ATOM   149 C CG1 B ILE A 1 18 ? -10.286 4.413   -1.509  0.50 14.23 ? 18  ILE A CG1 1 
ATOM   150 C CG2 A ILE A 1 18 ? -9.804  4.533   -1.326  0.50 9.84  ? 18  ILE A CG2 1 
ATOM   151 C CG2 B ILE A 1 18 ? -8.800  4.365   -3.484  0.50 15.49 ? 18  ILE A CG2 1 
ATOM   152 C CD1 A ILE A 1 18 ? -11.587 3.850   -3.895  0.50 13.11 ? 18  ILE A CD1 1 
ATOM   153 C CD1 B ILE A 1 18 ? -11.131 3.246   -2.005  0.50 14.23 ? 18  ILE A CD1 1 
ATOM   154 N N   . LEU A 1 19 ? -8.158  6.871   -0.353  1.00 9.00  ? 19  LEU A N   1 
ATOM   155 C CA  . LEU A 1 19 ? -7.064  6.775   0.587   1.00 9.83  ? 19  LEU A CA  1 
ATOM   156 C C   . LEU A 1 19 ? -6.825  5.316   0.968   1.00 9.48  ? 19  LEU A C   1 
ATOM   157 O O   . LEU A 1 19 ? -7.744  4.669   1.504   1.00 13.35 ? 19  LEU A O   1 
ATOM   158 C CB  . LEU A 1 19 ? -7.551  7.567   1.800   1.00 13.47 ? 19  LEU A CB  1 
ATOM   159 C CG  . LEU A 1 19 ? -6.534  8.000   2.825   1.00 14.06 ? 19  LEU A CG  1 
ATOM   160 C CD1 . LEU A 1 19 ? -5.362  8.746   2.223   1.00 14.34 ? 19  LEU A CD1 1 
ATOM   161 C CD2 . LEU A 1 19 ? -7.425  8.888   3.741   1.00 23.85 ? 19  LEU A CD2 1 
ATOM   162 N N   . LYS A 1 20 ? -5.660  4.839   0.646   1.00 7.88  ? 20  LYS A N   1 
ATOM   163 C CA  . LYS A 1 20 ? -5.240  3.459   0.814   1.00 7.58  ? 20  LYS A CA  1 
ATOM   164 C C   . LYS A 1 20 ? -4.025  3.420   1.746   1.00 7.21  ? 20  LYS A C   1 
ATOM   165 O O   . LYS A 1 20 ? -3.502  4.454   2.172   1.00 8.27  ? 20  LYS A O   1 
ATOM   166 C CB  . LYS A 1 20 ? -4.867  2.867   -0.540  1.00 7.82  ? 20  LYS A CB  1 
ATOM   167 C CG  . LYS A 1 20 ? -6.034  2.757   -1.531  1.00 8.62  ? 20  LYS A CG  1 
ATOM   168 C CD  . LYS A 1 20 ? -7.009  1.663   -1.137  1.00 9.54  ? 20  LYS A CD  1 
ATOM   169 C CE  . LYS A 1 20 ? -7.945  1.334   -2.285  1.00 10.84 ? 20  LYS A CE  1 
ATOM   170 N NZ  . LYS A 1 20 ? -8.827  0.190   -1.981  1.00 13.03 ? 20  LYS A NZ  1 
ATOM   171 N N   . TRP A 1 21 ? -3.586  2.201   2.025   1.00 7.63  ? 21  TRP A N   1 
ATOM   172 C CA  . TRP A 1 21 ? -2.383  1.966   2.821   1.00 7.48  ? 21  TRP A CA  1 
ATOM   173 C C   . TRP A 1 21 ? -1.425  1.106   2.004   1.00 7.30  ? 21  TRP A C   1 
ATOM   174 O O   . TRP A 1 21 ? -1.828  0.191   1.252   1.00 7.70  ? 21  TRP A O   1 
ATOM   175 C CB  . TRP A 1 21 ? -2.739  1.184   4.097   1.00 7.84  ? 21  TRP A CB  1 
ATOM   176 C CG  . TRP A 1 21 ? -3.639  2.002   4.986   1.00 8.10  ? 21  TRP A CG  1 
ATOM   177 C CD1 . TRP A 1 21 ? -4.988  2.159   4.888   1.00 9.10  ? 21  TRP A CD1 1 
ATOM   178 C CD2 . TRP A 1 21 ? -3.205  2.809   6.111   1.00 8.00  ? 21  TRP A CD2 1 
ATOM   179 N NE1 . TRP A 1 21 ? -5.439  3.011   5.903   1.00 9.49  ? 21  TRP A NE1 1 
ATOM   180 C CE2 . TRP A 1 21 ? -4.358  3.412   6.656   1.00 9.00  ? 21  TRP A CE2 1 
ATOM   181 C CE3 . TRP A 1 21 ? -1.961  3.058   6.697   1.00 8.85  ? 21  TRP A CE3 1 
ATOM   182 C CZ2 . TRP A 1 21 ? -4.295  4.267   7.785   1.00 9.79  ? 21  TRP A CZ2 1 
ATOM   183 C CZ3 . TRP A 1 21 ? -1.905  3.901   7.816   1.00 9.85  ? 21  TRP A CZ3 1 
ATOM   184 C CH2 . TRP A 1 21 ? -3.069  4.483   8.332   1.00 10.57 ? 21  TRP A CH2 1 
ATOM   185 N N   . TYR A 1 22 ? -0.128  1.356   2.170   1.00 7.78  ? 22  TYR A N   1 
ATOM   186 C CA  . TYR A 1 22 ? 0.927   0.529   1.567   1.00 7.71  ? 22  TYR A CA  1 
ATOM   187 C C   . TYR A 1 22 ? 1.950   0.210   2.646   1.00 7.48  ? 22  TYR A C   1 
ATOM   188 O O   . TYR A 1 22 ? 2.116   0.968   3.635   1.00 8.54  ? 22  TYR A O   1 
ATOM   189 C CB  . TYR A 1 22 ? 1.616   1.189   0.363   1.00 8.34  ? 22  TYR A CB  1 
ATOM   190 C CG  . TYR A 1 22 ? 2.547   2.322   0.762   1.00 8.85  ? 22  TYR A CG  1 
ATOM   191 C CD1 . TYR A 1 22 ? 2.142   3.560   1.206   1.00 9.86  ? 22  TYR A CD1 1 
ATOM   192 C CD2 . TYR A 1 22 ? 3.937   2.060   0.747   1.00 11.30 ? 22  TYR A CD2 1 
ATOM   193 C CE1 . TYR A 1 22 ? 3.048   4.531   1.568   1.00 11.93 ? 22  TYR A CE1 1 
ATOM   194 C CE2 . TYR A 1 22 ? 4.862   3.012   1.141   1.00 12.90 ? 22  TYR A CE2 1 
ATOM   195 C CZ  . TYR A 1 22 ? 4.398   4.248   1.552   1.00 13.18 ? 22  TYR A CZ  1 
ATOM   196 O OH  . TYR A 1 22 ? 5.320   5.220   1.960   1.00 18.57 ? 22  TYR A OH  1 
ATOM   197 N N   . TYR A 1 23 ? 2.668   -0.899  2.466   1.00 7.60  ? 23  TYR A N   1 
ATOM   198 C CA  . TYR A 1 23 ? 3.749   -1.219  3.366   1.00 8.07  ? 23  TYR A CA  1 
ATOM   199 C C   . TYR A 1 23 ? 5.061   -0.563  2.935   1.00 8.26  ? 23  TYR A C   1 
ATOM   200 O O   . TYR A 1 23 ? 5.470   -0.724  1.790   1.00 8.88  ? 23  TYR A O   1 
ATOM   201 C CB  . TYR A 1 23 ? 3.972   -2.732  3.417   1.00 8.87  ? 23  TYR A CB  1 
ATOM   202 C CG  . TYR A 1 23 ? 5.011   -3.190  4.368   1.00 9.71  ? 23  TYR A CG  1 
ATOM   203 C CD1 . TYR A 1 23 ? 4.831   -3.141  5.737   1.00 10.04 ? 23  TYR A CD1 1 
ATOM   204 C CD2 . TYR A 1 23 ? 6.235   -3.696  3.927   1.00 10.60 ? 23  TYR A CD2 1 
ATOM   205 C CE1 . TYR A 1 23 ? 5.775   -3.567  6.638   1.00 11.04 ? 23  TYR A CE1 1 
ATOM   206 C CE2 . TYR A 1 23 ? 7.214   -4.136  4.807   1.00 11.11 ? 23  TYR A CE2 1 
ATOM   207 C CZ  . TYR A 1 23 ? 6.979   -4.064  6.158   1.00 11.79 ? 23  TYR A CZ  1 
ATOM   208 O OH  . TYR A 1 23 ? 7.943   -4.506  7.068   1.00 15.61 ? 23  TYR A OH  1 
ATOM   209 N N   . ASP A 1 24 ? 5.681   0.137   3.875   1.00 9.23  ? 24  ASP A N   1 
ATOM   210 C CA  . ASP A 1 24 ? 6.975   0.751   3.659   1.00 9.74  ? 24  ASP A CA  1 
ATOM   211 C C   . ASP A 1 24 ? 8.027   -0.125  4.300   1.00 9.89  ? 24  ASP A C   1 
ATOM   212 O O   . ASP A 1 24 ? 8.150   -0.153  5.548   1.00 9.62  ? 24  ASP A O   1 
ATOM   213 C CB  . ASP A 1 24 ? 6.989   2.148   4.289   1.00 10.47 ? 24  ASP A CB  1 
ATOM   214 C CG  . ASP A 1 24 ? 8.266   2.900   4.107   1.00 12.57 ? 24  ASP A CG  1 
ATOM   215 O OD1 . ASP A 1 24 ? 9.253   2.291   3.677   1.00 15.12 ? 24  ASP A OD1 1 
ATOM   216 O OD2 . ASP A 1 24 ? 8.285   4.149   4.352   1.00 15.73 ? 24  ASP A OD2 1 
ATOM   217 N N   . PRO A 1 25 ? 8.829   -0.845  3.520   1.00 11.48 ? 25  PRO A N   1 
ATOM   218 C CA  . PRO A 1 25 ? 9.832   -1.719  4.100   1.00 12.82 ? 25  PRO A CA  1 
ATOM   219 C C   . PRO A 1 25 ? 10.923  -0.958  4.818   1.00 12.05 ? 25  PRO A C   1 
ATOM   220 O O   . PRO A 1 25 ? 11.666  -1.578  5.552   1.00 16.36 ? 25  PRO A O   1 
ATOM   221 C CB  . PRO A 1 25 ? 10.325  -2.481  2.870   1.00 16.12 ? 25  PRO A CB  1 
ATOM   222 C CG  . PRO A 1 25 ? 10.120  -1.531  1.715   1.00 20.40 ? 25  PRO A CG  1 
ATOM   223 C CD  . PRO A 1 25 ? 8.811   -0.864  2.035   1.00 16.21 ? 25  PRO A CD  1 
ATOM   224 N N   . ASN A 1 26 ? 11.054  0.354   4.631   1.00 10.80 ? 26  ASN A N   1 
ATOM   225 C CA  . ASN A 1 26 ? 12.122  1.123   5.284   1.00 11.15 ? 26  ASN A CA  1 
ATOM   226 C C   . ASN A 1 26 ? 11.779  1.477   6.715   1.00 12.80 ? 26  ASN A C   1 
ATOM   227 O O   . ASN A 1 26 ? 12.643  1.653   7.572   1.00 15.66 ? 26  ASN A O   1 
ATOM   228 C CB  . ASN A 1 26 ? 12.403  2.393   4.475   1.00 12.50 ? 26  ASN A CB  1 
ATOM   229 C CG  . ASN A 1 26 ? 12.792  2.023   3.061   1.00 12.27 ? 26  ASN A CG  1 
ATOM   230 O OD1 . ASN A 1 26 ? 13.414  0.984   2.881   1.00 16.61 ? 26  ASN A OD1 1 
ATOM   231 N ND2 . ASN A 1 26 ? 12.430  2.798   2.075   1.00 17.39 ? 26  ASN A ND2 1 
ATOM   232 N N   . THR A 1 27 ? 10.483  1.584   7.052   1.00 12.81 ? 27  THR A N   1 
ATOM   233 C CA  . THR A 1 27 ? 10.010  1.798   8.400   1.00 13.20 ? 27  THR A CA  1 
ATOM   234 C C   . THR A 1 27 ? 9.416   0.508   8.937   1.00 13.07 ? 27  THR A C   1 
ATOM   235 O O   . THR A 1 27 ? 9.098   0.414   10.116  1.00 14.64 ? 27  THR A O   1 
ATOM   236 C CB  . THR A 1 27 ? 8.984   2.931   8.505   1.00 13.08 ? 27  THR A CB  1 
ATOM   237 O OG1 . THR A 1 27 ? 7.855   2.540   7.686   1.00 12.64 ? 27  THR A OG1 1 
ATOM   238 C CG2 . THR A 1 27 ? 9.494   4.262   7.942   1.00 16.28 ? 27  THR A CG2 1 
ATOM   239 N N   . LYS A 1 28 ? 9.284   -0.521  8.127   1.00 13.27 ? 28  LYS A N   1 
ATOM   240 C CA  . LYS A 1 28 ? 8.647   -1.788  8.446   1.00 13.86 ? 28  LYS A CA  1 
ATOM   241 C C   . LYS A 1 28 ? 7.251   -1.526  9.093   1.00 11.81 ? 28  LYS A C   1 
ATOM   242 O O   . LYS A 1 28 ? 6.835   -2.159  10.061  1.00 13.44 ? 28  LYS A O   1 
ATOM   243 C CB  . LYS A 1 28 ? 9.564   -2.688  9.246   1.00 16.16 ? 28  LYS A CB  1 
ATOM   244 C CG  . LYS A 1 28 ? 10.799  -3.062  8.447   1.00 17.94 ? 28  LYS A CG  1 
ATOM   245 C CD  . LYS A 1 28 ? 11.668  -4.040  9.200   1.00 21.32 ? 28  LYS A CD  1 
ATOM   246 C CE  . LYS A 1 28 ? 12.862  -4.354  8.279   1.00 22.79 ? 28  LYS A CE  1 
ATOM   247 N NZ  . LYS A 1 28 ? 13.703  -5.413  8.810   1.00 20.67 ? 28  LYS A NZ  1 
ATOM   248 N N   . SER A 1 29 ? 6.533   -0.650  8.399   1.00 10.48 ? 29  SER A N   1 
ATOM   249 C CA  . SER A 1 29 ? 5.173   -0.282  8.812   1.00 9.78  ? 29  SER A CA  1 
ATOM   250 C C   . SER A 1 29 ? 4.414   0.222   7.595   1.00 8.26  ? 29  SER A C   1 
ATOM   251 O O   . SER A 1 29 ? 4.987   0.584   6.604   1.00 9.65  ? 29  SER A O   1 
ATOM   252 C CB  . SER A 1 29 ? 5.205   0.741   9.916   1.00 12.54 ? 29  SER A CB  1 
ATOM   253 O OG  . SER A 1 29 ? 5.708   1.961   9.432   1.00 13.83 ? 29  SER A OG  1 
ATOM   254 N N   . CYS A 1 30 ? 3.089   0.224   7.768   1.00 8.27  ? 30  CYS A N   1 
ATOM   255 C CA  . CYS A 1 30 ? 2.211   0.729   6.696   1.00 8.10  ? 30  CYS A CA  1 
ATOM   256 C C   . CYS A 1 30 ? 1.909   2.214   6.876   1.00 8.33  ? 30  CYS A C   1 
ATOM   257 O O   . CYS A 1 30 ? 1.833   2.731   7.995   1.00 11.44 ? 30  CYS A O   1 
ATOM   258 C CB  . CYS A 1 30 ? 0.902   -0.053  6.713   1.00 9.25  ? 30  CYS A CB  1 
ATOM   259 S SG  . CYS A 1 30 ? 1.178   -1.820  6.359   1.00 9.32  ? 30  CYS A SG  1 
ATOM   260 N N   . ALA A 1 31 ? 1.714   2.847   5.742   1.00 8.74  ? 31  ALA A N   1 
ATOM   261 C CA  . ALA A 1 31 ? 1.466   4.302   5.687   1.00 9.32  ? 31  ALA A CA  1 
ATOM   262 C C   . ALA A 1 31 ? 0.351   4.570   4.678   1.00 8.48  ? 31  ALA A C   1 
ATOM   263 O O   . ALA A 1 31 ? 0.096   3.754   3.759   1.00 8.71  ? 31  ALA A O   1 
ATOM   264 C CB  . ALA A 1 31 ? 2.768   5.007   5.316   1.00 12.29 ? 31  ALA A CB  1 
ATOM   265 N N   . ARG A 1 32 ? -0.270  5.726   4.785   1.00 9.46  ? 32  ARG A N   1 
ATOM   266 C CA  . ARG A 1 32 ? -1.344  6.102   3.889   1.00 8.96  ? 32  ARG A CA  1 
ATOM   267 C C   . ARG A 1 32 ? -0.815  6.631   2.575   1.00 8.81  ? 32  ARG A C   1 
ATOM   268 O O   . ARG A 1 32 ? 0.246   7.270   2.534   1.00 11.33 ? 32  ARG A O   1 
ATOM   269 C CB  . ARG A 1 32 ? -2.197  7.261   4.473   1.00 12.57 ? 32  ARG A CB  1 
ATOM   270 C CG  . ARG A 1 32 ? -3.082  6.774   5.587   1.00 16.51 ? 32  ARG A CG  1 
ATOM   271 C CD  . ARG A 1 32 ? -3.994  7.930   6.060   1.00 21.77 ? 32  ARG A CD  1 
ATOM   272 N NE  . ARG A 1 32 ? -4.576  7.684   7.330   1.00 30.39 ? 32  ARG A NE  1 
ATOM   273 C CZ  . ARG A 1 32 ? -4.101  7.869   8.549   1.00 29.48 ? 32  ARG A CZ  1 
ATOM   274 N NH1 . ARG A 1 32 ? -2.877  8.362   8.695   1.00 42.13 ? 32  ARG A NH1 1 
ATOM   275 N NH2 . ARG A 1 32 ? -4.853  7.538   9.578   1.00 42.40 ? 32  ARG A NH2 1 
ATOM   276 N N   . PHE A 1 33 ? -1.622  6.467   1.511   1.00 8.10  ? 33  PHE A N   1 
ATOM   277 C CA  . PHE A 1 33 ? -1.323  7.136   0.249   1.00 7.88  ? 33  PHE A CA  1 
ATOM   278 C C   . PHE A 1 33 ? -2.662  7.303   -0.504  1.00 6.96  ? 33  PHE A C   1 
ATOM   279 O O   . PHE A 1 33 ? -3.601  6.543   -0.282  1.00 8.60  ? 33  PHE A O   1 
ATOM   280 C CB  . PHE A 1 33 ? -0.313  6.409   -0.619  1.00 8.71  ? 33  PHE A CB  1 
ATOM   281 C CG  . PHE A 1 33 ? -0.810  5.133   -1.328  1.00 7.83  ? 33  PHE A CG  1 
ATOM   282 C CD1 . PHE A 1 33 ? -1.024  3.976   -0.635  1.00 8.25  ? 33  PHE A CD1 1 
ATOM   283 C CD2 . PHE A 1 33 ? -1.009  5.150   -2.695  1.00 8.51  ? 33  PHE A CD2 1 
ATOM   284 C CE1 . PHE A 1 33 ? -1.399  2.796   -1.281  1.00 8.83  ? 33  PHE A CE1 1 
ATOM   285 C CE2 . PHE A 1 33 ? -1.414  4.005   -3.352  1.00 9.15  ? 33  PHE A CE2 1 
ATOM   286 C CZ  . PHE A 1 33 ? -1.580  2.825   -2.632  1.00 9.10  ? 33  PHE A CZ  1 
ATOM   287 N N   . TRP A 1 34 ? -2.669  8.289   -1.389  1.00 7.05  ? 34  TRP A N   1 
ATOM   288 C CA  . TRP A 1 34 ? -3.834  8.469   -2.254  1.00 7.08  ? 34  TRP A CA  1 
ATOM   289 C C   . TRP A 1 34 ? -3.667  7.714   -3.566  1.00 7.19  ? 34  TRP A C   1 
ATOM   290 O O   . TRP A 1 34 ? -2.657  7.941   -4.263  1.00 8.20  ? 34  TRP A O   1 
ATOM   291 C CB  . TRP A 1 34 ? -3.982  9.983   -2.564  1.00 7.76  ? 34  TRP A CB  1 
ATOM   292 C CG  . TRP A 1 34 ? -4.433  10.782  -1.401  1.00 7.84  ? 34  TRP A CG  1 
ATOM   293 C CD1 . TRP A 1 34 ? -3.673  11.520  -0.538  1.00 9.88  ? 34  TRP A CD1 1 
ATOM   294 C CD2 . TRP A 1 34 ? -5.787  10.904  -0.974  1.00 8.55  ? 34  TRP A CD2 1 
ATOM   295 N NE1 . TRP A 1 34 ? -4.473  12.116  0.407   1.00 10.86 ? 34  TRP A NE1 1 
ATOM   296 C CE2 . TRP A 1 34 ? -5.786  11.767  0.165   1.00 10.31 ? 34  TRP A CE2 1 
ATOM   297 C CE3 . TRP A 1 34 ? -7.013  10.397  -1.446  1.00 9.55  ? 34  TRP A CE3 1 
ATOM   298 C CZ2 . TRP A 1 34 ? -6.945  12.101  0.822   1.00 13.67 ? 34  TRP A CZ2 1 
ATOM   299 C CZ3 . TRP A 1 34 ? -8.163  10.752  -0.781  1.00 12.53 ? 34  TRP A CZ3 1 
ATOM   300 C CH2 . TRP A 1 34 ? -8.115  11.601  0.345   1.00 13.18 ? 34  TRP A CH2 1 
ATOM   301 N N   . TYR A 1 35 ? -4.630  6.869   -3.871  1.00 7.21  ? 35  TYR A N   1 
ATOM   302 C CA  . TYR A 1 35 ? -4.628  6.124   -5.120  1.00 7.11  ? 35  TYR A CA  1 
ATOM   303 C C   . TYR A 1 35 ? -5.655  6.717   -6.059  1.00 7.70  ? 35  TYR A C   1 
ATOM   304 O O   . TYR A 1 35 ? -6.824  6.877   -5.700  1.00 8.58  ? 35  TYR A O   1 
ATOM   305 C CB  . TYR A 1 35 ? -4.951  4.648   -4.825  1.00 8.18  ? 35  TYR A CB  1 
ATOM   306 C CG  . TYR A 1 35 ? -5.033  3.811   -6.082  1.00 8.47  ? 35  TYR A CG  1 
ATOM   307 C CD1 . TYR A 1 35 ? -4.005  3.781   -7.008  1.00 9.68  ? 35  TYR A CD1 1 
ATOM   308 C CD2 . TYR A 1 35 ? -6.152  3.004   -6.352  1.00 9.29  ? 35  TYR A CD2 1 
ATOM   309 C CE1 . TYR A 1 35 ? -4.068  3.019   -8.159  1.00 11.26 ? 35  TYR A CE1 1 
ATOM   310 C CE2 . TYR A 1 35 ? -6.206  2.222   -7.497  1.00 10.45 ? 35  TYR A CE2 1 
ATOM   311 C CZ  . TYR A 1 35 ? -5.182  2.243   -8.390  1.00 10.65 ? 35  TYR A CZ  1 
ATOM   312 O OH  . TYR A 1 35 ? -5.196  1.477   -9.558  1.00 13.66 ? 35  TYR A OH  1 
ATOM   313 N N   . GLY A 1 36 ? -5.247  7.029   -7.311  1.00 8.15  ? 36  GLY A N   1 
ATOM   314 C CA  . GLY A 1 36 ? -6.146  7.685   -8.253  1.00 9.00  ? 36  GLY A CA  1 
ATOM   315 C C   . GLY A 1 36 ? -7.189  6.796   -8.880  1.00 9.32  ? 36  GLY A C   1 
ATOM   316 O O   . GLY A 1 36 ? -8.120  7.305   -9.508  1.00 10.57 ? 36  GLY A O   1 
ATOM   317 N N   . GLY A 1 37 ? -7.044  5.483   -8.800  1.00 9.25  ? 37  GLY A N   1 
ATOM   318 C CA  . GLY A 1 37 ? -8.019  4.520   -9.288  1.00 9.75  ? 37  GLY A CA  1 
ATOM   319 C C   . GLY A 1 37 ? -7.602  3.693   -10.463 1.00 10.89 ? 37  GLY A C   1 
ATOM   320 O O   . GLY A 1 37 ? -8.293  2.748   -10.807 1.00 12.66 ? 37  GLY A O   1 
ATOM   321 N N   . CYS A 1 38 ? -6.460  4.044   -11.080 1.00 10.73 ? 38  CYS A N   1 
ATOM   322 C CA  . CYS A 1 38 ? -5.934  3.359   -12.250 1.00 11.94 ? 38  CYS A CA  1 
ATOM   323 C C   . CYS A 1 38 ? -4.448  3.164   -12.053 1.00 12.87 ? 38  CYS A C   1 
ATOM   324 O O   . CYS A 1 38 ? -3.765  3.978   -11.406 1.00 12.79 ? 38  CYS A O   1 
ATOM   325 C CB  . CYS A 1 38 ? -6.087  4.151   -13.600 1.00 13.15 ? 38  CYS A CB  1 
ATOM   326 S SG  . CYS A 1 38 ? -7.771  4.623   -13.933 1.00 13.63 ? 38  CYS A SG  1 
ATOM   327 N N   . GLY A 1 39 ? -3.876  2.117   -12.671 1.00 13.30 ? 39  GLY A N   1 
ATOM   328 C CA  . GLY A 1 39 ? -2.434  2.089   -12.792 1.00 16.37 ? 39  GLY A CA  1 
ATOM   329 C C   . GLY A 1 39 ? -1.648  1.764   -11.598 1.00 16.73 ? 39  GLY A C   1 
ATOM   330 O O   . GLY A 1 39 ? -0.443  1.957   -11.457 1.00 20.81 ? 39  GLY A O   1 
ATOM   331 N N   . GLY A 1 40 ? -2.323  1.176   -10.593 1.00 15.96 ? 40  GLY A N   1 
ATOM   332 C CA  . GLY A 1 40 ? -1.586  0.917   -9.348  1.00 16.09 ? 40  GLY A CA  1 
ATOM   333 C C   . GLY A 1 40 ? -0.823  -0.396  -9.338  1.00 16.12 ? 40  GLY A C   1 
ATOM   334 O O   . GLY A 1 40 ? -0.598  -1.031  -10.354 1.00 16.98 ? 40  GLY A O   1 
ATOM   335 N N   . ASN A 1 41 ? -0.405  -0.805  -8.125  1.00 11.26 ? 41  ASN A N   1 
ATOM   336 C CA  . ASN A 1 41 ? 0.154   -2.126  -7.902  1.00 10.68 ? 41  ASN A CA  1 
ATOM   337 C C   . ASN A 1 41 ? -0.513  -2.739  -6.681  1.00 9.62  ? 41  ASN A C   1 
ATOM   338 O O   . ASN A 1 41 ? -1.399  -2.140  -6.096  1.00 11.17 ? 41  ASN A O   1 
ATOM   339 C CB  . ASN A 1 41 ? 1.696   -2.112  -7.852  1.00 11.27 ? 41  ASN A CB  1 
ATOM   340 C CG  . ASN A 1 41 ? 2.290   -1.376  -6.673  1.00 10.33 ? 41  ASN A CG  1 
ATOM   341 O OD1 . ASN A 1 41 ? 1.721   -1.431  -5.568  1.00 11.03 ? 41  ASN A OD1 1 
ATOM   342 N ND2 . ASN A 1 41 ? 3.414   -0.690  -6.867  1.00 11.20 ? 41  ASN A ND2 1 
ATOM   343 N N   . GLU A 1 42 ? -0.115  -3.932  -6.316  1.00 9.99  ? 42  GLU A N   1 
ATOM   344 C CA  . GLU A 1 42 ? -0.807  -4.664  -5.279  1.00 9.70  ? 42  GLU A CA  1 
ATOM   345 C C   . GLU A 1 42 ? -0.347  -4.365  -3.870  1.00 8.68  ? 42  GLU A C   1 
ATOM   346 O O   . GLU A 1 42 ? -0.909  -4.921  -2.934  1.00 9.17  ? 42  GLU A O   1 
ATOM   347 C CB  . GLU A 1 42 ? -0.710  -6.193  -5.583  1.00 12.45 ? 42  GLU A CB  1 
ATOM   348 C CG  . GLU A 1 42 ? -1.546  -6.601  -6.768  1.00 24.50 ? 42  GLU A CG  1 
ATOM   349 C CD  . GLU A 1 42 ? -1.147  -7.935  -7.363  1.00 38.05 ? 42  GLU A CD  1 
ATOM   350 O OE1 . GLU A 1 42 ? -0.165  -8.565  -6.916  1.00 47.03 ? 42  GLU A OE1 1 
ATOM   351 O OE2 . GLU A 1 42 ? -1.861  -8.342  -8.309  1.00 52.95 ? 42  GLU A OE2 1 
ATOM   352 N N   . ASN A 1 43 ? 0.620   -3.441  -3.698  1.00 8.29  ? 43  ASN A N   1 
ATOM   353 C CA  . ASN A 1 43 ? 0.974   -2.978  -2.326  1.00 7.96  ? 43  ASN A CA  1 
ATOM   354 C C   . ASN A 1 43 ? 0.009   -1.854  -1.977  1.00 7.30  ? 43  ASN A C   1 
ATOM   355 O O   . ASN A 1 43 ? 0.315   -0.661  -2.017  1.00 7.61  ? 43  ASN A O   1 
ATOM   356 C CB  . ASN A 1 43 ? 2.421   -2.538  -2.261  1.00 8.22  ? 43  ASN A CB  1 
ATOM   357 C CG  . ASN A 1 43 ? 2.863   -2.246  -0.860  1.00 8.55  ? 43  ASN A CG  1 
ATOM   358 O OD1 . ASN A 1 43 ? 2.099   -2.420  0.131   1.00 8.39  ? 43  ASN A OD1 1 
ATOM   359 N ND2 . ASN A 1 43 ? 4.118   -1.815  -0.712  1.00 9.51  ? 43  ASN A ND2 1 
ATOM   360 N N   . LYS A 1 44 ? -1.238  -2.269  -1.691  1.00 7.14  ? 44  LYS A N   1 
ATOM   361 C CA  . LYS A 1 44 ? -2.373  -1.359  -1.653  1.00 7.14  ? 44  LYS A CA  1 
ATOM   362 C C   . LYS A 1 44 ? -3.480  -2.083  -0.884  1.00 7.57  ? 44  LYS A C   1 
ATOM   363 O O   . LYS A 1 44 ? -3.910  -3.159  -1.285  1.00 9.27  ? 44  LYS A O   1 
ATOM   364 C CB  . LYS A 1 44 ? -2.844  -1.051  -3.091  1.00 8.50  ? 44  LYS A CB  1 
ATOM   365 C CG  . LYS A 1 44 ? -4.091  -0.200  -3.142  1.00 9.35  ? 44  LYS A CG  1 
ATOM   366 C CD  . LYS A 1 44 ? -4.325  0.452   -4.490  1.00 15.22 ? 44  LYS A CD  1 
ATOM   367 C CE  . LYS A 1 44 ? -4.181  -0.417  -5.715  1.00 19.54 ? 44  LYS A CE  1 
ATOM   368 N NZ  . LYS A 1 44 ? -5.249  -1.469  -5.419  1.00 22.77 ? 44  LYS A NZ  1 
ATOM   369 N N   . PHE A 1 45 ? -3.842  -1.500  0.254   1.00 7.15  ? 45  PHE A N   1 
ATOM   370 C CA  . PHE A 1 45 ? -4.794  -2.116  1.195   1.00 7.07  ? 45  PHE A CA  1 
ATOM   371 C C   . PHE A 1 45 ? -5.812  -1.091  1.639   1.00 7.45  ? 45  PHE A C   1 
ATOM   372 O O   . PHE A 1 45 ? -5.535  0.110   1.685   1.00 7.84  ? 45  PHE A O   1 
ATOM   373 C CB  . PHE A 1 45 ? -4.025  -2.627  2.428   1.00 7.81  ? 45  PHE A CB  1 
ATOM   374 C CG  . PHE A 1 45 ? -2.967  -3.656  2.121   1.00 7.84  ? 45  PHE A CG  1 
ATOM   375 C CD1 . PHE A 1 45 ? -1.672  -3.240  1.808   1.00 8.28  ? 45  PHE A CD1 1 
ATOM   376 C CD2 . PHE A 1 45 ? -3.246  -5.023  2.150   1.00 9.22  ? 45  PHE A CD2 1 
ATOM   377 C CE1 . PHE A 1 45 ? -0.692  -4.171  1.488   1.00 9.20  ? 45  PHE A CE1 1 
ATOM   378 C CE2 . PHE A 1 45 ? -2.275  -5.931  1.848   1.00 9.85  ? 45  PHE A CE2 1 
ATOM   379 C CZ  . PHE A 1 45 ? -0.994  -5.511  1.505   1.00 9.67  ? 45  PHE A CZ  1 
ATOM   380 N N   . GLY A 1 46 ? -6.995  -1.611  2.037   1.00 8.06  ? 46  GLY A N   1 
ATOM   381 C CA  . GLY A 1 46 ? -8.046  -0.701  2.419   1.00 8.74  ? 46  GLY A CA  1 
ATOM   382 C C   . GLY A 1 46 ? -7.945  -0.157  3.834   1.00 8.34  ? 46  GLY A C   1 
ATOM   383 O O   . GLY A 1 46 ? -8.560  0.859   4.131   1.00 10.32 ? 46  GLY A O   1 
ATOM   384 N N   . SER A 1 47 ? -7.135  -0.819  4.696   1.00 8.58  ? 47  SER A N   1 
ATOM   385 C CA  . SER A 1 47 ? -7.013  -0.410  6.093   1.00 8.40  ? 47  SER A CA  1 
ATOM   386 C C   . SER A 1 47 ? -5.562  -0.670  6.524   1.00 8.02  ? 47  SER A C   1 
ATOM   387 O O   . SER A 1 47 ? -4.886  -1.543  5.997   1.00 8.37  ? 47  SER A O   1 
ATOM   388 C CB  . SER A 1 47 ? -7.976  -1.202  6.989   1.00 9.98  ? 47  SER A CB  1 
ATOM   389 O OG  . SER A 1 47 ? -7.607  -2.596  7.040   1.00 10.47 ? 47  SER A OG  1 
ATOM   390 N N   . GLN A 1 48 ? -5.182  0.072   7.558   1.00 8.23  ? 48  GLN A N   1 
ATOM   391 C CA  . GLN A 1 48 ? -3.841  -0.155  8.120   1.00 8.21  ? 48  GLN A CA  1 
ATOM   392 C C   . GLN A 1 48 ? -3.764  -1.568  8.712   1.00 7.79  ? 48  GLN A C   1 
ATOM   393 O O   . GLN A 1 48 ? -2.721  -2.246  8.596   1.00 8.56  ? 48  GLN A O   1 
ATOM   394 C CB  . GLN A 1 48 ? -3.570  0.895   9.223   1.00 8.96  ? 48  GLN A CB  1 
ATOM   395 C CG  . GLN A 1 48 ? -2.082  0.849   9.609   1.00 10.34 ? 48  GLN A CG  1 
ATOM   396 C CD  . GLN A 1 48 ? -1.683  1.917   10.578  1.00 11.32 ? 48  GLN A CD  1 
ATOM   397 O OE1 . GLN A 1 48 ? -2.533  2.523   11.235  1.00 12.59 ? 48  GLN A OE1 1 
ATOM   398 N NE2 . GLN A 1 48 ? -0.407  2.203   10.700  1.00 15.31 ? 48  GLN A NE2 1 
ATOM   399 N N   . LYS A 1 49 ? -4.838  -2.009  9.381   1.00 8.62  ? 49  LYS A N   1 
ATOM   400 C CA  . LYS A 1 49 ? -4.793  -3.310  10.046  1.00 8.89  ? 49  LYS A CA  1 
ATOM   401 C C   . LYS A 1 49 ? -4.558  -4.434  9.018   1.00 8.84  ? 49  LYS A C   1 
ATOM   402 O O   . LYS A 1 49 ? -3.784  -5.348  9.277   1.00 8.60  ? 49  LYS A O   1 
ATOM   403 C CB  . LYS A 1 49 ? -6.088  -3.543  10.794  1.00 11.27 ? 49  LYS A CB  1 
ATOM   404 C CG  . LYS A 1 49 ? -6.177  -4.867  11.545  1.00 19.88 ? 49  LYS A CG  1 
ATOM   405 C CD  . LYS A 1 49 ? -7.499  -4.982  12.229  1.00 27.47 ? 49  LYS A CD  1 
ATOM   406 C CE  . LYS A 1 49 ? -8.585  -4.037  11.741  1.00 36.66 ? 49  LYS A CE  1 
ATOM   407 N NZ  . LYS A 1 49 ? -9.727  -4.123  12.717  1.00 46.80 ? 49  LYS A NZ  1 
ATOM   408 N N   . GLU A 1 50 ? -5.240  -4.379  7.863   1.00 7.97  ? 50  GLU A N   1 
ATOM   409 C CA  . GLU A 1 50 ? -5.045  -5.427  6.903   1.00 8.10  ? 50  GLU A CA  1 
ATOM   410 C C   . GLU A 1 50 ? -3.616  -5.394  6.318   1.00 7.72  ? 50  GLU A C   1 
ATOM   411 O O   . GLU A 1 50 ? -2.945  -6.416  6.155   1.00 8.34  ? 50  GLU A O   1 
ATOM   412 C CB  . GLU A 1 50 ? -6.096  -5.344  5.773   1.00 8.63  ? 50  GLU A CB  1 
ATOM   413 C CG  . GLU A 1 50 ? -5.977  -6.473  4.778   1.00 8.66  ? 50  GLU A CG  1 
ATOM   414 C CD  . GLU A 1 50 ? -6.396  -7.809  5.289   1.00 9.34  ? 50  GLU A CD  1 
ATOM   415 O OE1 . GLU A 1 50 ? -6.865  -7.997  6.423   1.00 10.93 ? 50  GLU A OE1 1 
ATOM   416 O OE2 . GLU A 1 50 ? -6.227  -8.747  4.415   1.00 12.15 ? 50  GLU A OE2 1 
ATOM   417 N N   . CYS A 1 51 ? -3.154  -4.152  5.984   1.00 7.55  ? 51  CYS A N   1 
ATOM   418 C CA  . CYS A 1 51 ? -1.768  -4.025  5.493   1.00 7.51  ? 51  CYS A CA  1 
ATOM   419 C C   . CYS A 1 51 ? -0.769  -4.621  6.470   1.00 7.74  ? 51  CYS A C   1 
ATOM   420 O O   . CYS A 1 51 ? 0.166   -5.313  6.100   1.00 8.14  ? 51  CYS A O   1 
ATOM   421 C CB  . CYS A 1 51 ? -1.539  -2.525  5.269   1.00 7.97  ? 51  CYS A CB  1 
ATOM   422 S SG  . CYS A 1 51 ? 0.106   -2.116  4.638   1.00 8.64  ? 51  CYS A SG  1 
ATOM   423 N N   . GLU A 1 52 ? -0.944  -4.317  7.756   1.00 7.83  ? 52  GLU A N   1 
ATOM   424 C CA  . GLU A 1 52 ? -0.023  -4.827  8.777   1.00 8.53  ? 52  GLU A CA  1 
ATOM   425 C C   . GLU A 1 52 ? -0.077  -6.341  8.901   1.00 9.01  ? 52  GLU A C   1 
ATOM   426 O O   . GLU A 1 52 ? 0.950   -6.993  9.036   1.00 10.49 ? 52  GLU A O   1 
ATOM   427 C CB  . GLU A 1 52 ? -0.308  -4.120  10.121  1.00 8.54  ? 52  GLU A CB  1 
ATOM   428 C CG  . GLU A 1 52 ? 0.098   -2.664  10.143  1.00 9.63  ? 52  GLU A CG  1 
ATOM   429 C CD  . GLU A 1 52 ? 1.631   -2.513  10.253  1.00 12.14 ? 52  GLU A CD  1 
ATOM   430 O OE1 . GLU A 1 52 ? 2.193   -3.279  11.115  1.00 14.33 ? 52  GLU A OE1 1 
ATOM   431 O OE2 . GLU A 1 52 ? 2.159   -1.542  9.737   1.00 19.29 ? 52  GLU A OE2 1 
ATOM   432 N N   . LYS A 1 53 ? -1.301  -6.890  8.882   1.00 8.99  ? 53  LYS A N   1 
ATOM   433 C CA  . LYS A 1 53 ? -1.392  -8.367  8.970   1.00 10.34 ? 53  LYS A CA  1 
ATOM   434 C C   . LYS A 1 53 ? -0.626  -9.019  7.837   1.00 9.27  ? 53  LYS A C   1 
ATOM   435 O O   . LYS A 1 53 ? 0.111   -9.987  7.995   1.00 11.03 ? 53  LYS A O   1 
ATOM   436 C CB  . LYS A 1 53 ? -2.843  -8.850  8.909   1.00 12.06 ? 53  LYS A CB  1 
ATOM   437 C CG  . LYS A 1 53 ? -3.743  -8.558  10.089  1.00 13.79 ? 53  LYS A CG  1 
ATOM   438 C CD  . LYS A 1 53 ? -5.101  -9.253  9.929   1.00 17.65 ? 53  LYS A CD  1 
ATOM   439 C CE  . LYS A 1 53 ? -6.054  -9.026  11.052  1.00 16.67 ? 53  LYS A CE  1 
ATOM   440 N NZ  . LYS A 1 53 ? -7.267  -9.910  10.959  1.00 18.55 ? 53  LYS A NZ  1 
ATOM   441 N N   . VAL A 1 54 ? -0.833  -8.514  6.592   1.00 8.37  ? 54  VAL A N   1 
ATOM   442 C CA  . VAL A 1 54 ? -0.239  -9.164  5.443   1.00 8.88  ? 54  VAL A CA  1 
ATOM   443 C C   . VAL A 1 54 ? 1.262   -8.945  5.381   1.00 9.41  ? 54  VAL A C   1 
ATOM   444 O O   . VAL A 1 54 ? 1.992   -9.819  4.991   1.00 12.14 ? 54  VAL A O   1 
ATOM   445 C CB  . VAL A 1 54 ? -0.941  -8.676  4.165   1.00 9.08  ? 54  VAL A CB  1 
ATOM   446 C CG1 . VAL A 1 54 ? -0.263  -9.228  2.901   1.00 10.69 ? 54  VAL A CG1 1 
ATOM   447 C CG2 . VAL A 1 54 ? -2.432  -9.048  4.160   1.00 10.04 ? 54  VAL A CG2 1 
ATOM   448 N N   . CYS A 1 55 ? 1.727   -7.741  5.726   1.00 9.82  ? 55  CYS A N   1 
ATOM   449 C CA  . CYS A 1 55 ? 3.099   -7.374  5.407   1.00 10.47 ? 55  CYS A CA  1 
ATOM   450 C C   . CYS A 1 55 ? 4.043   -7.158  6.571   1.00 11.97 ? 55  CYS A C   1 
ATOM   451 O O   . CYS A 1 55 ? 5.244   -7.217  6.333   1.00 15.41 ? 55  CYS A O   1 
ATOM   452 C CB  . CYS A 1 55 ? 3.126   -6.040  4.615   1.00 11.30 ? 55  CYS A CB  1 
ATOM   453 S SG  . CYS A 1 55 ? 2.422   -6.226  2.957   1.00 11.44 ? 55  CYS A SG  1 
ATOM   454 N N   . ALA A 1 56 ? 3.552   -6.908  7.781   1.00 12.37 ? 56  ALA A N   1 
ATOM   455 C CA  . ALA A 1 56 ? 4.523   -6.546  8.825   1.00 15.18 ? 56  ALA A CA  1 
ATOM   456 C C   . ALA A 1 56 ? 5.319   -7.723  9.376   1.00 15.32 ? 56  ALA A C   1 
ATOM   457 O O   . ALA A 1 56 ? 4.850   -8.850  9.279   1.00 18.21 ? 56  ALA A O   1 
ATOM   458 C CB  . ALA A 1 56 ? 3.753   -5.851  9.943   1.00 22.39 ? 56  ALA A CB  1 
ATOM   459 N N   . PRO A 1 57 ? 6.505   -7.444  9.882   1.00 19.01 ? 57  PRO A N   1 
ATOM   460 C CA  . PRO A 1 57 ? 7.309   -8.583  10.369  1.00 23.40 ? 57  PRO A CA  1 
ATOM   461 C C   . PRO A 1 57 ? 6.701   -9.305  11.542  1.00 20.66 ? 57  PRO A C   1 
ATOM   462 O O   . PRO A 1 57 ? 6.760   -10.533 11.584  1.00 29.03 ? 57  PRO A O   1 
ATOM   463 C CB  . PRO A 1 57 ? 8.624   -7.936  10.823  1.00 26.45 ? 57  PRO A CB  1 
ATOM   464 C CG  . PRO A 1 57 ? 8.508   -6.481  10.612  1.00 26.29 ? 57  PRO A CG  1 
ATOM   465 C CD  . PRO A 1 57 ? 7.159   -6.154  10.061  1.00 20.18 ? 57  PRO A CD  1 
ATOM   466 N N   . VAL A 1 58 ? 6.127   -8.591  12.505  1.00 27.94 ? 58  VAL A N   1 
ATOM   467 C CA  . VAL A 1 58 ? 5.758   -9.112  13.799  1.00 45.97 ? 58  VAL A CA  1 
ATOM   468 C C   . VAL A 1 58 ? 4.354   -9.646  13.930  1.00 49.22 ? 58  VAL A C   1 
ATOM   469 O O   . VAL A 1 58 ? 4.099   -10.771 13.493  1.00 45.90 ? 58  VAL A O   1 
ATOM   470 O OXT . VAL A 1 58 ? 3.574   -8.870  14.495  1.00 48.52 ? 58  VAL A OXT 1 
HETATM 471 P P   . PO4 B 2 .  ? -8.087  2.750   8.607   1.00 13.27 ? 61  PO4 A P   1 
HETATM 472 O O1  . PO4 B 2 .  ? -9.272  1.745   8.785   1.00 23.39 ? 61  PO4 A O1  1 
HETATM 473 O O2  . PO4 B 2 .  ? -8.002  3.128   7.119   1.00 17.35 ? 61  PO4 A O2  1 
HETATM 474 O O3  . PO4 B 2 .  ? -6.790  1.970   8.980   1.00 12.35 ? 61  PO4 A O3  1 
HETATM 475 O O4  . PO4 B 2 .  ? -8.180  3.945   9.534   1.00 24.68 ? 61  PO4 A O4  1 
HETATM 476 P P   . PO4 C 2 .  ? -3.306  11.781  -13.785 0.50 12.22 ? 62  PO4 A P   1 
HETATM 477 O O1  . PO4 C 2 .  ? -3.187  13.335  -13.478 0.50 24.97 ? 62  PO4 A O1  1 
HETATM 478 O O2  . PO4 C 2 .  ? -2.619  11.078  -12.507 0.50 43.68 ? 62  PO4 A O2  1 
HETATM 479 O O3  . PO4 C 2 .  ? -2.461  11.402  -15.063 0.50 25.17 ? 62  PO4 A O3  1 
HETATM 480 O O4  . PO4 C 2 .  ? -4.769  11.197  -13.883 0.50 26.89 ? 62  PO4 A O4  1 
HETATM 481 O O   . HOH D 3 .  ? -1.025  1.178   -6.053  1.00 11.61 ? 101 HOH A O   1 
HETATM 482 O O   . HOH D 3 .  ? 1.121   0.987   -4.137  1.00 10.09 ? 102 HOH A O   1 
HETATM 483 O O   . HOH D 3 .  ? -7.066  -0.361  10.409  1.00 11.60 ? 103 HOH A O   1 
HETATM 484 O O   . HOH D 3 .  ? 6.921   0.255   -0.416  1.00 13.93 ? 104 HOH A O   1 
HETATM 485 O O   . HOH D 3 .  ? -7.049  -11.157 4.868   1.00 14.60 ? 105 HOH A O   1 
HETATM 486 O O   . HOH D 3 .  ? -0.345  9.923   -1.460  1.00 13.13 ? 106 HOH A O   1 
HETATM 487 O O   . HOH D 3 .  ? -4.309  13.086  3.195   1.00 14.93 ? 107 HOH A O   1 
HETATM 488 O O   . HOH D 3 .  ? -2.473  9.779   -8.630  1.00 13.55 ? 108 HOH A O   1 
HETATM 489 O O   . HOH D 3 .  ? -4.115  10.880  -10.332 1.00 15.40 ? 109 HOH A O   1 
HETATM 490 O O   . HOH D 3 .  ? -10.711 9.533   -13.510 1.00 14.14 ? 110 HOH A O   1 
HETATM 491 O O   . HOH D 3 .  ? -7.171  -1.993  -1.395  1.00 15.16 ? 111 HOH A O   1 
HETATM 492 O O   . HOH D 3 .  ? -2.824  -5.842  12.053  1.00 14.94 ? 112 HOH A O   1 
HETATM 493 O O   . HOH D 3 .  ? -5.245  3.218   11.100  1.00 13.88 ? 113 HOH A O   1 
HETATM 494 O O   . HOH D 3 .  ? -14.730 6.745   -13.288 1.00 42.00 ? 114 HOH A O   1 
HETATM 495 O O   . HOH D 3 .  ? 10.131  -5.657  5.795   1.00 23.67 ? 115 HOH A O   1 
HETATM 496 O O   . HOH D 3 .  ? -2.683  -4.891  -19.913 1.00 46.02 ? 116 HOH A O   1 
HETATM 497 O O   . HOH D 3 .  ? -8.285  -9.826  8.001   1.00 14.75 ? 117 HOH A O   1 
HETATM 498 O O   . HOH D 3 .  ? -9.877  1.189   -9.319  1.00 34.22 ? 118 HOH A O   1 
HETATM 499 O O   . HOH D 3 .  ? 1.371   -5.463  -8.397  1.00 16.51 ? 119 HOH A O   1 
HETATM 500 O O   . HOH D 3 .  ? -13.366 0.584   -10.127 1.00 35.79 ? 120 HOH A O   1 
HETATM 501 O O   . HOH D 3 .  ? -10.524 0.934   0.070   1.00 19.33 ? 121 HOH A O   1 
HETATM 502 O O   . HOH D 3 .  ? -7.094  -4.466  1.993   1.00 20.57 ? 122 HOH A O   1 
HETATM 503 O O   . HOH D 3 .  ? -3.626  -1.434  -8.262  1.00 33.88 ? 123 HOH A O   1 
HETATM 504 O O   . HOH D 3 .  ? 1.979   11.532  -9.198  1.00 31.32 ? 124 HOH A O   1 
HETATM 505 O O   . HOH D 3 .  ? -10.626 5.111   -12.132 1.00 23.16 ? 125 HOH A O   1 
HETATM 506 O O   . HOH D 3 .  ? -6.630  -1.311  -12.427 1.00 33.36 ? 126 HOH A O   1 
HETATM 507 O O   . HOH D 3 .  ? -11.831 11.637  -6.386  1.00 24.20 ? 127 HOH A O   1 
HETATM 508 O O   . HOH D 3 .  ? 5.151   -10.662 6.940   1.00 31.68 ? 128 HOH A O   1 
HETATM 509 O O   . HOH D 3 .  ? -9.673  17.839  -9.087  1.00 20.37 ? 129 HOH A O   1 
HETATM 510 O O   . HOH D 3 .  ? -8.873  0.857   -12.808 1.00 24.77 ? 130 HOH A O   1 
HETATM 511 O O   . HOH D 3 .  ? -0.600  10.461  -11.594 1.00 30.01 ? 131 HOH A O   1 
HETATM 512 O O   . HOH D 3 .  ? -11.266 3.482   -10.217 1.00 29.95 ? 132 HOH A O   1 
HETATM 513 O O   . HOH D 3 .  ? 1.900   8.667   1.210   1.00 30.22 ? 133 HOH A O   1 
HETATM 514 O O   . HOH D 3 .  ? 2.117   13.164  -5.293  1.00 36.38 ? 134 HOH A O   1 
HETATM 515 O O   . HOH D 3 .  ? -6.431  12.527  -15.463 1.00 27.21 ? 135 HOH A O   1 
HETATM 516 O O   . HOH D 3 .  ? 2.019   10.936  4.002   1.00 36.19 ? 136 HOH A O   1 
HETATM 517 O O   . HOH D 3 .  ? 3.346   7.198   -6.790  1.00 24.22 ? 137 HOH A O   1 
HETATM 518 O O   . HOH D 3 .  ? -11.538 -0.352  7.836   1.00 37.88 ? 138 HOH A O   1 
HETATM 519 O O   . HOH D 3 .  ? 2.503   -7.644  -8.707  1.00 39.19 ? 139 HOH A O   1 
HETATM 520 O O   . HOH D 3 .  ? 10.036  3.283   -3.818  1.00 33.79 ? 140 HOH A O   1 
HETATM 521 O O   . HOH D 3 .  ? 1.340   8.612   -10.042 1.00 33.90 ? 141 HOH A O   1 
HETATM 522 O O   . HOH D 3 .  ? 0.414   7.268   7.121   1.00 22.59 ? 142 HOH A O   1 
HETATM 523 O O   . HOH D 3 .  ? 5.785   -5.448  12.990  1.00 28.84 ? 143 HOH A O   1 
HETATM 524 O O   . HOH D 3 .  ? -10.939 -1.758  4.331   1.00 48.10 ? 144 HOH A O   1 
HETATM 525 O O   . HOH D 3 .  ? -17.155 12.449  -7.449  1.00 32.20 ? 145 HOH A O   1 
HETATM 526 O O   . HOH D 3 .  ? 14.885  -4.494  4.717   1.00 13.60 ? 146 HOH A O   1 
HETATM 527 O O   . HOH D 3 .  ? 7.517   6.435   -2.048  1.00 31.80 ? 147 HOH A O   1 
HETATM 528 O O   . HOH D 3 .  ? -9.117  15.781  -10.413 1.00 32.56 ? 148 HOH A O   1 
HETATM 529 O O   . HOH D 3 .  ? 4.476   13.232  1.000   1.00 21.43 ? 149 HOH A O   1 
HETATM 530 O O   . HOH D 3 .  ? -9.304  -1.005  -5.279  1.00 17.23 ? 150 HOH A O   1 
HETATM 531 O O   . HOH D 3 .  ? 4.674   -0.637  -9.389  1.00 36.86 ? 151 HOH A O   1 
HETATM 532 O O   . HOH D 3 .  ? -8.647  -8.715  13.576  1.00 40.26 ? 152 HOH A O   1 
HETATM 533 O O   . HOH D 3 .  ? 7.155   -8.665  -6.022  1.00 32.40 ? 153 HOH A O   1 
HETATM 534 O O   . HOH D 3 .  ? 4.162   11.606  -7.227  1.00 45.54 ? 154 HOH A O   1 
HETATM 535 O O   . HOH D 3 .  ? 2.279   -12.136 3.504   1.00 34.87 ? 155 HOH A O   1 
HETATM 536 O O   . HOH D 3 .  ? -1.735  13.015  2.018   1.00 19.50 ? 156 HOH A O   1 
HETATM 537 O O   . HOH D 3 .  ? -11.625 6.905   -13.886 1.00 16.11 ? 157 HOH A O   1 
HETATM 538 O O   . HOH D 3 .  ? -9.802  2.131   -6.730  1.00 20.23 ? 158 HOH A O   1 
HETATM 539 O O   . HOH D 3 .  ? -2.836  -3.780  -8.728  1.00 31.07 ? 159 HOH A O   1 
HETATM 540 O O   . HOH D 3 .  ? -9.016  -3.471  4.676   1.00 19.36 ? 160 HOH A O   1 
HETATM 541 O O   . HOH D 3 .  ? 2.297   8.304   4.001   1.00 23.21 ? 161 HOH A O   1 
HETATM 542 O O   . HOH D 3 .  ? -8.974  4.810   -6.185  1.00 18.22 ? 162 HOH A O   1 
HETATM 543 O O   . HOH D 3 .  ? -5.608  19.595  -10.918 1.00 18.12 ? 163 HOH A O   1 
HETATM 544 O O   . HOH D 3 .  ? 4.613   -2.825  11.513  1.00 19.52 ? 164 HOH A O   1 
HETATM 545 O O   . HOH D 3 .  ? -7.757  -6.709  8.812   1.00 19.71 ? 165 HOH A O   1 
HETATM 546 O O   . HOH D 3 .  ? -16.492 10.415  -4.686  1.00 32.53 ? 166 HOH A O   1 
HETATM 547 O O   . HOH D 3 .  ? -9.626  -1.453  10.232  1.00 27.11 ? 167 HOH A O   1 
HETATM 548 O O   . HOH D 3 .  ? 7.632   5.004   0.290   1.00 33.73 ? 168 HOH A O   1 
HETATM 549 O O   . HOH D 3 .  ? 8.195   -12.923 -5.388  1.00 20.63 ? 169 HOH A O   1 
HETATM 550 O O   . HOH D 3 .  ? 14.525  1.068   9.346   1.00 27.22 ? 170 HOH A O   1 
HETATM 551 O O   . HOH D 3 .  ? 9.260   2.942   0.454   1.00 36.92 ? 171 HOH A O   1 
HETATM 552 O O   . HOH D 3 .  ? -9.361  5.366   3.963   1.00 35.44 ? 172 HOH A O   1 
HETATM 553 O O   . HOH D 3 .  ? -0.362  11.474  1.057   1.00 34.01 ? 173 HOH A O   1 
HETATM 554 O O   . HOH D 3 .  ? 4.648   7.490   2.893   1.00 29.17 ? 174 HOH A O   1 
HETATM 555 O O   . HOH D 3 .  ? -12.914 11.045  -12.782 1.00 32.26 ? 175 HOH A O   1 
HETATM 556 O O   . HOH D 3 .  ? 12.265  -4.200  5.462   1.00 30.28 ? 176 HOH A O   1 
HETATM 557 O O   . HOH D 3 .  ? 3.088   8.424   6.382   1.00 31.15 ? 177 HOH A O   1 
HETATM 558 O O   . HOH D 3 .  ? -7.040  -0.252  -9.797  1.00 32.19 ? 178 HOH A O   1 
HETATM 559 O O   . HOH D 3 .  ? -10.930 4.392   -7.285  1.00 25.96 ? 179 HOH A O   1 
HETATM 560 O O   . HOH D 3 .  ? -9.161  -3.855  8.940   1.00 28.29 ? 180 HOH A O   1 
HETATM 561 O O   . HOH D 3 .  ? 10.381  -10.248 -6.784  1.00 33.42 ? 181 HOH A O   1 
HETATM 562 O O   . HOH D 3 .  ? 5.371   -8.335  -8.172  1.00 27.63 ? 182 HOH A O   1 
HETATM 563 O O   . HOH D 3 .  ? -8.189  18.945  -10.685 1.00 33.77 ? 183 HOH A O   1 
HETATM 564 O O   . HOH D 3 .  ? 4.041   4.162   8.780   1.00 25.35 ? 184 HOH A O   1 
HETATM 565 O O   . HOH D 3 .  ? -9.218  -5.427  3.515   1.00 28.71 ? 185 HOH A O   1 
HETATM 566 O O   . HOH D 3 .  ? -6.673  -3.779  -2.827  1.00 31.42 ? 186 HOH A O   1 
# 
loop_
_atom_site_anisotrop.id 
_atom_site_anisotrop.type_symbol 
_atom_site_anisotrop.pdbx_label_atom_id 
_atom_site_anisotrop.pdbx_label_alt_id 
_atom_site_anisotrop.pdbx_label_comp_id 
_atom_site_anisotrop.pdbx_label_asym_id 
_atom_site_anisotrop.pdbx_label_seq_id 
_atom_site_anisotrop.pdbx_PDB_ins_code 
_atom_site_anisotrop.U[1][1] 
_atom_site_anisotrop.U[2][2] 
_atom_site_anisotrop.U[3][3] 
_atom_site_anisotrop.U[1][2] 
_atom_site_anisotrop.U[1][3] 
_atom_site_anisotrop.U[2][3] 
_atom_site_anisotrop.pdbx_auth_seq_id 
_atom_site_anisotrop.pdbx_auth_comp_id 
_atom_site_anisotrop.pdbx_auth_asym_id 
_atom_site_anisotrop.pdbx_auth_atom_id 
1   N N   . GLU A 1  ? 0.6688 0.5455 0.5131 -0.2340 -0.1380 0.1707  1  GLU A N   
2   C CA  . GLU A 1  ? 0.6684 0.4744 0.3638 -0.1673 -0.1073 -0.0822 1  GLU A CA  
3   C C   . GLU A 1  ? 0.6226 0.2088 0.3575 0.0135  -0.0682 0.0737  1  GLU A C   
4   O O   . GLU A 1  ? 0.6123 0.6507 0.3746 -0.1510 -0.0693 -0.2309 1  GLU A O   
5   C CB  . GLU A 1  ? 0.7350 0.5211 0.3744 -0.1857 -0.0164 -0.0126 1  GLU A CB  
6   C CG  . GLU A 1  ? 0.6164 0.5559 0.1667 -0.1755 -0.0019 -0.0430 1  GLU A CG  
7   C CD  . GLU A 1  ? 0.4308 0.5189 0.1497 -0.0901 -0.1384 0.0055  1  GLU A CD  
8   O OE1 . GLU A 1  ? 0.2075 0.4952 0.1825 -0.0806 -0.0292 0.0595  1  GLU A OE1 
9   O OE2 . GLU A 1  ? 0.7751 0.1139 0.6781 -0.0227 0.2810  0.0087  1  GLU A OE2 
10  N N   . THR A 2  ? 0.6164 0.3256 0.3609 -0.0326 -0.0664 0.0377  2  THR A N   
11  C CA  . THR A 2  ? 0.4534 0.1920 0.3583 0.1238  -0.0071 -0.0184 2  THR A CA  
12  C C   . THR A 2  ? 0.3248 0.2233 0.3457 0.1272  -0.0591 0.0066  2  THR A C   
13  O O   . THR A 2  ? 0.2766 0.2040 0.2628 0.0472  -0.0727 0.0176  2  THR A O   
14  C CB  . THR A 2  ? 0.5023 0.4519 0.3169 -0.0950 0.0999  -0.3202 2  THR A CB  
15  O OG1 . THR A 2  ? 0.1812 0.1009 0.6329 0.0650  -0.0119 0.0452  2  THR A OG1 
16  C CG2 . THR A 2  ? 0.6070 0.4891 1.0314 0.0231  0.6395  0.0278  2  THR A CG2 
17  N N   . ASP A 3  ? 0.3509 0.1975 0.3586 0.1233  -0.0440 -0.0114 3  ASP A N   
18  C CA  . ASP A 3  ? 0.1720 0.1831 0.4210 0.0610  0.0113  -0.0891 3  ASP A CA  
19  C C   . ASP A 3  ? 0.1610 0.1228 0.2273 0.0050  0.0194  -0.0511 3  ASP A C   
20  O O   . ASP A 3  ? 0.1613 0.1469 0.2375 -0.0132 0.0334  -0.0719 3  ASP A O   
21  C CB  . ASP A 3  ? 0.1553 0.3494 0.5228 -0.0091 0.0706  -0.2346 3  ASP A CB  
22  C CG  A ASP A 3  ? 0.5112 0.2922 0.6962 0.0245  0.3268  -0.1443 3  ASP A CG  
23  C CG  B ASP A 3  ? 0.2824 0.4100 0.6614 0.1454  0.0818  -0.2153 3  ASP A CG  
24  O OD1 A ASP A 3  ? 0.7656 0.3268 0.9716 -0.0503 0.4767  -0.2724 3  ASP A OD1 
25  O OD1 B ASP A 3  ? 0.4571 0.5928 0.8677 0.1993  -0.1831 -0.1788 3  ASP A OD1 
26  O OD2 A ASP A 3  ? 0.4337 0.5732 1.1947 -0.2816 0.5230  -0.5293 3  ASP A OD2 
27  O OD2 B ASP A 3  ? 0.2692 0.6333 1.0653 0.0139  0.3477  -0.4130 3  ASP A OD2 
28  N N   . ILE A 4  ? 0.1576 0.0912 0.2425 0.0209  0.0163  -0.0253 4  ILE A N   
29  C CA  . ILE A 4  ? 0.1627 0.1022 0.1692 0.0230  0.0091  -0.0166 4  ILE A CA  
30  C C   . ILE A 4  ? 0.1310 0.1015 0.1588 0.0251  0.0016  -0.0015 4  ILE A C   
31  O O   . ILE A 4  ? 0.1660 0.0916 0.1549 0.0156  0.0216  -0.0036 4  ILE A O   
32  C CB  . ILE A 4  ? 0.1463 0.1090 0.2082 0.0298  -0.0374 -0.0309 4  ILE A CB  
33  C CG1 . ILE A 4  ? 0.1750 0.1833 0.2514 0.0402  -0.0576 -0.0734 4  ILE A CG1 
34  C CG2 . ILE A 4  ? 0.1714 0.1253 0.2244 0.0398  -0.0039 0.0077  4  ILE A CG2 
35  C CD1 . ILE A 4  ? 0.3392 0.2264 0.2320 0.0984  -0.0528 -0.0995 4  ILE A CD1 
36  N N   . CYS A 5  ? 0.1266 0.1114 0.1520 0.0020  0.0103  0.0027  5  CYS A N   
37  C CA  . CYS A 5  ? 0.1544 0.1132 0.1600 0.0065  0.0146  -0.0017 5  CYS A CA  
38  C C   . CYS A 5  ? 0.1452 0.1063 0.1716 0.0128  -0.0025 0.0000  5  CYS A C   
39  O O   . CYS A 5  ? 0.1758 0.1256 0.1551 0.0006  -0.0029 -0.0102 5  CYS A O   
40  C CB  . CYS A 5  ? 0.1937 0.1301 0.1502 0.0090  0.0187  -0.0007 5  CYS A CB  
41  S SG  . CYS A 5  ? 0.2119 0.1148 0.1930 -0.0069 0.0165  0.0124  5  CYS A SG  
42  N N   . LYS A 6  ? 0.1368 0.1270 0.1790 0.0028  0.0099  -0.0100 6  LYS A N   
43  C CA  . LYS A 6  ? 0.1444 0.1249 0.1761 0.0001  0.0073  -0.0164 6  LYS A CA  
44  C C   . LYS A 6  ? 0.1489 0.1280 0.1796 0.0042  0.0304  -0.0118 6  LYS A C   
45  O O   . LYS A 6  ? 0.1644 0.1607 0.2211 -0.0147 0.0419  0.0076  6  LYS A O   
46  C CB  . LYS A 6  ? 0.1427 0.1319 0.2209 -0.0002 0.0014  0.0064  6  LYS A CB  
47  C CG  . LYS A 6  ? 0.2113 0.2032 0.2332 0.0309  -0.0278 0.0281  6  LYS A CG  
48  C CD  . LYS A 6  ? 0.2502 0.3352 0.3375 0.0946  -0.0134 0.1051  6  LYS A CD  
49  C CE  . LYS A 6  ? 0.4976 0.2839 0.4066 0.1858  0.0854  0.1042  6  LYS A CE  
50  N NZ  . LYS A 6  ? 0.2561 0.2587 0.5151 0.0146  -0.0073 0.1076  6  LYS A NZ  
51  N N   . LEU A 7  ? 0.1506 0.1256 0.1743 0.0160  0.0240  0.0004  7  LEU A N   
52  C CA  . LEU A 7  ? 0.1625 0.1273 0.1656 0.0110  0.0418  0.0028  7  LEU A CA  
53  C C   . LEU A 7  ? 0.1309 0.1279 0.1706 -0.0029 0.0439  0.0012  7  LEU A C   
54  O O   . LEU A 7  ? 0.1371 0.1186 0.1675 -0.0132 0.0281  -0.0137 7  LEU A O   
55  C CB  . LEU A 7  ? 0.1671 0.1190 0.1715 0.0078  0.0296  -0.0123 7  LEU A CB  
56  C CG  . LEU A 7  ? 0.2296 0.1667 0.1825 0.0032  0.0323  -0.0495 7  LEU A CG  
57  C CD1 . LEU A 7  ? 0.2574 0.1506 0.1546 -0.0185 -0.0145 -0.0262 7  LEU A CD1 
58  C CD2 . LEU A 7  ? 0.3078 0.1618 0.1753 -0.0218 0.0565  -0.0471 7  LEU A CD2 
59  N N   . PRO A 8  ? 0.1381 0.1340 0.1679 -0.0086 0.0242  0.0039  8  PRO A N   
60  C CA  . PRO A 8  ? 0.1289 0.1286 0.1980 -0.0071 0.0211  0.0236  8  PRO A CA  
61  C C   . PRO A 8  ? 0.1250 0.1137 0.1703 -0.0244 0.0084  -0.0018 8  PRO A C   
62  O O   . PRO A 8  ? 0.1382 0.1645 0.1927 -0.0186 -0.0186 -0.0101 8  PRO A O   
63  C CB  . PRO A 8  ? 0.1730 0.1737 0.1981 -0.0293 0.0392  0.0354  8  PRO A CB  
64  C CG  . PRO A 8  ? 0.2623 0.2000 0.1769 -0.0417 -0.0041 0.0388  8  PRO A CG  
65  C CD  . PRO A 8  ? 0.1919 0.1832 0.1609 -0.0066 0.0426  0.0180  8  PRO A CD  
66  N N   . LYS A 9  ? 0.1165 0.1288 0.1553 -0.0069 -0.0093 0.0087  9  LYS A N   
67  C CA  . LYS A 9  ? 0.1274 0.1301 0.1363 -0.0045 0.0017  0.0130  9  LYS A CA  
68  C C   . LYS A 9  ? 0.1342 0.1625 0.1340 -0.0233 0.0046  0.0369  9  LYS A C   
69  O O   . LYS A 9  ? 0.1285 0.1810 0.1673 -0.0195 0.0180  0.0454  9  LYS A O   
70  C CB  . LYS A 9  ? 0.1607 0.1436 0.1466 0.0092  -0.0112 0.0011  9  LYS A CB  
71  C CG  . LYS A 9  ? 0.1769 0.1900 0.1731 0.0445  0.0272  0.0085  9  LYS A CG  
72  C CD  . LYS A 9  ? 0.2496 0.1615 0.3723 0.0308  0.1478  -0.0154 9  LYS A CD  
73  C CE  . LYS A 9  ? 0.3077 0.2691 0.3811 -0.0676 0.1050  0.0130  9  LYS A CE  
74  N NZ  . LYS A 9  ? 0.3796 0.1948 0.7941 -0.0563 -0.0660 0.1021  9  LYS A NZ  
75  N N   . ASP A 10 ? 0.1339 0.1402 0.1188 -0.0170 0.0127  0.0254  10 ASP A N   
76  C CA  . ASP A 10 ? 0.1446 0.1566 0.1181 -0.0013 0.0111  0.0106  10 ASP A CA  
77  C C   . ASP A 10 ? 0.1444 0.1277 0.0953 -0.0095 0.0266  0.0152  10 ASP A C   
78  O O   . ASP A 10 ? 0.1451 0.1192 0.1245 -0.0151 0.0224  0.0028  10 ASP A O   
79  C CB  . ASP A 10 ? 0.1934 0.1803 0.1436 0.0380  -0.0092 -0.0170 10 ASP A CB  
80  C CG  . ASP A 10 ? 0.3009 0.2290 0.1227 0.0681  0.0162  -0.0167 10 ASP A CG  
81  O OD1 . ASP A 10 ? 0.2441 0.2425 0.1289 0.0599  0.0283  0.0077  10 ASP A OD1 
82  O OD2 . ASP A 10 ? 0.5933 0.2694 0.1490 0.1729  -0.0410 -0.0554 10 ASP A OD2 
83  N N   . GLU A 11 ? 0.1283 0.1362 0.1027 -0.0228 0.0157  -0.0029 11 GLU A N   
84  C CA  . GLU A 11 ? 0.1466 0.1104 0.0988 -0.0137 0.0001  0.0024  11 GLU A CA  
85  C C   . GLU A 11 ? 0.1388 0.1198 0.0983 -0.0127 0.0059  -0.0067 11 GLU A C   
86  O O   . GLU A 11 ? 0.1484 0.1337 0.1054 0.0012  0.0045  0.0027  11 GLU A O   
87  C CB  . GLU A 11 ? 0.1675 0.1347 0.1327 -0.0397 0.0098  -0.0101 11 GLU A CB  
88  C CG  . GLU A 11 ? 0.1521 0.1590 0.1509 -0.0605 0.0248  -0.0252 11 GLU A CG  
89  C CD  . GLU A 11 ? 0.1806 0.1855 0.2132 -0.0921 0.0521  -0.0633 11 GLU A CD  
90  O OE1 . GLU A 11 ? 0.3028 0.1844 0.2757 -0.1186 0.0297  -0.0019 11 GLU A OE1 
91  O OE2 . GLU A 11 ? 0.3915 0.3632 0.2630 -0.2382 0.0987  -0.1559 11 GLU A OE2 
92  N N   . GLY A 12 ? 0.1565 0.1619 0.0967 0.0087  0.0047  -0.0199 12 GLY A N   
93  C CA  . GLY A 12 ? 0.1978 0.1461 0.1201 0.0269  -0.0124 -0.0359 12 GLY A CA  
94  C C   . GLY A 12 ? 0.1776 0.1574 0.0912 -0.0028 -0.0065 -0.0094 12 GLY A C   
95  O O   . GLY A 12 ? 0.2120 0.1714 0.1039 -0.0277 -0.0198 0.0015  12 GLY A O   
96  N N   . THR A 13 ? 0.1797 0.1741 0.0869 -0.0039 -0.0164 0.0012  13 THR A N   
97  C CA  . THR A 13 ? 0.1933 0.1930 0.1203 -0.0038 -0.0215 0.0215  13 THR A CA  
98  C C   . THR A 13 ? 0.2046 0.0806 0.0284 0.0047  -0.0398 -0.0255 13 THR A C   
99  O O   . THR A 13 ? 0.1870 0.1269 0.0988 -0.0039 -0.0284 -0.0079 13 THR A O   
100 C CB  . THR A 13 ? 0.2367 0.4693 0.1046 -0.0546 -0.0150 0.0923  13 THR A CB  
101 O OG1 A THR A 13 ? 0.1924 0.6308 0.0424 -0.1072 -0.0257 -0.0946 13 THR A OG1 
102 O OG1 B THR A 13 ? 0.2329 0.5280 0.1179 -0.1300 0.0409  0.0054  13 THR A OG1 
103 O OG1 C THR A 13 ? 0.3276 0.4654 0.0958 -0.0657 -0.1076 0.0742  13 THR A OG1 
104 C CG2 A THR A 13 ? 0.2748 0.4988 0.1337 -0.1379 0.0314  0.1110  13 THR A CG2 
105 C CG2 B THR A 13 ? 0.2926 0.4562 0.1443 -0.2067 -0.1292 0.1108  13 THR A CG2 
106 C CG2 C THR A 13 ? 0.4341 0.4747 0.1033 -0.0909 0.0944  -0.0780 13 THR A CG2 
107 N N   . CYS A 14 ? 0.2095 0.1321 0.1026 0.0168  -0.0145 0.0123  14 CYS A N   
108 C CA  . CYS A 14 ? 0.2063 0.1181 0.1146 0.0106  -0.0381 0.0005  14 CYS A CA  
109 C C   . CYS A 14 ? 0.1745 0.1066 0.1187 -0.0077 -0.0206 0.0141  14 CYS A C   
110 O O   . CYS A 14 ? 0.1969 0.1461 0.1201 -0.0159 -0.0269 0.0010  14 CYS A O   
111 C CB  . CYS A 14 ? 0.2190 0.1351 0.0952 0.0004  -0.0421 -0.0028 14 CYS A CB  
112 S SG  . CYS A 14 ? 0.2484 0.1496 0.1038 0.0201  -0.0494 -0.0136 14 CYS A SG  
113 N N   . ARG A 15 ? 0.1896 0.1258 0.1352 0.0151  -0.0365 -0.0040 15 ARG A N   
114 C CA  . ARG A 15 ? 0.1854 0.1116 0.1508 -0.0024 -0.0197 -0.0053 15 ARG A CA  
115 C C   . ARG A 15 ? 0.1641 0.1010 0.1812 0.0063  -0.0226 -0.0102 15 ARG A C   
116 O O   . ARG A 15 ? 0.2055 0.1303 0.2849 0.0302  0.0340  0.0039  15 ARG A O   
117 C CB  . ARG A 15 ? 0.2428 0.1166 0.1854 0.0183  0.0136  -0.0007 15 ARG A CB  
118 C CG  . ARG A 15 ? 0.2821 0.1392 0.1830 -0.0447 -0.0248 0.0263  15 ARG A CG  
119 C CD  . ARG A 15 ? 0.3125 0.1848 0.1591 -0.0665 -0.0339 0.0414  15 ARG A CD  
120 N NE  . ARG A 15 ? 0.3031 0.1762 0.1858 -0.0810 -0.0409 0.0267  15 ARG A NE  
121 C CZ  . ARG A 15 ? 0.3049 0.1748 0.2019 -0.0737 -0.0134 0.0287  15 ARG A CZ  
122 N NH1 . ARG A 15 ? 0.3150 0.2114 0.2008 -0.0269 -0.0556 0.0386  15 ARG A NH1 
123 N NH2 . ARG A 15 ? 0.3173 0.2301 0.2072 -0.0937 -0.0107 0.0349  15 ARG A NH2 
124 N N   . ASP A 16 ? 0.1507 0.1165 0.1650 -0.0036 -0.0361 0.0078  16 ASP A N   
125 C CA  . ASP A 16 ? 0.1492 0.1188 0.1802 -0.0103 -0.0525 0.0127  16 ASP A CA  
126 C C   . ASP A 16 ? 0.1159 0.1190 0.1690 -0.0081 -0.0343 0.0134  16 ASP A C   
127 O O   . ASP A 16 ? 0.1603 0.1159 0.2073 0.0071  -0.0717 0.0006  16 ASP A O   
128 C CB  . ASP A 16 ? 0.2017 0.1707 0.1883 -0.0646 -0.0515 -0.0054 16 ASP A CB  
129 C CG  . ASP A 16 ? 0.2595 0.2607 0.1701 -0.0829 -0.0796 0.0381  16 ASP A CG  
130 O OD1 . ASP A 16 ? 0.2706 0.3968 0.2021 -0.1443 -0.0486 -0.0346 16 ASP A OD1 
131 O OD2 . ASP A 16 ? 0.3105 0.3538 0.2365 0.0582  -0.0313 0.0584  16 ASP A OD2 
132 N N   . PHE A 17 ? 0.1365 0.1044 0.1531 0.0035  -0.0370 0.0083  17 PHE A N   
133 C CA  . PHE A 17 ? 0.1285 0.1118 0.1266 -0.0029 -0.0115 0.0118  17 PHE A CA  
134 C C   . PHE A 17 ? 0.1283 0.1233 0.1456 0.0180  0.0135  0.0262  17 PHE A C   
135 O O   . PHE A 17 ? 0.1377 0.1668 0.2356 0.0490  0.0455  0.0701  17 PHE A O   
136 C CB  . PHE A 17 ? 0.1506 0.1262 0.1231 -0.0118 -0.0041 -0.0129 17 PHE A CB  
137 C CG  . PHE A 17 ? 0.1864 0.1034 0.1375 -0.0444 0.0149  -0.0533 17 PHE A CG  
138 C CD1 . PHE A 17 ? 0.1738 0.1471 0.2215 -0.0558 0.0482  -0.1000 17 PHE A CD1 
139 C CD2 . PHE A 17 ? 0.2894 0.0937 0.1387 -0.0537 0.0174  -0.0354 17 PHE A CD2 
140 C CE1 . PHE A 17 ? 0.2463 0.1625 0.2502 -0.0998 0.0876  -0.1177 17 PHE A CE1 
141 C CE2 . PHE A 17 ? 0.3770 0.1059 0.1685 -0.0758 0.0738  -0.0491 17 PHE A CE2 
142 C CZ  . PHE A 17 ? 0.3543 0.1122 0.2820 -0.1095 0.1222  -0.0949 17 PHE A CZ  
143 N N   . ILE A 18 ? 0.1052 0.1137 0.1241 0.0067  -0.0073 0.0151  18 ILE A N   
144 C CA  . ILE A 18 ? 0.1046 0.1056 0.1470 -0.0016 0.0038  0.0215  18 ILE A CA  
145 C C   . ILE A 18 ? 0.1047 0.0987 0.1181 0.0023  0.0107  0.0105  18 ILE A C   
146 O O   . ILE A 18 ? 0.1050 0.1255 0.0989 0.0030  0.0089  0.0040  18 ILE A O   
147 C CB  . ILE A 18 ? 0.1184 0.1227 0.1857 -0.0167 -0.0033 0.0084  18 ILE A CB  
148 C CG1 A ILE A 18 ? 0.0961 0.1159 0.2004 -0.0158 0.0044  0.0246  18 ILE A CG1 
149 C CG1 B ILE A 18 ? 0.0750 0.1660 0.2996 -0.0538 0.0150  0.0617  18 ILE A CG1 
150 C CG2 A ILE A 18 ? 0.0658 0.1220 0.1861 -0.0432 0.0334  0.0214  18 ILE A CG2 
151 C CG2 B ILE A 18 ? 0.1340 0.1759 0.2786 -0.0278 0.0085  -0.0820 18 ILE A CG2 
152 C CD1 A ILE A 18 ? 0.1860 0.1293 0.1828 -0.0606 -0.0537 0.0576  18 ILE A CD1 
153 C CD1 B ILE A 18 ? 0.1547 0.0955 0.2906 -0.0048 0.0290  -0.0029 18 ILE A CD1 
154 N N   . LEU A 19 ? 0.1172 0.1035 0.1213 0.0120  0.0217  0.0112  19 LEU A N   
155 C CA  . LEU A 19 ? 0.1462 0.1115 0.1160 0.0075  0.0164  0.0084  19 LEU A CA  
156 C C   . LEU A 19 ? 0.1150 0.1229 0.1226 0.0009  0.0022  0.0331  19 LEU A C   
157 O O   . LEU A 19 ? 0.1409 0.1678 0.1987 0.0125  0.0415  0.0919  19 LEU A O   
158 C CB  . LEU A 19 ? 0.2039 0.1829 0.1248 -0.0049 0.0499  -0.0376 19 LEU A CB  
159 C CG  . LEU A 19 ? 0.2391 0.1696 0.1254 0.0031  0.0194  0.0026  19 LEU A CG  
160 C CD1 . LEU A 19 ? 0.2446 0.1710 0.1294 -0.0377 0.0025  -0.0306 19 LEU A CD1 
161 C CD2 . LEU A 19 ? 0.2733 0.3877 0.2450 -0.0370 0.0573  -0.1907 19 LEU A CD2 
162 N N   . LYS A 20 ? 0.1194 0.0954 0.0845 -0.0042 -0.0076 0.0029  20 LYS A N   
163 C CA  . LYS A 20 ? 0.1079 0.0918 0.0884 -0.0112 -0.0161 0.0014  20 LYS A CA  
164 C C   . LYS A 20 ? 0.1061 0.0898 0.0781 -0.0149 -0.0091 0.0058  20 LYS A C   
165 O O   . LYS A 20 ? 0.1226 0.0859 0.1058 -0.0193 -0.0132 0.0090  20 LYS A O   
166 C CB  . LYS A 20 ? 0.1054 0.1069 0.0847 -0.0066 -0.0157 -0.0019 20 LYS A CB  
167 C CG  . LYS A 20 ? 0.1226 0.1123 0.0927 -0.0141 -0.0236 0.0038  20 LYS A CG  
168 C CD  . LYS A 20 ? 0.1251 0.1339 0.1035 -0.0248 -0.0134 0.0005  20 LYS A CD  
169 C CE  . LYS A 20 ? 0.1263 0.1534 0.1322 -0.0210 -0.0338 -0.0102 20 LYS A CE  
170 N NZ  . LYS A 20 ? 0.1684 0.1572 0.1693 -0.0418 -0.0261 -0.0204 20 LYS A NZ  
171 N N   . TRP A 21 ? 0.1103 0.0830 0.0966 -0.0155 -0.0143 0.0033  21 TRP A N   
172 C CA  . TRP A 21 ? 0.1190 0.0817 0.0833 -0.0119 -0.0163 0.0013  21 TRP A CA  
173 C C   . TRP A 21 ? 0.1143 0.0783 0.0849 -0.0163 -0.0189 0.0064  21 TRP A C   
174 O O   . TRP A 21 ? 0.1086 0.0861 0.0976 -0.0255 -0.0065 -0.0137 21 TRP A O   
175 C CB  . TRP A 21 ? 0.1324 0.0763 0.0889 -0.0081 -0.0096 0.0046  21 TRP A CB  
176 C CG  . TRP A 21 ? 0.1332 0.0896 0.0851 -0.0067 -0.0056 0.0069  21 TRP A CG  
177 C CD1 . TRP A 21 ? 0.1304 0.1063 0.1092 -0.0031 -0.0062 0.0038  21 TRP A CD1 
178 C CD2 . TRP A 21 ? 0.1401 0.0820 0.0816 0.0016  -0.0098 0.0094  21 TRP A CD2 
179 N NE1 . TRP A 21 ? 0.1390 0.1136 0.1081 0.0088  -0.0032 0.0048  21 TRP A NE1 
180 C CE2 . TRP A 21 ? 0.1527 0.0872 0.1020 0.0089  -0.0061 0.0055  21 TRP A CE2 
181 C CE3 . TRP A 21 ? 0.1497 0.0851 0.1015 -0.0134 -0.0248 0.0120  21 TRP A CE3 
182 C CZ2 . TRP A 21 ? 0.1775 0.0852 0.1094 0.0047  0.0032  -0.0016 21 TRP A CZ2 
183 C CZ3 . TRP A 21 ? 0.1812 0.0822 0.1108 -0.0097 -0.0190 -0.0006 21 TRP A CZ3 
184 C CH2 . TRP A 21 ? 0.2022 0.0843 0.1152 0.0031  -0.0213 0.0007  21 TRP A CH2 
185 N N   . TYR A 22 ? 0.1086 0.0759 0.1112 -0.0122 -0.0186 -0.0007 22 TYR A N   
186 C CA  . TYR A 22 ? 0.1048 0.0877 0.1005 -0.0146 -0.0199 -0.0055 22 TYR A CA  
187 C C   . TYR A 22 ? 0.1099 0.0743 0.1000 -0.0211 -0.0157 0.0053  22 TYR A C   
188 O O   . TYR A 22 ? 0.1306 0.0888 0.1053 -0.0146 -0.0243 -0.0009 22 TYR A O   
189 C CB  . TYR A 22 ? 0.1208 0.0880 0.1079 -0.0139 -0.0074 0.0020  22 TYR A CB  
190 C CG  . TYR A 22 ? 0.1280 0.1037 0.1045 -0.0265 -0.0119 0.0157  22 TYR A CG  
191 C CD1 . TYR A 22 ? 0.1551 0.0958 0.1238 -0.0275 -0.0248 0.0113  22 TYR A CD1 
192 C CD2 . TYR A 22 ? 0.1275 0.1258 0.1760 -0.0263 -0.0153 0.0434  22 TYR A CD2 
193 C CE1 . TYR A 22 ? 0.1999 0.1068 0.1467 -0.0477 -0.0268 0.0158  22 TYR A CE1 
194 C CE2 . TYR A 22 ? 0.1401 0.1652 0.1847 -0.0480 -0.0371 0.0480  22 TYR A CE2 
195 C CZ  . TYR A 22 ? 0.1784 0.1491 0.1733 -0.0786 -0.0377 0.0406  22 TYR A CZ  
196 O OH  . TYR A 22 ? 0.2548 0.2082 0.2426 -0.1312 -0.0676 0.0278  22 TYR A OH  
197 N N   . TYR A 23 ? 0.0932 0.0901 0.1056 -0.0178 -0.0152 0.0011  23 TYR A N   
198 C CA  . TYR A 23 ? 0.1038 0.0896 0.1130 -0.0153 -0.0178 0.0091  23 TYR A CA  
199 C C   . TYR A 23 ? 0.1017 0.0984 0.1136 -0.0089 -0.0172 0.0018  23 TYR A C   
200 O O   . TYR A 23 ? 0.1056 0.1183 0.1136 -0.0126 0.0005  -0.0070 23 TYR A O   
201 C CB  . TYR A 23 ? 0.1036 0.0967 0.1368 -0.0012 -0.0151 0.0043  23 TYR A CB  
202 C CG  . TYR A 23 ? 0.1200 0.1039 0.1450 -0.0142 -0.0305 0.0175  23 TYR A CG  
203 C CD1 . TYR A 23 ? 0.1320 0.1085 0.1410 -0.0227 -0.0357 0.0117  23 TYR A CD1 
204 C CD2 . TYR A 23 ? 0.1278 0.1083 0.1665 -0.0017 -0.0223 0.0276  23 TYR A CD2 
205 C CE1 . TYR A 23 ? 0.1565 0.1210 0.1420 -0.0094 -0.0234 0.0211  23 TYR A CE1 
206 C CE2 . TYR A 23 ? 0.1272 0.1146 0.1805 0.0061  -0.0184 0.0279  23 TYR A CE2 
207 C CZ  . TYR A 23 ? 0.1491 0.1182 0.1805 0.0084  -0.0350 0.0336  23 TYR A CZ  
208 O OH  . TYR A 23 ? 0.1940 0.1835 0.2156 0.0124  -0.0705 0.0579  23 TYR A OH  
209 N N   . ASP A 24 ? 0.1058 0.1282 0.1165 -0.0323 -0.0019 -0.0074 24 ASP A N   
210 C CA  . ASP A 24 ? 0.1084 0.1430 0.1187 -0.0384 -0.0033 -0.0088 24 ASP A CA  
211 C C   . ASP A 24 ? 0.1191 0.1312 0.1255 -0.0301 -0.0007 -0.0190 24 ASP A C   
212 O O   . ASP A 24 ? 0.1160 0.1182 0.1313 -0.0098 0.0020  -0.0014 24 ASP A O   
213 C CB  . ASP A 24 ? 0.1246 0.1342 0.1390 -0.0430 -0.0177 -0.0018 24 ASP A CB  
214 C CG  . ASP A 24 ? 0.1273 0.1504 0.2000 -0.0500 -0.0412 0.0295  24 ASP A CG  
215 O OD1 . ASP A 24 ? 0.1127 0.1686 0.2931 -0.0395 -0.0094 0.0801  24 ASP A OD1 
216 O OD2 . ASP A 24 ? 0.1690 0.1511 0.2776 -0.0676 -0.0431 0.0195  24 ASP A OD2 
217 N N   . PRO A 25 ? 0.1143 0.1677 0.1541 -0.0212 0.0085  -0.0269 25 PRO A N   
218 C CA  . PRO A 25 ? 0.1328 0.1610 0.1931 -0.0050 -0.0032 -0.0562 25 PRO A CA  
219 C C   . PRO A 25 ? 0.1036 0.1397 0.2146 -0.0059 -0.0045 0.0069  25 PRO A C   
220 O O   . PRO A 25 ? 0.1346 0.1649 0.3221 -0.0034 -0.0616 0.0409  25 PRO A O   
221 C CB  . PRO A 25 ? 0.2147 0.1564 0.2416 -0.0158 0.1011  -0.0430 25 PRO A CB  
222 C CG  . PRO A 25 ? 0.2352 0.3430 0.1968 0.1017  0.0351  -0.0349 25 PRO A CG  
223 C CD  . PRO A 25 ? 0.1279 0.3436 0.1442 -0.0009 0.0073  -0.0741 25 PRO A CD  
224 N N   . ASN A 26 ? 0.0990 0.1478 0.1635 -0.0169 -0.0018 0.0112  26 ASN A N   
225 C CA  . ASN A 26 ? 0.0967 0.1584 0.1684 -0.0097 -0.0171 0.0036  26 ASN A CA  
226 C C   . ASN A 26 ? 0.1084 0.1979 0.1801 -0.0347 -0.0224 0.0036  26 ASN A C   
227 O O   . ASN A 26 ? 0.1274 0.2774 0.1903 -0.0547 -0.0443 0.0021  26 ASN A O   
228 C CB  . ASN A 26 ? 0.1077 0.1618 0.2054 -0.0271 0.0102  -0.0016 26 ASN A CB  
229 C CG  . ASN A 26 ? 0.0981 0.1755 0.1928 -0.0009 0.0149  0.0258  26 ASN A CG  
230 O OD1 . ASN A 26 ? 0.1659 0.2463 0.2190 0.0691  0.0629  0.0328  26 ASN A OD1 
231 N ND2 . ASN A 26 ? 0.1385 0.2795 0.2428 0.0256  0.0294  0.1068  26 ASN A ND2 
232 N N   . THR A 27 ? 0.1205 0.2207 0.1455 -0.0181 -0.0102 -0.0170 27 THR A N   
233 C CA  . THR A 27 ? 0.1226 0.2337 0.1455 -0.0259 -0.0244 0.0063  27 THR A CA  
234 C C   . THR A 27 ? 0.1292 0.2240 0.1434 -0.0148 -0.0320 0.0056  27 THR A C   
235 O O   . THR A 27 ? 0.2056 0.2128 0.1377 -0.0120 -0.0529 0.0194  27 THR A O   
236 C CB  . THR A 27 ? 0.1386 0.2007 0.1578 -0.0401 -0.0001 -0.0360 27 THR A CB  
237 O OG1 . THR A 27 ? 0.1297 0.1754 0.1749 -0.0205 -0.0272 -0.0123 27 THR A OG1 
238 C CG2 . THR A 27 ? 0.1668 0.2110 0.2407 -0.0572 -0.0009 -0.0133 27 THR A CG2 
239 N N   . LYS A 28 ? 0.0917 0.2243 0.1881 -0.0074 -0.0238 -0.0160 28 LYS A N   
240 C CA  . LYS A 28 ? 0.1026 0.2017 0.2221 0.0109  -0.0101 0.0165  28 LYS A CA  
241 C C   . LYS A 28 ? 0.1054 0.1985 0.1447 0.0040  -0.0329 0.0194  28 LYS A C   
242 O O   . LYS A 28 ? 0.1353 0.2183 0.1573 0.0141  -0.0179 0.0370  28 LYS A O   
243 C CB  . LYS A 28 ? 0.1432 0.2575 0.2133 0.0501  -0.0288 0.0002  28 LYS A CB  
244 C CG  . LYS A 28 ? 0.1368 0.3050 0.2398 0.0656  -0.0302 -0.0256 28 LYS A CG  
245 C CD  . LYS A 28 ? 0.1982 0.3714 0.2403 0.1066  -0.0077 0.0233  28 LYS A CD  
246 C CE  . LYS A 28 ? 0.1781 0.4254 0.2626 0.1199  -0.0243 -0.0599 28 LYS A CE  
247 N NZ  . LYS A 28 ? 0.2129 0.4154 0.1569 0.0974  0.0387  0.0117  28 LYS A NZ  
248 N N   . SER A 29 ? 0.0920 0.1681 0.1382 -0.0064 -0.0190 0.0107  29 SER A N   
249 C CA  . SER A 29 ? 0.1021 0.1584 0.1113 -0.0061 -0.0215 0.0166  29 SER A CA  
250 C C   . SER A 29 ? 0.1044 0.0992 0.1102 -0.0086 -0.0133 0.0136  29 SER A C   
251 O O   . SER A 29 ? 0.1100 0.1540 0.1028 -0.0266 -0.0129 0.0139  29 SER A O   
252 C CB  . SER A 29 ? 0.1405 0.2121 0.1240 -0.0132 -0.0168 -0.0136 29 SER A CB  
253 O OG  . SER A 29 ? 0.1892 0.1842 0.1521 -0.0127 -0.0183 -0.0290 29 SER A OG  
254 N N   . CYS A 30 ? 0.1042 0.1183 0.0916 -0.0136 -0.0252 0.0189  30 CYS A N   
255 C CA  . CYS A 30 ? 0.1077 0.0965 0.1035 -0.0165 -0.0280 0.0176  30 CYS A CA  
256 C C   . CYS A 30 ? 0.1140 0.0990 0.1036 -0.0144 -0.0332 0.0039  30 CYS A C   
257 O O   . CYS A 30 ? 0.2012 0.1302 0.1035 0.0316  -0.0341 -0.0034 30 CYS A O   
258 C CB  . CYS A 30 ? 0.0997 0.1046 0.1473 -0.0099 -0.0338 -0.0009 30 CYS A CB  
259 S SG  . CYS A 30 ? 0.1184 0.0988 0.1370 -0.0126 -0.0333 0.0151  30 CYS A SG  
260 N N   . ALA A 31 ? 0.1354 0.0849 0.1117 -0.0208 -0.0398 0.0034  31 ALA A N   
261 C CA  . ALA A 31 ? 0.1620 0.0811 0.1111 -0.0186 -0.0503 0.0068  31 ALA A CA  
262 C C   . ALA A 31 ? 0.1401 0.0835 0.0987 -0.0216 -0.0258 0.0039  31 ALA A C   
263 O O   . ALA A 31 ? 0.1339 0.0882 0.1088 -0.0150 -0.0414 -0.0122 31 ALA A O   
264 C CB  . ALA A 31 ? 0.1682 0.1088 0.1900 -0.0431 -0.0712 0.0281  31 ALA A CB  
265 N N   . ARG A 32 ? 0.1728 0.0891 0.0978 -0.0072 -0.0333 -0.0041 32 ARG A N   
266 C CA  . ARG A 32 ? 0.1632 0.0852 0.0920 0.0055  -0.0316 -0.0129 32 ARG A CA  
267 C C   . ARG A 32 ? 0.1483 0.0718 0.1144 -0.0144 -0.0325 0.0054  32 ARG A C   
268 O O   . ARG A 32 ? 0.1689 0.1134 0.1483 -0.0421 -0.0536 0.0194  32 ARG A O   
269 C CB  . ARG A 32 ? 0.2334 0.1159 0.1282 0.0442  -0.0083 -0.0121 32 ARG A CB  
270 C CG  . ARG A 32 ? 0.2715 0.1923 0.1635 0.0864  0.0306  0.0436  32 ARG A CG  
271 C CD  . ARG A 32 ? 0.3306 0.2254 0.2712 0.1030  0.1169  0.0484  32 ARG A CD  
272 N NE  . ARG A 32 ? 0.6497 0.2334 0.2717 0.0759  0.2125  -0.0112 32 ARG A NE  
273 C CZ  . ARG A 32 ? 0.6363 0.2066 0.2770 0.0824  0.2097  -0.0195 32 ARG A CZ  
274 N NH1 . ARG A 32 ? 0.6811 0.2808 0.6391 0.0500  -0.0372 0.2364  32 ARG A NH1 
275 N NH2 . ARG A 32 ? 0.8944 0.4092 0.3076 0.1787  0.3374  0.0701  32 ARG A NH2 
276 N N   . PHE A 33 ? 0.1393 0.0738 0.0949 -0.0078 -0.0221 0.0042  33 PHE A N   
277 C CA  . PHE A 33 ? 0.1160 0.0816 0.1019 -0.0126 -0.0103 0.0049  33 PHE A CA  
278 C C   . PHE A 33 ? 0.1110 0.0655 0.0879 -0.0063 -0.0044 -0.0049 33 PHE A C   
279 O O   . PHE A 33 ? 0.1161 0.0900 0.1205 -0.0176 -0.0154 0.0254  33 PHE A O   
280 C CB  . PHE A 33 ? 0.1183 0.0862 0.1265 -0.0035 -0.0067 0.0050  33 PHE A CB  
281 C CG  . PHE A 33 ? 0.0950 0.0934 0.1091 0.0057  0.0020  0.0036  33 PHE A CG  
282 C CD1 . PHE A 33 ? 0.1071 0.0910 0.1152 0.0070  -0.0046 0.0065  33 PHE A CD1 
283 C CD2 . PHE A 33 ? 0.1152 0.0979 0.1103 0.0090  0.0045  0.0083  33 PHE A CD2 
284 C CE1 . PHE A 33 ? 0.1305 0.0907 0.1141 0.0112  0.0004  0.0012  33 PHE A CE1 
285 C CE2 . PHE A 33 ? 0.1280 0.1127 0.1068 0.0030  0.0092  -0.0015 33 PHE A CE2 
286 C CZ  . PHE A 33 ? 0.1380 0.0983 0.1092 0.0074  0.0204  -0.0062 33 PHE A CZ  
287 N N   . TRP A 34 ? 0.1111 0.0639 0.0928 -0.0062 -0.0098 -0.0054 34 TRP A N   
288 C CA  . TRP A 34 ? 0.1244 0.0646 0.0799 -0.0020 -0.0090 -0.0048 34 TRP A CA  
289 C C   . TRP A 34 ? 0.1251 0.0657 0.0825 -0.0068 0.0070  -0.0021 34 TRP A C   
290 O O   . TRP A 34 ? 0.1241 0.0911 0.0965 -0.0163 0.0152  -0.0050 34 TRP A O   
291 C CB  . TRP A 34 ? 0.1410 0.0640 0.0896 0.0051  0.0020  0.0059  34 TRP A CB  
292 C CG  . TRP A 34 ? 0.1410 0.0626 0.0944 0.0042  -0.0047 0.0051  34 TRP A CG  
293 C CD1 . TRP A 34 ? 0.1603 0.0802 0.1350 0.0017  -0.0143 -0.0201 34 TRP A CD1 
294 C CD2 . TRP A 34 ? 0.1445 0.0801 0.1002 0.0049  -0.0018 0.0086  34 TRP A CD2 
295 N NE1 . TRP A 34 ? 0.1847 0.0900 0.1380 0.0042  -0.0121 -0.0358 34 TRP A NE1 
296 C CE2 . TRP A 34 ? 0.1695 0.1012 0.1212 0.0368  -0.0071 -0.0184 34 TRP A CE2 
297 C CE3 . TRP A 34 ? 0.1411 0.1059 0.1159 -0.0005 -0.0073 0.0282  34 TRP A CE3 
298 C CZ2 . TRP A 34 ? 0.1969 0.1735 0.1489 0.0562  0.0243  -0.0093 34 TRP A CZ2 
299 C CZ3 . TRP A 34 ? 0.1507 0.1530 0.1725 0.0152  0.0111  0.0425  34 TRP A CZ3 
300 C CH2 . TRP A 34 ? 0.1756 0.1412 0.1840 0.0480  0.0478  0.0359  34 TRP A CH2 
301 N N   . TYR A 35 ? 0.1061 0.0880 0.0800 -0.0126 -0.0054 -0.0075 35 TYR A N   
302 C CA  . TYR A 35 ? 0.1082 0.0781 0.0840 -0.0065 -0.0029 -0.0079 35 TYR A CA  
303 C C   . TYR A 35 ? 0.1281 0.0810 0.0833 -0.0016 -0.0170 -0.0136 35 TYR A C   
304 O O   . TYR A 35 ? 0.1191 0.1115 0.0954 0.0069  -0.0109 -0.0060 35 TYR A O   
305 C CB  . TYR A 35 ? 0.1349 0.0808 0.0952 -0.0103 -0.0037 -0.0051 35 TYR A CB  
306 C CG  . TYR A 35 ? 0.1355 0.0765 0.1098 0.0056  -0.0120 -0.0104 35 TYR A CG  
307 C CD1 . TYR A 35 ? 0.1390 0.1149 0.1139 0.0132  -0.0011 -0.0266 35 TYR A CD1 
308 C CD2 . TYR A 35 ? 0.1353 0.0935 0.1240 -0.0076 -0.0301 -0.0083 35 TYR A CD2 
309 C CE1 . TYR A 35 ? 0.1714 0.1253 0.1312 0.0163  -0.0145 -0.0411 35 TYR A CE1 
310 C CE2 . TYR A 35 ? 0.1794 0.0775 0.1401 0.0056  -0.0381 -0.0111 35 TYR A CE2 
311 C CZ  . TYR A 35 ? 0.1800 0.0985 0.1260 0.0174  -0.0359 -0.0303 35 TYR A CZ  
312 O OH  . TYR A 35 ? 0.2611 0.1209 0.1371 0.0284  -0.0639 -0.0505 35 TYR A OH  
313 N N   . GLY A 36 ? 0.1432 0.0856 0.0807 -0.0107 -0.0108 -0.0029 36 GLY A N   
314 C CA  . GLY A 36 ? 0.1602 0.0931 0.0884 -0.0003 -0.0217 -0.0022 36 GLY A CA  
315 C C   . GLY A 36 ? 0.1601 0.0966 0.0973 0.0162  -0.0330 -0.0211 36 GLY A C   
316 O O   . GLY A 36 ? 0.1645 0.1183 0.1189 0.0219  -0.0391 -0.0111 36 GLY A O   
317 N N   . GLY A 37 ? 0.1604 0.0824 0.1086 0.0049  -0.0228 -0.0230 37 GLY A N   
318 C CA  . GLY A 37 ? 0.1532 0.1064 0.1110 -0.0073 -0.0227 -0.0177 37 GLY A CA  
319 C C   . GLY A 37 ? 0.2008 0.1032 0.1099 0.0044  -0.0324 -0.0258 37 GLY A C   
320 O O   . GLY A 37 ? 0.2218 0.1124 0.1469 -0.0019 -0.0370 -0.0341 37 GLY A O   
321 N N   . CYS A 38 ? 0.1951 0.1180 0.0948 0.0192  -0.0341 -0.0337 38 CYS A N   
322 C CA  . CYS A 38 ? 0.2279 0.1357 0.0902 0.0255  -0.0334 -0.0414 38 CYS A CA  
323 C C   . CYS A 38 ? 0.2276 0.1570 0.1044 0.0302  -0.0159 -0.0481 38 CYS A C   
324 O O   . CYS A 38 ? 0.2254 0.1480 0.1126 0.0243  -0.0323 -0.0394 38 CYS A O   
325 C CB  . CYS A 38 ? 0.2394 0.1566 0.1038 0.0331  -0.0130 -0.0339 38 CYS A CB  
326 S SG  . CYS A 38 ? 0.2545 0.1433 0.1199 0.0056  -0.0634 -0.0206 38 CYS A SG  
327 N N   . GLY A 39 ? 0.2606 0.1479 0.0971 0.0438  -0.0131 -0.0393 39 GLY A N   
328 C CA  . GLY A 39 ? 0.2679 0.2406 0.1136 0.0822  -0.0075 -0.0423 39 GLY A CA  
329 C C   . GLY A 39 ? 0.2785 0.2395 0.1175 0.0543  -0.0232 -0.0505 39 GLY A C   
330 O O   . GLY A 39 ? 0.3002 0.2891 0.2013 0.0031  -0.0641 -0.0285 39 GLY A O   
331 N N   . GLY A 40 ? 0.3259 0.1502 0.1304 0.0810  -0.0200 -0.0305 40 GLY A N   
332 C CA  . GLY A 40 ? 0.3322 0.1450 0.1343 0.0636  -0.0365 -0.0298 40 GLY A CA  
333 C C   . GLY A 40 ? 0.3838 0.1159 0.1129 0.0462  -0.0213 -0.0109 40 GLY A C   
334 O O   . GLY A 40 ? 0.3695 0.1628 0.1128 0.0363  -0.0039 -0.0334 40 GLY A O   
335 N N   . ASN A 41 ? 0.1947 0.1100 0.1231 0.0007  -0.0102 -0.0170 41 ASN A N   
336 C CA  . ASN A 41 ? 0.1720 0.1212 0.1124 -0.0011 -0.0003 -0.0084 41 ASN A CA  
337 C C   . ASN A 41 ? 0.1615 0.0975 0.1067 -0.0064 -0.0033 -0.0230 41 ASN A C   
338 O O   . ASN A 41 ? 0.1746 0.1201 0.1296 0.0104  0.0086  -0.0142 41 ASN A O   
339 C CB  . ASN A 41 ? 0.1687 0.1263 0.1329 -0.0017 0.0058  -0.0337 41 ASN A CB  
340 C CG  . ASN A 41 ? 0.1520 0.1167 0.1238 -0.0071 0.0244  -0.0189 41 ASN A CG  
341 O OD1 . ASN A 41 ? 0.1846 0.1204 0.1140 -0.0216 0.0123  -0.0179 41 ASN A OD1 
342 N ND2 . ASN A 41 ? 0.1496 0.1408 0.1351 -0.0104 0.0049  -0.0027 41 ASN A ND2 
343 N N   . GLU A 42 ? 0.1582 0.1086 0.1128 -0.0104 -0.0001 -0.0152 42 GLU A N   
344 C CA  . GLU A 42 ? 0.1647 0.0919 0.1118 -0.0222 -0.0094 -0.0251 42 GLU A CA  
345 C C   . GLU A 42 ? 0.1345 0.0826 0.1130 -0.0113 -0.0098 -0.0174 42 GLU A C   
346 O O   . GLU A 42 ? 0.1326 0.0869 0.1288 -0.0193 -0.0043 -0.0065 42 GLU A O   
347 C CB  . GLU A 42 ? 0.2427 0.0893 0.1411 -0.0230 -0.0119 -0.0326 42 GLU A CB  
348 C CG  . GLU A 42 ? 0.5146 0.2146 0.2015 -0.1137 -0.0969 -0.0861 42 GLU A CG  
349 C CD  . GLU A 42 ? 0.7643 0.3673 0.3141 -0.0926 0.0549  -0.2524 42 GLU A CD  
350 O OE1 . GLU A 42 ? 0.7025 0.3639 0.7205 0.0108  0.1123  -0.3524 42 GLU A OE1 
351 O OE2 . GLU A 42 ? 1.2474 0.4048 0.3597 -0.2288 -0.1037 -0.2387 42 GLU A OE2 
352 N N   . ASN A 43 ? 0.1220 0.0810 0.1119 -0.0055 0.0024  -0.0179 43 ASN A N   
353 C CA  . ASN A 43 ? 0.1078 0.0867 0.1081 -0.0036 -0.0060 -0.0103 43 ASN A CA  
354 C C   . ASN A 43 ? 0.1084 0.0829 0.0859 -0.0071 -0.0033 -0.0067 43 ASN A C   
355 O O   . ASN A 43 ? 0.1123 0.0802 0.0968 -0.0163 0.0015  -0.0085 43 ASN A O   
356 C CB  . ASN A 43 ? 0.1105 0.0907 0.1109 -0.0012 -0.0017 -0.0135 43 ASN A CB  
357 C CG  . ASN A 43 ? 0.1063 0.1036 0.1151 -0.0093 -0.0015 -0.0106 43 ASN A CG  
358 O OD1 . ASN A 43 ? 0.1065 0.1032 0.1091 -0.0087 -0.0086 -0.0046 43 ASN A OD1 
359 N ND2 . ASN A 43 ? 0.1089 0.1104 0.1422 -0.0115 -0.0064 -0.0105 43 ASN A ND2 
360 N N   . LYS A 44 ? 0.0980 0.0823 0.0908 -0.0069 -0.0015 -0.0062 44 LYS A N   
361 C CA  . LYS A 44 ? 0.1043 0.0760 0.0910 -0.0081 -0.0079 0.0021  44 LYS A CA  
362 C C   . LYS A 44 ? 0.1077 0.0790 0.1009 -0.0132 0.0007  -0.0105 44 LYS A C   
363 O O   . LYS A 44 ? 0.1352 0.0972 0.1197 -0.0353 0.0069  -0.0248 44 LYS A O   
364 C CB  . LYS A 44 ? 0.1186 0.1221 0.0823 0.0041  -0.0087 -0.0019 44 LYS A CB  
365 C CG  . LYS A 44 ? 0.1286 0.1085 0.1182 0.0138  -0.0197 0.0000  44 LYS A CG  
366 C CD  . LYS A 44 ? 0.2156 0.2526 0.1100 0.0896  -0.0317 0.0157  44 LYS A CD  
367 C CE  . LYS A 44 ? 0.2606 0.3440 0.1376 0.0084  0.0179  -0.0320 44 LYS A CE  
368 N NZ  . LYS A 44 ? 0.2555 0.2591 0.3505 0.0270  -0.0302 -0.0121 44 LYS A NZ  
369 N N   . PHE A 45 ? 0.1094 0.0742 0.0883 -0.0231 -0.0031 -0.0009 45 PHE A N   
370 C CA  . PHE A 45 ? 0.0988 0.0882 0.0815 -0.0178 -0.0105 0.0025  45 PHE A CA  
371 C C   . PHE A 45 ? 0.1067 0.0924 0.0841 -0.0136 -0.0138 -0.0066 45 PHE A C   
372 O O   . PHE A 45 ? 0.1016 0.0916 0.1046 -0.0081 -0.0043 -0.0012 45 PHE A O   
373 C CB  . PHE A 45 ? 0.1110 0.1063 0.0793 -0.0092 -0.0197 -0.0002 45 PHE A CB  
374 C CG  . PHE A 45 ? 0.1147 0.0930 0.0902 -0.0171 -0.0150 -0.0003 45 PHE A CG  
375 C CD1 . PHE A 45 ? 0.1088 0.0929 0.1129 -0.0070 -0.0150 0.0049  45 PHE A CD1 
376 C CD2 . PHE A 45 ? 0.1443 0.0963 0.1096 -0.0120 -0.0153 0.0105  45 PHE A CD2 
377 C CE1 . PHE A 45 ? 0.1177 0.1009 0.1312 0.0031  -0.0188 0.0074  45 PHE A CE1 
378 C CE2 . PHE A 45 ? 0.1455 0.0862 0.1424 -0.0120 -0.0177 0.0095  45 PHE A CE2 
379 C CZ  . PHE A 45 ? 0.1416 0.1036 0.1223 -0.0040 -0.0134 -0.0003 45 PHE A CZ  
380 N N   . GLY A 46 ? 0.1044 0.1091 0.0927 -0.0116 -0.0112 -0.0025 46 GLY A N   
381 C CA  . GLY A 46 ? 0.1042 0.1212 0.1067 -0.0033 -0.0150 -0.0051 46 GLY A CA  
382 C C   . GLY A 46 ? 0.0979 0.1227 0.0961 -0.0042 -0.0048 0.0024  46 GLY A C   
383 O O   . GLY A 46 ? 0.1318 0.1511 0.1094 0.0312  -0.0046 0.0015  46 GLY A O   
384 N N   . SER A 47 ? 0.1142 0.1159 0.0959 0.0049  -0.0074 -0.0064 47 SER A N   
385 C CA  . SER A 47 ? 0.1283 0.1027 0.0880 -0.0082 -0.0199 0.0003  47 SER A CA  
386 C C   . SER A 47 ? 0.1239 0.0885 0.0924 0.0003  -0.0069 0.0089  47 SER A C   
387 O O   . SER A 47 ? 0.1277 0.1021 0.0882 0.0025  -0.0196 -0.0006 47 SER A O   
388 C CB  . SER A 47 ? 0.1259 0.1344 0.1190 0.0007  0.0070  0.0068  47 SER A CB  
389 O OG  . SER A 47 ? 0.1516 0.1143 0.1318 -0.0151 0.0084  0.0074  47 SER A OG  
390 N N   . GLN A 48 ? 0.1249 0.1048 0.0831 0.0061  -0.0179 0.0016  48 GLN A N   
391 C CA  . GLN A 48 ? 0.1355 0.0842 0.0921 -0.0004 -0.0262 -0.0022 48 GLN A CA  
392 C C   . GLN A 48 ? 0.1248 0.0890 0.0822 -0.0020 -0.0292 -0.0028 48 GLN A C   
393 O O   . GLN A 48 ? 0.1347 0.0806 0.1098 0.0008  -0.0263 -0.0106 48 GLN A O   
394 C CB  . GLN A 48 ? 0.1568 0.0851 0.0985 0.0034  -0.0255 -0.0093 48 GLN A CB  
395 C CG  . GLN A 48 ? 0.1717 0.1046 0.1165 -0.0137 -0.0492 0.0109  48 GLN A CG  
396 C CD  . GLN A 48 ? 0.2033 0.0967 0.1301 -0.0298 -0.0477 0.0185  48 GLN A CD  
397 O OE1 . GLN A 48 ? 0.2444 0.1176 0.1164 -0.0365 -0.0400 -0.0090 48 GLN A OE1 
398 N NE2 . GLN A 48 ? 0.2083 0.1997 0.1737 -0.0476 -0.0867 0.0241  48 GLN A NE2 
399 N N   . LYS A 49 ? 0.1444 0.0875 0.0954 -0.0067 -0.0177 -0.0079 49 LYS A N   
400 C CA  . LYS A 49 ? 0.1589 0.0858 0.0930 -0.0067 -0.0153 -0.0052 49 LYS A CA  
401 C C   . LYS A 49 ? 0.1539 0.0867 0.0952 -0.0132 -0.0207 -0.0132 49 LYS A C   
402 O O   . LYS A 49 ? 0.1514 0.0794 0.0960 -0.0100 -0.0225 -0.0012 49 LYS A O   
403 C CB  . LYS A 49 ? 0.2083 0.1176 0.1022 0.0063  0.0181  0.0044  49 LYS A CB  
404 C CG  . LYS A 49 ? 0.4127 0.1346 0.2082 -0.0354 0.1190  0.0272  49 LYS A CG  
405 C CD  . LYS A 49 ? 0.4787 0.2390 0.3259 -0.0109 0.2045  0.0928  49 LYS A CD  
406 C CE  . LYS A 49 ? 0.5095 0.3938 0.4894 0.1289  0.2353  0.0426  49 LYS A CE  
407 N NZ  . LYS A 49 ? 0.6266 0.5467 0.6046 0.1817  0.3597  0.1368  49 LYS A NZ  
408 N N   . GLU A 50 ? 0.1262 0.0773 0.0991 -0.0170 -0.0118 -0.0036 50 GLU A N   
409 C CA  . GLU A 50 ? 0.1254 0.0975 0.0851 -0.0269 -0.0086 -0.0080 50 GLU A CA  
410 C C   . GLU A 50 ? 0.1209 0.0871 0.0854 -0.0185 -0.0138 0.0002  50 GLU A C   
411 O O   . GLU A 50 ? 0.1396 0.0774 0.0998 -0.0123 -0.0166 -0.0041 50 GLU A O   
412 C CB  . GLU A 50 ? 0.1244 0.1040 0.0996 -0.0261 -0.0107 -0.0113 50 GLU A CB  
413 C CG  . GLU A 50 ? 0.1392 0.1017 0.0881 -0.0187 -0.0229 -0.0071 50 GLU A CG  
414 C CD  . GLU A 50 ? 0.1437 0.1048 0.1063 -0.0305 -0.0052 -0.0119 50 GLU A CD  
415 O OE1 . GLU A 50 ? 0.1798 0.1252 0.1103 -0.0428 0.0048  -0.0141 50 GLU A OE1 
416 O OE2 . GLU A 50 ? 0.2243 0.1254 0.1118 -0.0660 0.0109  -0.0357 50 GLU A OE2 
417 N N   . CYS A 51 ? 0.1142 0.0785 0.0942 -0.0210 -0.0153 0.0001  51 CYS A N   
418 C CA  . CYS A 51 ? 0.1046 0.0802 0.1004 -0.0176 -0.0242 0.0127  51 CYS A CA  
419 C C   . CYS A 51 ? 0.1264 0.0727 0.0949 -0.0082 -0.0223 0.0004  51 CYS A C   
420 O O   . CYS A 51 ? 0.1334 0.0757 0.1003 -0.0048 -0.0139 0.0016  51 CYS A O   
421 C CB  . CYS A 51 ? 0.1137 0.0804 0.1086 -0.0193 -0.0160 0.0106  51 CYS A CB  
422 S SG  . CYS A 51 ? 0.1163 0.0948 0.1174 -0.0191 -0.0130 0.0140  51 CYS A SG  
423 N N   . GLU A 52 ? 0.1287 0.0777 0.0910 0.0017  -0.0267 0.0017  52 GLU A N   
424 C CA  . GLU A 52 ? 0.1452 0.0833 0.0955 0.0031  -0.0293 -0.0004 52 GLU A CA  
425 C C   . GLU A 52 ? 0.1577 0.0915 0.0930 0.0009  -0.0322 -0.0019 52 GLU A C   
426 O O   . GLU A 52 ? 0.1736 0.0858 0.1391 0.0161  -0.0414 0.0027  52 GLU A O   
427 C CB  . GLU A 52 ? 0.1491 0.0895 0.0860 -0.0076 -0.0170 0.0028  52 GLU A CB  
428 C CG  . GLU A 52 ? 0.1654 0.1014 0.0989 -0.0198 -0.0296 -0.0009 52 GLU A CG  
429 C CD  . GLU A 52 ? 0.1891 0.1895 0.0828 -0.0883 -0.0392 0.0165  52 GLU A CD  
430 O OE1 . GLU A 52 ? 0.1566 0.1940 0.1939 0.0019  -0.0259 0.0359  52 GLU A OE1 
431 O OE2 . GLU A 52 ? 0.2850 0.3063 0.1418 -0.1704 -0.0711 0.0932  52 GLU A OE2 
432 N N   . LYS A 53 ? 0.1649 0.0829 0.0939 -0.0126 -0.0234 0.0005  53 LYS A N   
433 C CA  . LYS A 53 ? 0.2028 0.0810 0.1090 -0.0066 -0.0076 0.0095  53 LYS A CA  
434 C C   . LYS A 53 ? 0.1654 0.0733 0.1135 -0.0097 -0.0152 0.0098  53 LYS A C   
435 O O   . LYS A 53 ? 0.1966 0.0902 0.1323 0.0118  -0.0406 0.0068  53 LYS A O   
436 C CB  . LYS A 53 ? 0.2167 0.0877 0.1537 -0.0358 0.0450  -0.0034 53 LYS A CB  
437 C CG  . LYS A 53 ? 0.2640 0.1133 0.1468 -0.0382 0.0583  0.0017  53 LYS A CG  
438 C CD  . LYS A 53 ? 0.2292 0.2316 0.2099 -0.0391 0.0511  0.0111  53 LYS A CD  
439 C CE  . LYS A 53 ? 0.1993 0.2109 0.2233 0.0092  0.0245  -0.0269 53 LYS A CE  
440 N NZ  . LYS A 53 ? 0.2295 0.2597 0.2158 -0.0369 0.0352  0.0078  53 LYS A NZ  
441 N N   . VAL A 54 ? 0.1348 0.0763 0.1067 -0.0039 -0.0165 0.0033  54 VAL A N   
442 C CA  . VAL A 54 ? 0.1502 0.0730 0.1143 -0.0068 -0.0009 0.0092  54 VAL A CA  
443 C C   . VAL A 54 ? 0.1442 0.0852 0.1283 0.0060  0.0022  0.0186  54 VAL A C   
444 O O   . VAL A 54 ? 0.1663 0.0952 0.1996 0.0178  0.0175  0.0137  54 VAL A O   
445 C CB  . VAL A 54 ? 0.1620 0.0751 0.1082 -0.0089 -0.0133 -0.0060 54 VAL A CB  
446 C CG1 . VAL A 54 ? 0.1903 0.0963 0.1197 -0.0141 0.0101  -0.0115 54 VAL A CG1 
447 C CG2 . VAL A 54 ? 0.1654 0.0858 0.1305 -0.0114 -0.0183 -0.0041 54 VAL A CG2 
448 N N   . CYS A 55 ? 0.1354 0.0954 0.1426 -0.0027 -0.0212 0.0176  55 CYS A N   
449 C CA  . CYS A 55 ? 0.1358 0.1036 0.1586 0.0012  0.0003  0.0253  55 CYS A CA  
450 C C   . CYS A 55 ? 0.1362 0.1143 0.2044 0.0057  -0.0230 0.0350  55 CYS A C   
451 O O   . CYS A 55 ? 0.1290 0.2031 0.2535 0.0128  -0.0279 0.0766  55 CYS A O   
452 C CB  . CYS A 55 ? 0.1651 0.0904 0.1740 -0.0045 -0.0089 0.0196  55 CYS A CB  
453 S SG  . CYS A 55 ? 0.1418 0.1152 0.1776 -0.0117 -0.0123 0.0325  55 CYS A SG  
454 N N   . ALA A 56 ? 0.1687 0.1107 0.1905 0.0000  -0.0501 0.0073  56 ALA A N   
455 C CA  . ALA A 56 ? 0.1912 0.1583 0.2275 0.0060  -0.0788 0.0105  56 ALA A CA  
456 C C   . ALA A 56 ? 0.1776 0.1870 0.2175 -0.0007 -0.0390 0.0654  56 ALA A C   
457 O O   . ALA A 56 ? 0.2199 0.1734 0.2986 0.0013  -0.0258 0.0957  56 ALA A O   
458 C CB  . ALA A 56 ? 0.2103 0.3120 0.3285 0.0394  -0.1229 -0.1642 56 ALA A CB  
459 N N   . PRO A 57 ? 0.1571 0.2808 0.2842 -0.0110 -0.0386 0.1147  57 PRO A N   
460 C CA  . PRO A 57 ? 0.1853 0.3414 0.3623 0.0246  -0.0518 0.1488  57 PRO A CA  
461 C C   . PRO A 57 ? 0.2666 0.2430 0.2754 -0.0108 -0.0801 0.0730  57 PRO A C   
462 O O   . PRO A 57 ? 0.5562 0.2611 0.2856 0.1059  0.0033  0.0980  57 PRO A O   
463 C CB  . PRO A 57 ? 0.1990 0.4425 0.3634 -0.0040 -0.0849 0.1837  57 PRO A CB  
464 C CG  . PRO A 57 ? 0.1913 0.4280 0.3795 -0.0514 -0.1130 0.1644  57 PRO A CG  
465 C CD  . PRO A 57 ? 0.1647 0.3264 0.2759 -0.0633 -0.0735 0.1230  57 PRO A CD  
466 N N   . VAL A 58 ? 0.5661 0.2424 0.2531 -0.0386 -0.0464 0.0194  58 VAL A N   
467 C CA  . VAL A 58 ? 0.7748 0.4831 0.4889 0.0757  0.2888  0.1711  58 VAL A CA  
468 C C   . VAL A 58 ? 0.7187 0.5204 0.6309 0.1427  0.2785  0.2148  58 VAL A C   
469 O O   . VAL A 58 ? 0.4785 0.5281 0.7374 0.2602  -0.0763 0.2127  58 VAL A O   
470 O OXT . VAL A 58 ? 0.5969 0.7683 0.4782 0.3413  -0.1187 0.0649  58 VAL A OXT 
# 
